data_7SSM
# 
_entry.id   7SSM 
# 
_audit_conform.dict_name       mmcif_pdbx.dic 
_audit_conform.dict_version    5.380 
_audit_conform.dict_location   http://mmcif.pdb.org/dictionaries/ascii/mmcif_pdbx.dic 
# 
loop_
_database_2.database_id 
_database_2.database_code 
_database_2.pdbx_database_accession 
_database_2.pdbx_DOI 
PDB   7SSM         pdb_00007ssm 10.2210/pdb7ssm/pdb 
WWPDB D_1000260967 ?            ?                   
# 
_pdbx_database_status.status_code                     REL 
_pdbx_database_status.status_code_sf                  REL 
_pdbx_database_status.status_code_mr                  ? 
_pdbx_database_status.entry_id                        7SSM 
_pdbx_database_status.recvd_initial_deposition_date   2021-11-11 
_pdbx_database_status.SG_entry                        N 
_pdbx_database_status.deposit_site                    RCSB 
_pdbx_database_status.process_site                    RCSB 
_pdbx_database_status.status_code_cs                  ? 
_pdbx_database_status.status_code_nmr_data            ? 
_pdbx_database_status.methods_development_category    ? 
_pdbx_database_status.pdb_format_compatible           Y 
# 
loop_
_audit_author.name 
_audit_author.pdbx_ordinal 
_audit_author.identifier_ORCID 
'Sack, J.S.'    1 ?                   
'Critton, D.A.' 2 0000-0002-8896-4896 
# 
_citation.abstract                  ? 
_citation.abstract_id_CAS           ? 
_citation.book_id_ISBN              ? 
_citation.book_publisher            ? 
_citation.book_publisher_city       ? 
_citation.book_title                ? 
_citation.coordinate_linkage        ? 
_citation.country                   US 
_citation.database_id_Medline       ? 
_citation.details                   ? 
_citation.id                        primary 
_citation.journal_abbrev            J.Med.Chem. 
_citation.journal_id_ASTM           JMCMAR 
_citation.journal_id_CSD            0151 
_citation.journal_id_ISSN           0022-2623 
_citation.journal_full              ? 
_citation.journal_issue             ? 
_citation.journal_volume            65 
_citation.language                  ? 
_citation.page_first                3518 
_citation.page_last                 3538 
_citation.title                     'Discovery of Non-Nucleotide Small-Molecule STING Agonists via Chemotype Hybridization.' 
_citation.year                      2022 
_citation.database_id_CSD           ? 
_citation.pdbx_database_id_DOI      10.1021/acs.jmedchem.1c01986 
_citation.pdbx_database_id_PubMed   35108011 
_citation.pdbx_database_id_patent   ? 
_citation.unpublished_flag          ? 
# 
loop_
_citation_author.citation_id 
_citation_author.name 
_citation_author.ordinal 
_citation_author.identifier_ORCID 
primary 'Cherney, E.C.'   1  ? 
primary 'Zhang, L.'       2  ? 
primary 'Lo, J.'          3  ? 
primary 'Huynh, T.'       4  ? 
primary 'Wei, D.'         5  ? 
primary 'Ahuja, V.'       6  ? 
primary 'Quesnelle, C.'   7  ? 
primary 'Schieven, G.L.'  8  ? 
primary 'Futran, A.'      9  ? 
primary 'Locke, G.A.'     10 ? 
primary 'Lin, Z.'         11 ? 
primary 'Monereau, L.'    12 ? 
primary 'Chaudhry, C.'    13 ? 
primary 'Blum, J.'        14 ? 
primary 'Li, S.'          15 ? 
primary 'Fereshteh, M.'   16 ? 
primary 'Li-Wang, B.'     17 ? 
primary 'Gangwar, S.'     18 ? 
primary 'Pan, C.'         19 ? 
primary 'Chong, C.'       20 ? 
primary 'Zhu, X.'         21 ? 
primary 'Posy, S.L.'      22 ? 
primary 'Sack, J.S.'      23 ? 
primary 'Zhang, P.'       24 ? 
primary 'Ruzanov, M.'     25 ? 
primary 'Harner, M.'      26 ? 
primary 'Akhtar, F.'      27 ? 
primary 'Schroeder, G.M.' 28 ? 
primary 'Vite, G.'        29 ? 
primary 'Fink, B.'        30 ? 
# 
_cell.angle_alpha                  90.000 
_cell.angle_alpha_esd              ? 
_cell.angle_beta                   90.000 
_cell.angle_beta_esd               ? 
_cell.angle_gamma                  90.000 
_cell.angle_gamma_esd              ? 
_cell.entry_id                     7SSM 
_cell.details                      ? 
_cell.formula_units_Z              ? 
_cell.length_a                     110.080 
_cell.length_a_esd                 ? 
_cell.length_b                     110.080 
_cell.length_b_esd                 ? 
_cell.length_c                     36.200 
_cell.length_c_esd                 ? 
_cell.volume                       ? 
_cell.volume_esd                   ? 
_cell.Z_PDB                        8 
_cell.reciprocal_angle_alpha       ? 
_cell.reciprocal_angle_beta        ? 
_cell.reciprocal_angle_gamma       ? 
_cell.reciprocal_angle_alpha_esd   ? 
_cell.reciprocal_angle_beta_esd    ? 
_cell.reciprocal_angle_gamma_esd   ? 
_cell.reciprocal_length_a          ? 
_cell.reciprocal_length_b          ? 
_cell.reciprocal_length_c          ? 
_cell.reciprocal_length_a_esd      ? 
_cell.reciprocal_length_b_esd      ? 
_cell.reciprocal_length_c_esd      ? 
_cell.pdbx_unique_axis             ? 
# 
_symmetry.entry_id                         7SSM 
_symmetry.cell_setting                     ? 
_symmetry.Int_Tables_number                92 
_symmetry.space_group_name_Hall            ? 
_symmetry.space_group_name_H-M             'P 41 21 2' 
_symmetry.pdbx_full_space_group_name_H-M   ? 
# 
loop_
_entity.id 
_entity.type 
_entity.src_method 
_entity.pdbx_description 
_entity.formula_weight 
_entity.pdbx_number_of_molecules 
_entity.pdbx_ec 
_entity.pdbx_mutation 
_entity.pdbx_fragment 
_entity.details 
1 polymer     man 'Stimulator of interferon genes protein'                                                      24053.945 1  ? ? ? 
? 
2 non-polymer syn '2-({[(8R)-pyrazolo[1,5-a]pyrimidine-3-carbonyl]amino}methyl)-1-benzofuran-7-carboxylic acid' 336.302   1  ? ? ? 
? 
3 water       nat water                                                                                         18.015    38 ? ? ? 
? 
# 
_entity_name_com.entity_id   1 
_entity_name_com.name        'Transmembrane protein 173' 
# 
_entity_poly.entity_id                      1 
_entity_poly.type                           'polypeptide(L)' 
_entity_poly.nstd_linkage                   no 
_entity_poly.nstd_monomer                   no 
_entity_poly.pdbx_seq_one_letter_code       
;MGSSHHHHHHSSGETVRFQGHMSVAHGLAWSYYIGYLRLILPELQARIRTYNQHYNNLLRGAVSQRLYILLPLDCGVPDN
LSMADPNIRFLDKLPQQTGDRAGIKDRVYSNSIYELLENGQRAGTCVLEYATPLQTLFAMSQYSQAGFSREDRLEQAKLF
CRTLEDILADAPESQNNCRLIAYQEPADDSSFSLSQEVLRHLRQEEKEEV
;
_entity_poly.pdbx_seq_one_letter_code_can   
;MGSSHHHHHHSSGETVRFQGHMSVAHGLAWSYYIGYLRLILPELQARIRTYNQHYNNLLRGAVSQRLYILLPLDCGVPDN
LSMADPNIRFLDKLPQQTGDRAGIKDRVYSNSIYELLENGQRAGTCVLEYATPLQTLFAMSQYSQAGFSREDRLEQAKLF
CRTLEDILADAPESQNNCRLIAYQEPADDSSFSLSQEVLRHLRQEEKEEV
;
_entity_poly.pdbx_strand_id                 A 
_entity_poly.pdbx_target_identifier         ? 
# 
loop_
_entity_poly_seq.entity_id 
_entity_poly_seq.num 
_entity_poly_seq.mon_id 
_entity_poly_seq.hetero 
1 1   MET n 
1 2   GLY n 
1 3   SER n 
1 4   SER n 
1 5   HIS n 
1 6   HIS n 
1 7   HIS n 
1 8   HIS n 
1 9   HIS n 
1 10  HIS n 
1 11  SER n 
1 12  SER n 
1 13  GLY n 
1 14  GLU n 
1 15  THR n 
1 16  VAL n 
1 17  ARG n 
1 18  PHE n 
1 19  GLN n 
1 20  GLY n 
1 21  HIS n 
1 22  MET n 
1 23  SER n 
1 24  VAL n 
1 25  ALA n 
1 26  HIS n 
1 27  GLY n 
1 28  LEU n 
1 29  ALA n 
1 30  TRP n 
1 31  SER n 
1 32  TYR n 
1 33  TYR n 
1 34  ILE n 
1 35  GLY n 
1 36  TYR n 
1 37  LEU n 
1 38  ARG n 
1 39  LEU n 
1 40  ILE n 
1 41  LEU n 
1 42  PRO n 
1 43  GLU n 
1 44  LEU n 
1 45  GLN n 
1 46  ALA n 
1 47  ARG n 
1 48  ILE n 
1 49  ARG n 
1 50  THR n 
1 51  TYR n 
1 52  ASN n 
1 53  GLN n 
1 54  HIS n 
1 55  TYR n 
1 56  ASN n 
1 57  ASN n 
1 58  LEU n 
1 59  LEU n 
1 60  ARG n 
1 61  GLY n 
1 62  ALA n 
1 63  VAL n 
1 64  SER n 
1 65  GLN n 
1 66  ARG n 
1 67  LEU n 
1 68  TYR n 
1 69  ILE n 
1 70  LEU n 
1 71  LEU n 
1 72  PRO n 
1 73  LEU n 
1 74  ASP n 
1 75  CYS n 
1 76  GLY n 
1 77  VAL n 
1 78  PRO n 
1 79  ASP n 
1 80  ASN n 
1 81  LEU n 
1 82  SER n 
1 83  MET n 
1 84  ALA n 
1 85  ASP n 
1 86  PRO n 
1 87  ASN n 
1 88  ILE n 
1 89  ARG n 
1 90  PHE n 
1 91  LEU n 
1 92  ASP n 
1 93  LYS n 
1 94  LEU n 
1 95  PRO n 
1 96  GLN n 
1 97  GLN n 
1 98  THR n 
1 99  GLY n 
1 100 ASP n 
1 101 ARG n 
1 102 ALA n 
1 103 GLY n 
1 104 ILE n 
1 105 LYS n 
1 106 ASP n 
1 107 ARG n 
1 108 VAL n 
1 109 TYR n 
1 110 SER n 
1 111 ASN n 
1 112 SER n 
1 113 ILE n 
1 114 TYR n 
1 115 GLU n 
1 116 LEU n 
1 117 LEU n 
1 118 GLU n 
1 119 ASN n 
1 120 GLY n 
1 121 GLN n 
1 122 ARG n 
1 123 ALA n 
1 124 GLY n 
1 125 THR n 
1 126 CYS n 
1 127 VAL n 
1 128 LEU n 
1 129 GLU n 
1 130 TYR n 
1 131 ALA n 
1 132 THR n 
1 133 PRO n 
1 134 LEU n 
1 135 GLN n 
1 136 THR n 
1 137 LEU n 
1 138 PHE n 
1 139 ALA n 
1 140 MET n 
1 141 SER n 
1 142 GLN n 
1 143 TYR n 
1 144 SER n 
1 145 GLN n 
1 146 ALA n 
1 147 GLY n 
1 148 PHE n 
1 149 SER n 
1 150 ARG n 
1 151 GLU n 
1 152 ASP n 
1 153 ARG n 
1 154 LEU n 
1 155 GLU n 
1 156 GLN n 
1 157 ALA n 
1 158 LYS n 
1 159 LEU n 
1 160 PHE n 
1 161 CYS n 
1 162 ARG n 
1 163 THR n 
1 164 LEU n 
1 165 GLU n 
1 166 ASP n 
1 167 ILE n 
1 168 LEU n 
1 169 ALA n 
1 170 ASP n 
1 171 ALA n 
1 172 PRO n 
1 173 GLU n 
1 174 SER n 
1 175 GLN n 
1 176 ASN n 
1 177 ASN n 
1 178 CYS n 
1 179 ARG n 
1 180 LEU n 
1 181 ILE n 
1 182 ALA n 
1 183 TYR n 
1 184 GLN n 
1 185 GLU n 
1 186 PRO n 
1 187 ALA n 
1 188 ASP n 
1 189 ASP n 
1 190 SER n 
1 191 SER n 
1 192 PHE n 
1 193 SER n 
1 194 LEU n 
1 195 SER n 
1 196 GLN n 
1 197 GLU n 
1 198 VAL n 
1 199 LEU n 
1 200 ARG n 
1 201 HIS n 
1 202 LEU n 
1 203 ARG n 
1 204 GLN n 
1 205 GLU n 
1 206 GLU n 
1 207 LYS n 
1 208 GLU n 
1 209 GLU n 
1 210 VAL n 
# 
_entity_src_gen.entity_id                          1 
_entity_src_gen.pdbx_src_id                        1 
_entity_src_gen.pdbx_alt_source_flag               sample 
_entity_src_gen.pdbx_seq_type                      'Biological sequence' 
_entity_src_gen.pdbx_beg_seq_num                   1 
_entity_src_gen.pdbx_end_seq_num                   210 
_entity_src_gen.gene_src_common_name               Human 
_entity_src_gen.gene_src_genus                     ? 
_entity_src_gen.pdbx_gene_src_gene                 'STING, LOC340061, hCG_1782396' 
_entity_src_gen.gene_src_species                   ? 
_entity_src_gen.gene_src_strain                    ? 
_entity_src_gen.gene_src_tissue                    ? 
_entity_src_gen.gene_src_tissue_fraction           ? 
_entity_src_gen.gene_src_details                   ? 
_entity_src_gen.pdbx_gene_src_fragment             ? 
_entity_src_gen.pdbx_gene_src_scientific_name      'Homo sapiens' 
_entity_src_gen.pdbx_gene_src_ncbi_taxonomy_id     9606 
_entity_src_gen.pdbx_gene_src_variant              ? 
_entity_src_gen.pdbx_gene_src_cell_line            ? 
_entity_src_gen.pdbx_gene_src_atcc                 ? 
_entity_src_gen.pdbx_gene_src_organ                ? 
_entity_src_gen.pdbx_gene_src_organelle            ? 
_entity_src_gen.pdbx_gene_src_cell                 ? 
_entity_src_gen.pdbx_gene_src_cellular_location    ? 
_entity_src_gen.host_org_common_name               ? 
_entity_src_gen.pdbx_host_org_scientific_name      'Escherichia coli' 
_entity_src_gen.pdbx_host_org_ncbi_taxonomy_id     562 
_entity_src_gen.host_org_genus                     ? 
_entity_src_gen.pdbx_host_org_gene                 ? 
_entity_src_gen.pdbx_host_org_organ                ? 
_entity_src_gen.host_org_species                   ? 
_entity_src_gen.pdbx_host_org_tissue               ? 
_entity_src_gen.pdbx_host_org_tissue_fraction      ? 
_entity_src_gen.pdbx_host_org_strain               ? 
_entity_src_gen.pdbx_host_org_variant              ? 
_entity_src_gen.pdbx_host_org_cell_line            ? 
_entity_src_gen.pdbx_host_org_atcc                 ? 
_entity_src_gen.pdbx_host_org_culture_collection   ? 
_entity_src_gen.pdbx_host_org_cell                 ? 
_entity_src_gen.pdbx_host_org_organelle            ? 
_entity_src_gen.pdbx_host_org_cellular_location    ? 
_entity_src_gen.pdbx_host_org_vector_type          PLASMID 
_entity_src_gen.pdbx_host_org_vector               ? 
_entity_src_gen.host_org_details                   ? 
_entity_src_gen.expression_system_id               ? 
_entity_src_gen.plasmid_name                       ? 
_entity_src_gen.plasmid_details                    ? 
_entity_src_gen.pdbx_description                   ? 
# 
_struct_ref.id                         1 
_struct_ref.db_name                    UNP 
_struct_ref.db_code                    A0A2R3XZB7_HUMAN 
_struct_ref.pdbx_db_accession          A0A2R3XZB7 
_struct_ref.pdbx_db_isoform            ? 
_struct_ref.entity_id                  1 
_struct_ref.pdbx_seq_one_letter_code   
;VAHGLAWSYYIGYLRLILPELQARIRTYNQHYNNLLRGAVSQRLYILLPLDCGVPDNLSMADPNIRFLDKLPQQTGDRAG
IKDRVYSNSIYELLENGQRAGTCVLEYATPLQTLFAMSQYSQAGFSREDRLEQAKLFCRTLEDILADAPESQNNCRLIAY
QEPADDSSFSLSQEVLRHLRQEEKEEV
;
_struct_ref.pdbx_align_begin           155 
# 
_struct_ref_seq.align_id                      1 
_struct_ref_seq.ref_id                        1 
_struct_ref_seq.pdbx_PDB_id_code              7SSM 
_struct_ref_seq.pdbx_strand_id                A 
_struct_ref_seq.seq_align_beg                 24 
_struct_ref_seq.pdbx_seq_align_beg_ins_code   ? 
_struct_ref_seq.seq_align_end                 210 
_struct_ref_seq.pdbx_seq_align_end_ins_code   ? 
_struct_ref_seq.pdbx_db_accession             A0A2R3XZB7 
_struct_ref_seq.db_align_beg                  155 
_struct_ref_seq.pdbx_db_align_beg_ins_code    ? 
_struct_ref_seq.db_align_end                  341 
_struct_ref_seq.pdbx_db_align_end_ins_code    ? 
_struct_ref_seq.pdbx_auth_seq_align_beg       155 
_struct_ref_seq.pdbx_auth_seq_align_end       341 
# 
loop_
_struct_ref_seq_dif.align_id 
_struct_ref_seq_dif.pdbx_pdb_id_code 
_struct_ref_seq_dif.mon_id 
_struct_ref_seq_dif.pdbx_pdb_strand_id 
_struct_ref_seq_dif.seq_num 
_struct_ref_seq_dif.pdbx_pdb_ins_code 
_struct_ref_seq_dif.pdbx_seq_db_name 
_struct_ref_seq_dif.pdbx_seq_db_accession_code 
_struct_ref_seq_dif.db_mon_id 
_struct_ref_seq_dif.pdbx_seq_db_seq_num 
_struct_ref_seq_dif.details 
_struct_ref_seq_dif.pdbx_auth_seq_num 
_struct_ref_seq_dif.pdbx_ordinal 
1 7SSM MET A 1  ? UNP A0A2R3XZB7 ? ? 'expression tag' 132 1  
1 7SSM GLY A 2  ? UNP A0A2R3XZB7 ? ? 'expression tag' 133 2  
1 7SSM SER A 3  ? UNP A0A2R3XZB7 ? ? 'expression tag' 134 3  
1 7SSM SER A 4  ? UNP A0A2R3XZB7 ? ? 'expression tag' 135 4  
1 7SSM HIS A 5  ? UNP A0A2R3XZB7 ? ? 'expression tag' 136 5  
1 7SSM HIS A 6  ? UNP A0A2R3XZB7 ? ? 'expression tag' 137 6  
1 7SSM HIS A 7  ? UNP A0A2R3XZB7 ? ? 'expression tag' 138 7  
1 7SSM HIS A 8  ? UNP A0A2R3XZB7 ? ? 'expression tag' 139 8  
1 7SSM HIS A 9  ? UNP A0A2R3XZB7 ? ? 'expression tag' 140 9  
1 7SSM HIS A 10 ? UNP A0A2R3XZB7 ? ? 'expression tag' 141 10 
1 7SSM SER A 11 ? UNP A0A2R3XZB7 ? ? 'expression tag' 142 11 
1 7SSM SER A 12 ? UNP A0A2R3XZB7 ? ? 'expression tag' 143 12 
1 7SSM GLY A 13 ? UNP A0A2R3XZB7 ? ? 'expression tag' 144 13 
1 7SSM GLU A 14 ? UNP A0A2R3XZB7 ? ? 'expression tag' 145 14 
1 7SSM THR A 15 ? UNP A0A2R3XZB7 ? ? 'expression tag' 146 15 
1 7SSM VAL A 16 ? UNP A0A2R3XZB7 ? ? 'expression tag' 147 16 
1 7SSM ARG A 17 ? UNP A0A2R3XZB7 ? ? 'expression tag' 148 17 
1 7SSM PHE A 18 ? UNP A0A2R3XZB7 ? ? 'expression tag' 149 18 
1 7SSM GLN A 19 ? UNP A0A2R3XZB7 ? ? 'expression tag' 150 19 
1 7SSM GLY A 20 ? UNP A0A2R3XZB7 ? ? 'expression tag' 151 20 
1 7SSM HIS A 21 ? UNP A0A2R3XZB7 ? ? 'expression tag' 152 21 
1 7SSM MET A 22 ? UNP A0A2R3XZB7 ? ? 'expression tag' 153 22 
1 7SSM SER A 23 ? UNP A0A2R3XZB7 ? ? 'expression tag' 154 23 
# 
loop_
_chem_comp.id 
_chem_comp.type 
_chem_comp.mon_nstd_flag 
_chem_comp.name 
_chem_comp.pdbx_synonyms 
_chem_comp.formula 
_chem_comp.formula_weight 
ALA 'L-peptide linking' y ALANINE                                                                                       ? 
'C3 H7 N O2'     89.093  
ARG 'L-peptide linking' y ARGININE                                                                                      ? 
'C6 H15 N4 O2 1' 175.209 
ASN 'L-peptide linking' y ASPARAGINE                                                                                    ? 
'C4 H8 N2 O3'    132.118 
ASP 'L-peptide linking' y 'ASPARTIC ACID'                                                                               ? 
'C4 H7 N O4'     133.103 
B7L non-polymer         . '2-({[(8R)-pyrazolo[1,5-a]pyrimidine-3-carbonyl]amino}methyl)-1-benzofuran-7-carboxylic acid' ? 
'C17 H12 N4 O4'  336.302 
CYS 'L-peptide linking' y CYSTEINE                                                                                      ? 
'C3 H7 N O2 S'   121.158 
GLN 'L-peptide linking' y GLUTAMINE                                                                                     ? 
'C5 H10 N2 O3'   146.144 
GLU 'L-peptide linking' y 'GLUTAMIC ACID'                                                                               ? 
'C5 H9 N O4'     147.129 
GLY 'peptide linking'   y GLYCINE                                                                                       ? 
'C2 H5 N O2'     75.067  
HIS 'L-peptide linking' y HISTIDINE                                                                                     ? 
'C6 H10 N3 O2 1' 156.162 
HOH non-polymer         . WATER                                                                                         ? 'H2 O' 
18.015  
ILE 'L-peptide linking' y ISOLEUCINE                                                                                    ? 
'C6 H13 N O2'    131.173 
LEU 'L-peptide linking' y LEUCINE                                                                                       ? 
'C6 H13 N O2'    131.173 
LYS 'L-peptide linking' y LYSINE                                                                                        ? 
'C6 H15 N2 O2 1' 147.195 
MET 'L-peptide linking' y METHIONINE                                                                                    ? 
'C5 H11 N O2 S'  149.211 
PHE 'L-peptide linking' y PHENYLALANINE                                                                                 ? 
'C9 H11 N O2'    165.189 
PRO 'L-peptide linking' y PROLINE                                                                                       ? 
'C5 H9 N O2'     115.130 
SER 'L-peptide linking' y SERINE                                                                                        ? 
'C3 H7 N O3'     105.093 
THR 'L-peptide linking' y THREONINE                                                                                     ? 
'C4 H9 N O3'     119.119 
TRP 'L-peptide linking' y TRYPTOPHAN                                                                                    ? 
'C11 H12 N2 O2'  204.225 
TYR 'L-peptide linking' y TYROSINE                                                                                      ? 
'C9 H11 N O3'    181.189 
VAL 'L-peptide linking' y VALINE                                                                                        ? 
'C5 H11 N O2'    117.146 
# 
_exptl.absorpt_coefficient_mu     ? 
_exptl.absorpt_correction_T_max   ? 
_exptl.absorpt_correction_T_min   ? 
_exptl.absorpt_correction_type    ? 
_exptl.absorpt_process_details    ? 
_exptl.entry_id                   7SSM 
_exptl.crystals_number            1 
_exptl.details                    ? 
_exptl.method                     'X-RAY DIFFRACTION' 
_exptl.method_details             ? 
# 
_exptl_crystal.colour                      ? 
_exptl_crystal.density_diffrn              ? 
_exptl_crystal.density_Matthews            2.28 
_exptl_crystal.density_method              ? 
_exptl_crystal.density_percent_sol         46.04 
_exptl_crystal.description                 ? 
_exptl_crystal.F_000                       ? 
_exptl_crystal.id                          1 
_exptl_crystal.preparation                 ? 
_exptl_crystal.size_max                    ? 
_exptl_crystal.size_mid                    ? 
_exptl_crystal.size_min                    ? 
_exptl_crystal.size_rad                    ? 
_exptl_crystal.colour_lustre               ? 
_exptl_crystal.colour_modifier             ? 
_exptl_crystal.colour_primary              ? 
_exptl_crystal.density_meas                ? 
_exptl_crystal.density_meas_esd            ? 
_exptl_crystal.density_meas_gt             ? 
_exptl_crystal.density_meas_lt             ? 
_exptl_crystal.density_meas_temp           ? 
_exptl_crystal.density_meas_temp_esd       ? 
_exptl_crystal.density_meas_temp_gt        ? 
_exptl_crystal.density_meas_temp_lt        ? 
_exptl_crystal.pdbx_crystal_image_url      ? 
_exptl_crystal.pdbx_crystal_image_format   ? 
_exptl_crystal.pdbx_mosaicity              ? 
_exptl_crystal.pdbx_mosaicity_esd          ? 
# 
_exptl_crystal_grow.apparatus       ? 
_exptl_crystal_grow.atmosphere      ? 
_exptl_crystal_grow.crystal_id      1 
_exptl_crystal_grow.details         ? 
_exptl_crystal_grow.method          'VAPOR DIFFUSION, HANGING DROP' 
_exptl_crystal_grow.method_ref      ? 
_exptl_crystal_grow.pH              ? 
_exptl_crystal_grow.pressure        ? 
_exptl_crystal_grow.pressure_esd    ? 
_exptl_crystal_grow.seeding         ? 
_exptl_crystal_grow.seeding_ref     ? 
_exptl_crystal_grow.temp            293 
_exptl_crystal_grow.temp_details    ? 
_exptl_crystal_grow.temp_esd        ? 
_exptl_crystal_grow.time            ? 
_exptl_crystal_grow.pdbx_details    '1.2 M Na/K tartrate, 0.1 M MES pH 6.5' 
_exptl_crystal_grow.pdbx_pH_range   ? 
# 
_diffrn.ambient_environment              ? 
_diffrn.ambient_temp                     100.000 
_diffrn.ambient_temp_details             ? 
_diffrn.ambient_temp_esd                 ? 
_diffrn.crystal_id                       1 
_diffrn.crystal_support                  ? 
_diffrn.crystal_treatment                ? 
_diffrn.details                          ? 
_diffrn.id                               1 
_diffrn.ambient_pressure                 ? 
_diffrn.ambient_pressure_esd             ? 
_diffrn.ambient_pressure_gt              ? 
_diffrn.ambient_pressure_lt              ? 
_diffrn.ambient_temp_gt                  ? 
_diffrn.ambient_temp_lt                  ? 
_diffrn.pdbx_serial_crystal_experiment   N 
# 
_diffrn_detector.details                      ? 
_diffrn_detector.detector                     PIXEL 
_diffrn_detector.diffrn_id                    1 
_diffrn_detector.type                         'DECTRIS PILATUS 6M' 
_diffrn_detector.area_resol_mean              ? 
_diffrn_detector.dtime                        ? 
_diffrn_detector.pdbx_frames_total            ? 
_diffrn_detector.pdbx_collection_time_total   ? 
_diffrn_detector.pdbx_collection_date         2018-06-01 
_diffrn_detector.pdbx_frequency               ? 
# 
_diffrn_radiation.collimation                      ? 
_diffrn_radiation.diffrn_id                        1 
_diffrn_radiation.filter_edge                      ? 
_diffrn_radiation.inhomogeneity                    ? 
_diffrn_radiation.monochromator                    ? 
_diffrn_radiation.polarisn_norm                    ? 
_diffrn_radiation.polarisn_ratio                   ? 
_diffrn_radiation.probe                            ? 
_diffrn_radiation.type                             ? 
_diffrn_radiation.xray_symbol                      ? 
_diffrn_radiation.wavelength_id                    1 
_diffrn_radiation.pdbx_monochromatic_or_laue_m_l   M 
_diffrn_radiation.pdbx_wavelength_list             ? 
_diffrn_radiation.pdbx_wavelength                  ? 
_diffrn_radiation.pdbx_diffrn_protocol             'SINGLE WAVELENGTH' 
_diffrn_radiation.pdbx_analyzer                    ? 
_diffrn_radiation.pdbx_scattering_type             x-ray 
# 
_diffrn_radiation_wavelength.id           1 
_diffrn_radiation_wavelength.wavelength   1.0 
_diffrn_radiation_wavelength.wt           1.0 
# 
_diffrn_source.current                     ? 
_diffrn_source.details                     ? 
_diffrn_source.diffrn_id                   1 
_diffrn_source.power                       ? 
_diffrn_source.size                        ? 
_diffrn_source.source                      SYNCHROTRON 
_diffrn_source.target                      ? 
_diffrn_source.type                        'APS BEAMLINE 17-ID' 
_diffrn_source.voltage                     ? 
_diffrn_source.take-off_angle              ? 
_diffrn_source.pdbx_wavelength_list        1.0 
_diffrn_source.pdbx_wavelength             ? 
_diffrn_source.pdbx_synchrotron_beamline   17-ID 
_diffrn_source.pdbx_synchrotron_site       APS 
# 
_reflns.B_iso_Wilson_estimate                          39.750 
_reflns.entry_id                                       7SSM 
_reflns.data_reduction_details                         ? 
_reflns.data_reduction_method                          ? 
_reflns.d_resolution_high                              1.960 
_reflns.d_resolution_low                               77.840 
_reflns.details                                        ? 
_reflns.limit_h_max                                    ? 
_reflns.limit_h_min                                    ? 
_reflns.limit_k_max                                    ? 
_reflns.limit_k_min                                    ? 
_reflns.limit_l_max                                    ? 
_reflns.limit_l_min                                    ? 
_reflns.number_all                                     ? 
_reflns.number_obs                                     13213 
_reflns.observed_criterion                             ? 
_reflns.observed_criterion_F_max                       ? 
_reflns.observed_criterion_F_min                       ? 
_reflns.observed_criterion_I_max                       ? 
_reflns.observed_criterion_I_min                       ? 
_reflns.observed_criterion_sigma_F                     ? 
_reflns.observed_criterion_sigma_I                     ? 
_reflns.percent_possible_obs                           80.400 
_reflns.R_free_details                                 ? 
_reflns.Rmerge_F_all                                   ? 
_reflns.Rmerge_F_obs                                   ? 
_reflns.Friedel_coverage                               ? 
_reflns.number_gt                                      ? 
_reflns.threshold_expression                           ? 
_reflns.pdbx_redundancy                                12.600 
_reflns.pdbx_Rmerge_I_obs                              0.120 
_reflns.pdbx_Rmerge_I_all                              ? 
_reflns.pdbx_Rsym_value                                ? 
_reflns.pdbx_netI_over_av_sigmaI                       ? 
_reflns.pdbx_netI_over_sigmaI                          15.500 
_reflns.pdbx_res_netI_over_av_sigmaI_2                 ? 
_reflns.pdbx_res_netI_over_sigmaI_2                    ? 
_reflns.pdbx_chi_squared                               ? 
_reflns.pdbx_scaling_rejects                           ? 
_reflns.pdbx_d_res_high_opt                            ? 
_reflns.pdbx_d_res_low_opt                             ? 
_reflns.pdbx_d_res_opt_method                          ? 
_reflns.phase_calculation_details                      ? 
_reflns.pdbx_Rrim_I_all                                0.109 
_reflns.pdbx_Rpim_I_all                                0.030 
_reflns.pdbx_d_opt                                     ? 
_reflns.pdbx_number_measured_all                       ? 
_reflns.pdbx_diffrn_id                                 1 
_reflns.pdbx_ordinal                                   1 
_reflns.pdbx_CC_half                                   0.999 
_reflns.pdbx_CC_star                                   ? 
_reflns.pdbx_R_split                                   ? 
_reflns.pdbx_aniso_diffraction_limit_axis_1_ortho[1]   ? 
_reflns.pdbx_aniso_diffraction_limit_axis_1_ortho[2]   ? 
_reflns.pdbx_aniso_diffraction_limit_axis_1_ortho[3]   ? 
_reflns.pdbx_aniso_diffraction_limit_axis_2_ortho[1]   ? 
_reflns.pdbx_aniso_diffraction_limit_axis_2_ortho[2]   ? 
_reflns.pdbx_aniso_diffraction_limit_axis_2_ortho[3]   ? 
_reflns.pdbx_aniso_diffraction_limit_axis_3_ortho[1]   ? 
_reflns.pdbx_aniso_diffraction_limit_axis_3_ortho[2]   ? 
_reflns.pdbx_aniso_diffraction_limit_axis_3_ortho[3]   ? 
_reflns.pdbx_aniso_diffraction_limit_1                 ? 
_reflns.pdbx_aniso_diffraction_limit_2                 ? 
_reflns.pdbx_aniso_diffraction_limit_3                 ? 
_reflns.pdbx_aniso_B_tensor_eigenvector_1_ortho[1]     ? 
_reflns.pdbx_aniso_B_tensor_eigenvector_1_ortho[2]     ? 
_reflns.pdbx_aniso_B_tensor_eigenvector_1_ortho[3]     ? 
_reflns.pdbx_aniso_B_tensor_eigenvector_2_ortho[1]     ? 
_reflns.pdbx_aniso_B_tensor_eigenvector_2_ortho[2]     ? 
_reflns.pdbx_aniso_B_tensor_eigenvector_2_ortho[3]     ? 
_reflns.pdbx_aniso_B_tensor_eigenvector_3_ortho[1]     ? 
_reflns.pdbx_aniso_B_tensor_eigenvector_3_ortho[2]     ? 
_reflns.pdbx_aniso_B_tensor_eigenvector_3_ortho[3]     ? 
_reflns.pdbx_aniso_B_tensor_eigenvalue_1               ? 
_reflns.pdbx_aniso_B_tensor_eigenvalue_2               ? 
_reflns.pdbx_aniso_B_tensor_eigenvalue_3               ? 
_reflns.pdbx_orthogonalization_convention              ? 
_reflns.pdbx_percent_possible_ellipsoidal              ? 
_reflns.pdbx_percent_possible_spherical                ? 
_reflns.pdbx_percent_possible_ellipsoidal_anomalous    ? 
_reflns.pdbx_percent_possible_spherical_anomalous      ? 
_reflns.pdbx_redundancy_anomalous                      ? 
_reflns.pdbx_CC_half_anomalous                         ? 
_reflns.pdbx_absDiff_over_sigma_anomalous              ? 
_reflns.pdbx_percent_possible_anomalous                ? 
_reflns.pdbx_observed_signal_threshold                 ? 
_reflns.pdbx_signal_type                               ? 
_reflns.pdbx_signal_details                            ? 
_reflns.pdbx_signal_software_id                        ? 
# 
_reflns_shell.d_res_high                                    1.960 
_reflns_shell.d_res_low                                     2.120 
_reflns_shell.meanI_over_sigI_all                           ? 
_reflns_shell.meanI_over_sigI_obs                           1.400 
_reflns_shell.number_measured_all                           1303 
_reflns_shell.number_measured_obs                           ? 
_reflns_shell.number_possible                               ? 
_reflns_shell.number_unique_all                             ? 
_reflns_shell.number_unique_obs                             109 
_reflns_shell.percent_possible_all                          19.900 
_reflns_shell.percent_possible_obs                          ? 
_reflns_shell.Rmerge_F_all                                  ? 
_reflns_shell.Rmerge_F_obs                                  ? 
_reflns_shell.Rmerge_I_all                                  ? 
_reflns_shell.Rmerge_I_obs                                  1.709 
_reflns_shell.meanI_over_sigI_gt                            ? 
_reflns_shell.meanI_over_uI_all                             ? 
_reflns_shell.meanI_over_uI_gt                              ? 
_reflns_shell.number_measured_gt                            ? 
_reflns_shell.number_unique_gt                              ? 
_reflns_shell.percent_possible_gt                           ? 
_reflns_shell.Rmerge_F_gt                                   ? 
_reflns_shell.Rmerge_I_gt                                   ? 
_reflns_shell.pdbx_redundancy                               11.400 
_reflns_shell.pdbx_Rsym_value                               ? 
_reflns_shell.pdbx_chi_squared                              ? 
_reflns_shell.pdbx_netI_over_sigmaI_all                     ? 
_reflns_shell.pdbx_netI_over_sigmaI_obs                     1.600 
_reflns_shell.pdbx_Rrim_I_all                               1.456 
_reflns_shell.pdbx_Rpim_I_all                               0.408 
_reflns_shell.pdbx_rejects                                  ? 
_reflns_shell.pdbx_ordinal                                  1 
_reflns_shell.pdbx_diffrn_id                                1 
_reflns_shell.pdbx_CC_half                                  0.717 
_reflns_shell.pdbx_CC_star                                  ? 
_reflns_shell.pdbx_R_split                                  ? 
_reflns_shell.pdbx_percent_possible_ellipsoidal             ? 
_reflns_shell.pdbx_percent_possible_spherical               ? 
_reflns_shell.pdbx_percent_possible_ellipsoidal_anomalous   ? 
_reflns_shell.pdbx_percent_possible_spherical_anomalous     ? 
_reflns_shell.pdbx_redundancy_anomalous                     ? 
_reflns_shell.pdbx_CC_half_anomalous                        ? 
_reflns_shell.pdbx_absDiff_over_sigma_anomalous             ? 
_reflns_shell.pdbx_percent_possible_anomalous               ? 
# 
_refine.aniso_B[1][1]                            -0.2708 
_refine.aniso_B[1][2]                            0.0000 
_refine.aniso_B[1][3]                            0.0000 
_refine.aniso_B[2][2]                            -0.2708 
_refine.aniso_B[2][3]                            0.0000 
_refine.aniso_B[3][3]                            0.5416 
_refine.B_iso_max                                112.500 
_refine.B_iso_mean                               43.7800 
_refine.B_iso_min                                23.750 
_refine.correlation_coeff_Fo_to_Fc               0.9480 
_refine.correlation_coeff_Fo_to_Fc_free          0.9230 
_refine.details                                  ? 
_refine.diff_density_max                         ? 
_refine.diff_density_max_esd                     ? 
_refine.diff_density_min                         ? 
_refine.diff_density_min_esd                     ? 
_refine.diff_density_rms                         ? 
_refine.diff_density_rms_esd                     ? 
_refine.entry_id                                 7SSM 
_refine.pdbx_refine_id                           'X-RAY DIFFRACTION' 
_refine.ls_abs_structure_details                 ? 
_refine.ls_abs_structure_Flack                   ? 
_refine.ls_abs_structure_Flack_esd               ? 
_refine.ls_abs_structure_Rogers                  ? 
_refine.ls_abs_structure_Rogers_esd              ? 
_refine.ls_d_res_high                            1.9600 
_refine.ls_d_res_low                             49.2300 
_refine.ls_extinction_coef                       ? 
_refine.ls_extinction_coef_esd                   ? 
_refine.ls_extinction_expression                 ? 
_refine.ls_extinction_method                     ? 
_refine.ls_goodness_of_fit_all                   ? 
_refine.ls_goodness_of_fit_all_esd               ? 
_refine.ls_goodness_of_fit_obs                   ? 
_refine.ls_goodness_of_fit_obs_esd               ? 
_refine.ls_hydrogen_treatment                    ? 
_refine.ls_matrix_type                           ? 
_refine.ls_number_constraints                    ? 
_refine.ls_number_parameters                     ? 
_refine.ls_number_reflns_all                     ? 
_refine.ls_number_reflns_obs                     13213 
_refine.ls_number_reflns_R_free                  673 
_refine.ls_number_reflns_R_work                  ? 
_refine.ls_number_restraints                     ? 
_refine.ls_percent_reflns_obs                    79.7000 
_refine.ls_percent_reflns_R_free                 5.0900 
_refine.ls_R_factor_all                          ? 
_refine.ls_R_factor_obs                          0.2090 
_refine.ls_R_factor_R_free                       0.2500 
_refine.ls_R_factor_R_free_error                 ? 
_refine.ls_R_factor_R_free_error_details         ? 
_refine.ls_R_factor_R_work                       0.2070 
_refine.ls_R_Fsqd_factor_obs                     ? 
_refine.ls_R_I_factor_obs                        ? 
_refine.ls_redundancy_reflns_all                 ? 
_refine.ls_redundancy_reflns_obs                 ? 
_refine.ls_restrained_S_all                      ? 
_refine.ls_restrained_S_obs                      ? 
_refine.ls_shift_over_esd_max                    ? 
_refine.ls_shift_over_esd_mean                   ? 
_refine.ls_structure_factor_coef                 ? 
_refine.ls_weighting_details                     ? 
_refine.ls_weighting_scheme                      ? 
_refine.ls_wR_factor_all                         ? 
_refine.ls_wR_factor_obs                         ? 
_refine.ls_wR_factor_R_free                      ? 
_refine.ls_wR_factor_R_work                      ? 
_refine.occupancy_max                            ? 
_refine.occupancy_min                            ? 
_refine.solvent_model_details                    ? 
_refine.solvent_model_param_bsol                 ? 
_refine.solvent_model_param_ksol                 ? 
_refine.pdbx_R_complete                          ? 
_refine.ls_R_factor_gt                           ? 
_refine.ls_goodness_of_fit_gt                    ? 
_refine.ls_goodness_of_fit_ref                   ? 
_refine.ls_shift_over_su_max                     ? 
_refine.ls_shift_over_su_max_lt                  ? 
_refine.ls_shift_over_su_mean                    ? 
_refine.ls_shift_over_su_mean_lt                 ? 
_refine.pdbx_ls_sigma_I                          ? 
_refine.pdbx_ls_sigma_F                          0.000 
_refine.pdbx_ls_sigma_Fsqd                       ? 
_refine.pdbx_data_cutoff_high_absF               ? 
_refine.pdbx_data_cutoff_high_rms_absF           ? 
_refine.pdbx_data_cutoff_low_absF                ? 
_refine.pdbx_isotropic_thermal_model             ? 
_refine.pdbx_ls_cross_valid_method               THROUGHOUT 
_refine.pdbx_method_to_determine_struct          'MOLECULAR REPLACEMENT' 
_refine.pdbx_starting_model                      4F5Y 
_refine.pdbx_stereochemistry_target_values       ? 
_refine.pdbx_R_Free_selection_details            RANDOM 
_refine.pdbx_stereochem_target_val_spec_case     ? 
_refine.pdbx_overall_ESU_R                       ? 
_refine.pdbx_overall_ESU_R_Free                  ? 
_refine.pdbx_solvent_vdw_probe_radii             ? 
_refine.pdbx_solvent_ion_probe_radii             ? 
_refine.pdbx_solvent_shrinkage_radii             ? 
_refine.pdbx_real_space_R                        ? 
_refine.pdbx_density_correlation                 ? 
_refine.pdbx_pd_number_of_powder_patterns        ? 
_refine.pdbx_pd_number_of_points                 ? 
_refine.pdbx_pd_meas_number_of_points            ? 
_refine.pdbx_pd_proc_ls_prof_R_factor            ? 
_refine.pdbx_pd_proc_ls_prof_wR_factor           ? 
_refine.pdbx_pd_Marquardt_correlation_coeff      ? 
_refine.pdbx_pd_Fsqrd_R_factor                   ? 
_refine.pdbx_pd_ls_matrix_band_width             ? 
_refine.pdbx_overall_phase_error                 ? 
_refine.pdbx_overall_SU_R_free_Cruickshank_DPI   0.1690 
_refine.pdbx_overall_SU_R_free_Blow_DPI          0.1700 
_refine.pdbx_overall_SU_R_Blow_DPI               0.1870 
_refine.pdbx_TLS_residual_ADP_flag               ? 
_refine.pdbx_diffrn_id                           1 
_refine.overall_SU_B                             ? 
_refine.overall_SU_ML                            ? 
_refine.overall_SU_R_Cruickshank_DPI             0.1830 
_refine.overall_SU_R_free                        ? 
_refine.overall_FOM_free_R_set                   ? 
_refine.overall_FOM_work_R_set                   ? 
_refine.pdbx_average_fsc_overall                 ? 
_refine.pdbx_average_fsc_work                    ? 
_refine.pdbx_average_fsc_free                    ? 
# 
_refine_analyze.entry_id                        7SSM 
_refine_analyze.pdbx_refine_id                  'X-RAY DIFFRACTION' 
_refine_analyze.Luzzati_coordinate_error_free   ? 
_refine_analyze.Luzzati_coordinate_error_obs    0.320 
_refine_analyze.Luzzati_d_res_low_free          ? 
_refine_analyze.Luzzati_d_res_low_obs           ? 
_refine_analyze.Luzzati_sigma_a_free            ? 
_refine_analyze.Luzzati_sigma_a_free_details    ? 
_refine_analyze.Luzzati_sigma_a_obs             ? 
_refine_analyze.Luzzati_sigma_a_obs_details     ? 
_refine_analyze.number_disordered_residues      ? 
_refine_analyze.occupancy_sum_hydrogen          ? 
_refine_analyze.occupancy_sum_non_hydrogen      ? 
_refine_analyze.RG_d_res_high                   ? 
_refine_analyze.RG_d_res_low                    ? 
_refine_analyze.RG_free                         ? 
_refine_analyze.RG_work                         ? 
_refine_analyze.RG_free_work_ratio              ? 
_refine_analyze.pdbx_Luzzati_d_res_high_obs     ? 
# 
_refine_hist.pdbx_refine_id                   'X-RAY DIFFRACTION' 
_refine_hist.cycle_id                         final 
_refine_hist.details                          ? 
_refine_hist.d_res_high                       1.9600 
_refine_hist.d_res_low                        49.2300 
_refine_hist.number_atoms_solvent             38 
_refine_hist.number_atoms_total               1356 
_refine_hist.number_reflns_all                ? 
_refine_hist.number_reflns_obs                ? 
_refine_hist.number_reflns_R_free             ? 
_refine_hist.number_reflns_R_work             ? 
_refine_hist.R_factor_all                     ? 
_refine_hist.R_factor_obs                     ? 
_refine_hist.R_factor_R_free                  ? 
_refine_hist.R_factor_R_work                  ? 
_refine_hist.pdbx_number_residues_total       169 
_refine_hist.pdbx_B_iso_mean_ligand           34.56 
_refine_hist.pdbx_B_iso_mean_solvent          47.24 
_refine_hist.pdbx_number_atoms_protein        1293 
_refine_hist.pdbx_number_atoms_nucleic_acid   0 
_refine_hist.pdbx_number_atoms_ligand         25 
_refine_hist.pdbx_number_atoms_lipid          ? 
_refine_hist.pdbx_number_atoms_carb           ? 
_refine_hist.pdbx_pseudo_atom_details         ? 
# 
loop_
_refine_ls_restr.pdbx_refine_id 
_refine_ls_restr.criterion 
_refine_ls_restr.dev_ideal 
_refine_ls_restr.dev_ideal_target 
_refine_ls_restr.number 
_refine_ls_restr.rejects 
_refine_ls_restr.type 
_refine_ls_restr.weight 
_refine_ls_restr.pdbx_restraint_function 
'X-RAY DIFFRACTION' ? ?      ? 446  ? t_dihedral_angle_d        2.000  SINUSOIDAL   
'X-RAY DIFFRACTION' ? ?      ? ?    ? t_trig_c_planes           ?      ?            
'X-RAY DIFFRACTION' ? ?      ? 267  ? t_gen_planes              5.000  HARMONIC     
'X-RAY DIFFRACTION' ? ?      ? 1361 ? t_it                      20.000 HARMONIC     
'X-RAY DIFFRACTION' ? ?      ? ?    ? t_nbd                     ?      ?            
'X-RAY DIFFRACTION' ? ?      ? ?    ? t_improper_torsion        ?      ?            
'X-RAY DIFFRACTION' ? ?      ? ?    ? t_pseud_angle             ?      ?            
'X-RAY DIFFRACTION' ? ?      ? 177  ? t_chiral_improper_torsion 5.000  SEMIHARMONIC 
'X-RAY DIFFRACTION' ? ?      ? ?    ? t_sum_occupancies         ?      ?            
'X-RAY DIFFRACTION' ? ?      ? ?    ? t_utility_distance        ?      ?            
'X-RAY DIFFRACTION' ? ?      ? ?    ? t_utility_angle           ?      ?            
'X-RAY DIFFRACTION' ? ?      ? ?    ? t_utility_torsion         ?      ?            
'X-RAY DIFFRACTION' ? ?      ? 1530 ? t_ideal_dist_contact      4.000  SEMIHARMONIC 
'X-RAY DIFFRACTION' ? 0.010  ? 1361 ? t_bond_d                  2.000  HARMONIC     
'X-RAY DIFFRACTION' ? 1.060  ? 1864 ? t_angle_deg               2.000  HARMONIC     
'X-RAY DIFFRACTION' ? 3.110  ? ?    ? t_omega_torsion           ?      ?            
'X-RAY DIFFRACTION' ? 17.810 ? ?    ? t_other_torsion           ?      ?            
# 
_refine_ls_shell.pdbx_refine_id                   'X-RAY DIFFRACTION' 
_refine_ls_shell.d_res_high                       1.9600 
_refine_ls_shell.d_res_low                        2.1000 
_refine_ls_shell.number_reflns_all                401 
_refine_ls_shell.number_reflns_obs                ? 
_refine_ls_shell.number_reflns_R_free             19 
_refine_ls_shell.number_reflns_R_work             382 
_refine_ls_shell.percent_reflns_obs               13.2000 
_refine_ls_shell.percent_reflns_R_free            4.7400 
_refine_ls_shell.R_factor_all                     0.2200 
_refine_ls_shell.R_factor_obs                     ? 
_refine_ls_shell.R_factor_R_free                  0.1833 
_refine_ls_shell.R_factor_R_free_error            0.0000 
_refine_ls_shell.R_factor_R_work                  0.2218 
_refine_ls_shell.redundancy_reflns_all            ? 
_refine_ls_shell.redundancy_reflns_obs            ? 
_refine_ls_shell.wR_factor_all                    ? 
_refine_ls_shell.wR_factor_obs                    ? 
_refine_ls_shell.wR_factor_R_free                 ? 
_refine_ls_shell.wR_factor_R_work                 ? 
_refine_ls_shell.pdbx_R_complete                  ? 
_refine_ls_shell.pdbx_total_number_of_bins_used   33 
_refine_ls_shell.pdbx_phase_error                 ? 
_refine_ls_shell.pdbx_fsc_work                    ? 
_refine_ls_shell.pdbx_fsc_free                    ? 
# 
_struct.entry_id                     7SSM 
_struct.title                        'Crystal structure of human STING R232 in complex with compound 11' 
_struct.pdbx_model_details           ? 
_struct.pdbx_formula_weight          ? 
_struct.pdbx_formula_weight_method   ? 
_struct.pdbx_model_type_details      ? 
_struct.pdbx_CASP_flag               N 
# 
_struct_keywords.entry_id        7SSM 
_struct_keywords.text            'RECEPTOR, IMMUNE SYSTEM' 
_struct_keywords.pdbx_keywords   'IMMUNE SYSTEM' 
# 
loop_
_struct_asym.id 
_struct_asym.pdbx_blank_PDB_chainid_flag 
_struct_asym.pdbx_modified 
_struct_asym.entity_id 
_struct_asym.details 
A N N 1 ? 
B N N 2 ? 
C N N 3 ? 
# 
loop_
_struct_conf.conf_type_id 
_struct_conf.id 
_struct_conf.pdbx_PDB_helix_id 
_struct_conf.beg_label_comp_id 
_struct_conf.beg_label_asym_id 
_struct_conf.beg_label_seq_id 
_struct_conf.pdbx_beg_PDB_ins_code 
_struct_conf.end_label_comp_id 
_struct_conf.end_label_asym_id 
_struct_conf.end_label_seq_id 
_struct_conf.pdbx_end_PDB_ins_code 
_struct_conf.beg_auth_comp_id 
_struct_conf.beg_auth_asym_id 
_struct_conf.beg_auth_seq_id 
_struct_conf.end_auth_comp_id 
_struct_conf.end_auth_asym_id 
_struct_conf.end_auth_seq_id 
_struct_conf.pdbx_PDB_helix_class 
_struct_conf.details 
_struct_conf.pdbx_PDB_helix_length 
HELX_P HELX_P1 AA1 SER A 23  ? TYR A 36  ? SER A 154 TYR A 167 1 ? 14 
HELX_P HELX_P2 AA2 TYR A 36  ? ASN A 52  ? TYR A 167 ASN A 183 1 ? 17 
HELX_P HELX_P3 AA3 ASN A 80  ? ALA A 84  ? ASN A 211 ALA A 215 5 ? 5  
HELX_P HELX_P4 AA4 THR A 132 ? TYR A 143 ? THR A 263 TYR A 274 1 ? 12 
HELX_P HELX_P5 AA5 SER A 144 ? GLY A 147 ? SER A 275 GLY A 278 5 ? 4  
HELX_P HELX_P6 AA6 SER A 149 ? GLU A 151 ? SER A 280 GLU A 282 5 ? 3  
HELX_P HELX_P7 AA7 ASP A 152 ? ALA A 171 ? ASP A 283 ALA A 302 1 ? 20 
HELX_P HELX_P8 AA8 SER A 193 ? ARG A 203 ? SER A 324 ARG A 334 1 ? 11 
# 
_struct_conf_type.id          HELX_P 
_struct_conf_type.criteria    ? 
_struct_conf_type.reference   ? 
# 
_struct_sheet.id               AA1 
_struct_sheet.type             ? 
_struct_sheet.number_strands   5 
_struct_sheet.details          ? 
# 
loop_
_struct_sheet_order.sheet_id 
_struct_sheet_order.range_id_1 
_struct_sheet_order.range_id_2 
_struct_sheet_order.offset 
_struct_sheet_order.sense 
AA1 1 2 ? anti-parallel 
AA1 2 3 ? anti-parallel 
AA1 3 4 ? parallel      
AA1 4 5 ? parallel      
# 
loop_
_struct_sheet_range.sheet_id 
_struct_sheet_range.id 
_struct_sheet_range.beg_label_comp_id 
_struct_sheet_range.beg_label_asym_id 
_struct_sheet_range.beg_label_seq_id 
_struct_sheet_range.pdbx_beg_PDB_ins_code 
_struct_sheet_range.end_label_comp_id 
_struct_sheet_range.end_label_asym_id 
_struct_sheet_range.end_label_seq_id 
_struct_sheet_range.pdbx_end_PDB_ins_code 
_struct_sheet_range.beg_auth_comp_id 
_struct_sheet_range.beg_auth_asym_id 
_struct_sheet_range.beg_auth_seq_id 
_struct_sheet_range.end_auth_comp_id 
_struct_sheet_range.end_auth_asym_id 
_struct_sheet_range.end_auth_seq_id 
AA1 1 ILE A 88  ? ARG A 101 ? ILE A 219 ARG A 232 
AA1 2 ILE A 104 ? GLU A 118 ? ILE A 235 GLU A 249 
AA1 3 GLN A 121 ? TYR A 130 ? GLN A 252 TYR A 261 
AA1 4 LEU A 67  ? PRO A 72  ? LEU A 198 PRO A 203 
AA1 5 CYS A 178 ? TYR A 183 ? CYS A 309 TYR A 314 
# 
loop_
_pdbx_struct_sheet_hbond.sheet_id 
_pdbx_struct_sheet_hbond.range_id_1 
_pdbx_struct_sheet_hbond.range_id_2 
_pdbx_struct_sheet_hbond.range_1_label_atom_id 
_pdbx_struct_sheet_hbond.range_1_label_comp_id 
_pdbx_struct_sheet_hbond.range_1_label_asym_id 
_pdbx_struct_sheet_hbond.range_1_label_seq_id 
_pdbx_struct_sheet_hbond.range_1_PDB_ins_code 
_pdbx_struct_sheet_hbond.range_1_auth_atom_id 
_pdbx_struct_sheet_hbond.range_1_auth_comp_id 
_pdbx_struct_sheet_hbond.range_1_auth_asym_id 
_pdbx_struct_sheet_hbond.range_1_auth_seq_id 
_pdbx_struct_sheet_hbond.range_2_label_atom_id 
_pdbx_struct_sheet_hbond.range_2_label_comp_id 
_pdbx_struct_sheet_hbond.range_2_label_asym_id 
_pdbx_struct_sheet_hbond.range_2_label_seq_id 
_pdbx_struct_sheet_hbond.range_2_PDB_ins_code 
_pdbx_struct_sheet_hbond.range_2_auth_atom_id 
_pdbx_struct_sheet_hbond.range_2_auth_comp_id 
_pdbx_struct_sheet_hbond.range_2_auth_asym_id 
_pdbx_struct_sheet_hbond.range_2_auth_seq_id 
AA1 1 2 N ASP A 92  ? N ASP A 223 O ILE A 113 ? O ILE A 244 
AA1 2 3 N LEU A 116 ? N LEU A 247 O ALA A 123 ? O ALA A 254 
AA1 3 4 O GLU A 129 ? O GLU A 260 N LEU A 70  ? N LEU A 201 
AA1 4 5 N LEU A 71  ? N LEU A 202 O ILE A 181 ? O ILE A 312 
# 
_atom_sites.entry_id                    7SSM 
_atom_sites.Cartn_transf_matrix[1][1]   ? 
_atom_sites.Cartn_transf_matrix[1][2]   ? 
_atom_sites.Cartn_transf_matrix[1][3]   ? 
_atom_sites.Cartn_transf_matrix[2][1]   ? 
_atom_sites.Cartn_transf_matrix[2][2]   ? 
_atom_sites.Cartn_transf_matrix[2][3]   ? 
_atom_sites.Cartn_transf_matrix[3][1]   ? 
_atom_sites.Cartn_transf_matrix[3][2]   ? 
_atom_sites.Cartn_transf_matrix[3][3]   ? 
_atom_sites.Cartn_transf_vector[1]      ? 
_atom_sites.Cartn_transf_vector[2]      ? 
_atom_sites.Cartn_transf_vector[3]      ? 
_atom_sites.fract_transf_matrix[1][1]   0.00044537 
_atom_sites.fract_transf_matrix[1][2]   0.00899150 
_atom_sites.fract_transf_matrix[1][3]   0.00121394 
_atom_sites.fract_transf_matrix[2][1]   0.00829003 
_atom_sites.fract_transf_matrix[2][2]   0.00009067 
_atom_sites.fract_transf_matrix[2][3]   -0.00371298 
_atom_sites.fract_transf_matrix[3][1]   -0.01121287 
_atom_sites.fract_transf_matrix[3][2]   0.00392246 
_atom_sites.fract_transf_matrix[3][3]   -0.02493935 
_atom_sites.fract_transf_vector[1]      -0.098396 
_atom_sites.fract_transf_vector[2]      -0.259128 
_atom_sites.fract_transf_vector[3]      -0.018232 
_atom_sites.solution_primary            ? 
_atom_sites.solution_secondary          ? 
_atom_sites.solution_hydrogens          ? 
_atom_sites.special_details             ? 
# 
loop_
_atom_type.symbol 
C 
H 
N 
O 
S 
# 
loop_
_atom_site.group_PDB 
_atom_site.id 
_atom_site.type_symbol 
_atom_site.label_atom_id 
_atom_site.label_alt_id 
_atom_site.label_comp_id 
_atom_site.label_asym_id 
_atom_site.label_entity_id 
_atom_site.label_seq_id 
_atom_site.pdbx_PDB_ins_code 
_atom_site.Cartn_x 
_atom_site.Cartn_y 
_atom_site.Cartn_z 
_atom_site.occupancy 
_atom_site.B_iso_or_equiv 
_atom_site.pdbx_formal_charge 
_atom_site.auth_seq_id 
_atom_site.auth_comp_id 
_atom_site.auth_asym_id 
_atom_site.auth_atom_id 
_atom_site.pdbx_PDB_model_num 
ATOM   1    N N   . SER A 1 23  ? -5.968  -20.559 0.723   1.00 41.47  ? 154  SER A N   1 
ATOM   2    C CA  . SER A 1 23  ? -6.428  -19.749 -0.414  1.00 42.09  ? 154  SER A CA  1 
ATOM   3    C C   . SER A 1 23  ? -5.307  -18.934 -1.126  1.00 42.09  ? 154  SER A C   1 
ATOM   4    O O   . SER A 1 23  ? -4.193  -18.819 -0.598  1.00 39.16  ? 154  SER A O   1 
ATOM   5    C CB  . SER A 1 23  ? -7.580  -18.832 0.004   1.00 47.51  ? 154  SER A CB  1 
ATOM   6    O OG  . SER A 1 23  ? -7.123  -17.687 0.707   1.00 61.26  ? 154  SER A OG  1 
ATOM   7    N N   . VAL A 1 24  ? -5.619  -18.358 -2.325  1.00 38.02  ? 155  VAL A N   1 
ATOM   8    C CA  . VAL A 1 24  ? -4.646  -17.538 -3.038  1.00 35.94  ? 155  VAL A CA  1 
ATOM   9    C C   . VAL A 1 24  ? -4.466  -16.206 -2.252  1.00 33.72  ? 155  VAL A C   1 
ATOM   10   O O   . VAL A 1 24  ? -3.332  -15.831 -2.049  1.00 31.84  ? 155  VAL A O   1 
ATOM   11   C CB  . VAL A 1 24  ? -4.789  -17.359 -4.596  1.00 39.99  ? 155  VAL A CB  1 
ATOM   12   C CG1 . VAL A 1 24  ? -5.639  -18.443 -5.265  1.00 39.72  ? 155  VAL A CG1 1 
ATOM   13   C CG2 . VAL A 1 24  ? -5.203  -15.950 -5.022  1.00 39.49  ? 155  VAL A CG2 1 
ATOM   14   N N   . ALA A 1 25  ? -5.549  -15.579 -1.721  1.00 29.48  ? 156  ALA A N   1 
ATOM   15   C CA  . ALA A 1 25  ? -5.453  -14.320 -0.932  1.00 29.20  ? 156  ALA A CA  1 
ATOM   16   C C   . ALA A 1 25  ? -4.573  -14.492 0.315   1.00 33.56  ? 156  ALA A C   1 
ATOM   17   O O   . ALA A 1 25  ? -3.832  -13.583 0.699   1.00 30.79  ? 156  ALA A O   1 
ATOM   18   C CB  . ALA A 1 25  ? -6.828  -13.846 -0.531  1.00 29.42  ? 156  ALA A CB  1 
ATOM   19   N N   . HIS A 1 26  ? -4.599  -15.705 0.898   1.00 32.77  ? 157  HIS A N   1 
ATOM   20   C CA  . HIS A 1 26  ? -3.793  -16.036 2.073   1.00 32.38  ? 157  HIS A CA  1 
ATOM   21   C C   . HIS A 1 26  ? -2.298  -16.023 1.709   1.00 32.82  ? 157  HIS A C   1 
ATOM   22   O O   . HIS A 1 26  ? -1.499  -15.403 2.412   1.00 31.44  ? 157  HIS A O   1 
ATOM   23   C CB  . HIS A 1 26  ? -4.267  -17.383 2.657   1.00 34.53  ? 157  HIS A CB  1 
ATOM   24   C CG  . HIS A 1 26  ? -3.576  -17.798 3.915   1.00 38.90  ? 157  HIS A CG  1 
ATOM   25   N ND1 . HIS A 1 26  ? -3.998  -17.343 5.157   1.00 41.67  ? 157  HIS A ND1 1 
ATOM   26   C CD2 . HIS A 1 26  ? -2.545  -18.652 4.088   1.00 41.42  ? 157  HIS A CD2 1 
ATOM   27   C CE1 . HIS A 1 26  ? -3.201  -17.921 6.039   1.00 41.32  ? 157  HIS A CE1 1 
ATOM   28   N NE2 . HIS A 1 26  ? -2.296  -18.704 5.443   1.00 41.47  ? 157  HIS A NE2 1 
ATOM   29   N N   . GLY A 1 27  ? -1.949  -16.663 0.593   1.00 29.08  ? 158  GLY A N   1 
ATOM   30   C CA  . GLY A 1 27  ? -0.585  -16.700 0.079   1.00 28.59  ? 158  GLY A CA  1 
ATOM   31   C C   . GLY A 1 27  ? -0.082  -15.328 -0.338  1.00 31.49  ? 158  GLY A C   1 
ATOM   32   O O   . GLY A 1 27  ? 1.095   -15.008 -0.149  1.00 31.74  ? 158  GLY A O   1 
ATOM   33   N N   . LEU A 1 28  ? -0.971  -14.508 -0.907  1.00 27.23  ? 159  LEU A N   1 
ATOM   34   C CA  . LEU A 1 28  ? -0.640  -13.144 -1.350  1.00 27.21  ? 159  LEU A CA  1 
ATOM   35   C C   . LEU A 1 28  ? -0.330  -12.238 -0.175  1.00 27.51  ? 159  LEU A C   1 
ATOM   36   O O   . LEU A 1 28  ? 0.622   -11.478 -0.253  1.00 27.82  ? 159  LEU A O   1 
ATOM   37   C CB  . LEU A 1 28  ? -1.779  -12.541 -2.178  1.00 27.71  ? 159  LEU A CB  1 
ATOM   38   C CG  . LEU A 1 28  ? -2.039  -13.153 -3.539  1.00 33.53  ? 159  LEU A CG  1 
ATOM   39   C CD1 . LEU A 1 28  ? -3.142  -12.388 -4.244  1.00 34.08  ? 159  LEU A CD1 1 
ATOM   40   C CD2 . LEU A 1 28  ? -0.776  -13.163 -4.377  1.00 37.04  ? 159  LEU A CD2 1 
ATOM   41   N N   . ALA A 1 29  ? -1.137  -12.308 0.899   1.00 24.30  ? 160  ALA A N   1 
ATOM   42   C CA  . ALA A 1 29  ? -0.903  -11.537 2.118   1.00 25.09  ? 160  ALA A CA  1 
ATOM   43   C C   . ALA A 1 29  ? 0.418   -11.960 2.773   1.00 28.04  ? 160  ALA A C   1 
ATOM   44   O O   . ALA A 1 29  ? 1.222   -11.088 3.124   1.00 26.44  ? 160  ALA A O   1 
ATOM   45   C CB  . ALA A 1 29  ? -2.069  -11.704 3.081   1.00 26.02  ? 160  ALA A CB  1 
ATOM   46   N N   . TRP A 1 30  ? 0.686   -13.290 2.868   1.00 25.38  ? 161  TRP A N   1 
ATOM   47   C CA  . TRP A 1 30  ? 1.946   -13.765 3.443   1.00 26.21  ? 161  TRP A CA  1 
ATOM   48   C C   . TRP A 1 30  ? 3.157   -13.405 2.592   1.00 29.62  ? 161  TRP A C   1 
ATOM   49   O O   . TRP A 1 30  ? 4.165   -13.034 3.176   1.00 29.79  ? 161  TRP A O   1 
ATOM   50   C CB  . TRP A 1 30  ? 1.928   -15.267 3.803   1.00 25.95  ? 161  TRP A CB  1 
ATOM   51   C CG  . TRP A 1 30  ? 1.279   -15.518 5.130   1.00 26.73  ? 161  TRP A CG  1 
ATOM   52   C CD1 . TRP A 1 30  ? -0.040  -15.753 5.361   1.00 29.62  ? 161  TRP A CD1 1 
ATOM   53   C CD2 . TRP A 1 30  ? 1.891   -15.364 6.414   1.00 27.21  ? 161  TRP A CD2 1 
ATOM   54   N NE1 . TRP A 1 30  ? -0.296  -15.744 6.709   1.00 30.02  ? 161  TRP A NE1 1 
ATOM   55   C CE2 . TRP A 1 30  ? 0.885   -15.559 7.383   1.00 32.14  ? 161  TRP A CE2 1 
ATOM   56   C CE3 . TRP A 1 30  ? 3.211   -15.141 6.845   1.00 28.79  ? 161  TRP A CE3 1 
ATOM   57   C CZ2 . TRP A 1 30  ? 1.148   -15.503 8.757   1.00 31.66  ? 161  TRP A CZ2 1 
ATOM   58   C CZ3 . TRP A 1 30  ? 3.473   -15.103 8.207   1.00 30.52  ? 161  TRP A CZ3 1 
ATOM   59   C CH2 . TRP A 1 30  ? 2.449   -15.275 9.144   1.00 31.10  ? 161  TRP A CH2 1 
ATOM   60   N N   . SER A 1 31  ? 3.077   -13.449 1.236   1.00 24.11  ? 162  SER A N   1 
ATOM   61   C CA  . SER A 1 31  ? 4.252   -13.073 0.411   1.00 23.75  ? 162  SER A CA  1 
ATOM   62   C C   . SER A 1 31  ? 4.499   -11.587 0.388   1.00 26.38  ? 162  SER A C   1 
ATOM   63   O O   . SER A 1 31  ? 5.645   -11.159 0.273   1.00 26.24  ? 162  SER A O   1 
ATOM   64   C CB  . SER A 1 31  ? 4.140   -13.600 -1.026  1.00 27.01  ? 162  SER A CB  1 
ATOM   65   O OG  . SER A 1 31  ? 2.958   -13.158 -1.665  1.00 34.24  ? 162  SER A OG  1 
ATOM   66   N N   . TYR A 1 32  ? 3.438   -10.801 0.493   1.00 24.55  ? 163  TYR A N   1 
ATOM   67   C CA  . TYR A 1 32  ? 3.544   -9.338  0.512   1.00 25.38  ? 163  TYR A CA  1 
ATOM   68   C C   . TYR A 1 32  ? 4.216   -8.929  1.839   1.00 28.75  ? 163  TYR A C   1 
ATOM   69   O O   . TYR A 1 32  ? 5.042   -8.033  1.861   1.00 28.56  ? 163  TYR A O   1 
ATOM   70   C CB  . TYR A 1 32  ? 2.145   -8.725  0.343   1.00 26.49  ? 163  TYR A CB  1 
ATOM   71   C CG  . TYR A 1 32  ? 2.091   -7.211  0.219   1.00 29.04  ? 163  TYR A CG  1 
ATOM   72   C CD1 . TYR A 1 32  ? 2.731   -6.547  -0.833  1.00 31.15  ? 163  TYR A CD1 1 
ATOM   73   C CD2 . TYR A 1 32  ? 1.347   -6.449  1.115   1.00 30.05  ? 163  TYR A CD2 1 
ATOM   74   C CE1 . TYR A 1 32  ? 2.646   -5.154  -0.969  1.00 32.38  ? 163  TYR A CE1 1 
ATOM   75   C CE2 . TYR A 1 32  ? 1.272   -5.063  0.999   1.00 32.00  ? 163  TYR A CE2 1 
ATOM   76   C CZ  . TYR A 1 32  ? 1.899   -4.422  -0.056  1.00 38.13  ? 163  TYR A CZ  1 
ATOM   77   O OH  . TYR A 1 32  ? 1.791   -3.058  -0.127  1.00 41.13  ? 163  TYR A OH  1 
ATOM   78   N N   . TYR A 1 33  ? 3.936   -9.660  2.907   1.00 27.02  ? 164  TYR A N   1 
ATOM   79   C CA  . TYR A 1 33  ? 4.591   -9.409  4.184   1.00 28.12  ? 164  TYR A CA  1 
ATOM   80   C C   . TYR A 1 33  ? 6.048   -9.892  4.162   1.00 30.77  ? 164  TYR A C   1 
ATOM   81   O O   . TYR A 1 33  ? 6.931   -9.106  4.460   1.00 30.10  ? 164  TYR A O   1 
ATOM   82   C CB  . TYR A 1 33  ? 3.822   -10.072 5.333   1.00 30.47  ? 164  TYR A CB  1 
ATOM   83   C CG  . TYR A 1 33  ? 4.611   -10.107 6.631   1.00 33.75  ? 164  TYR A CG  1 
ATOM   84   C CD1 . TYR A 1 33  ? 4.899   -8.934  7.330   1.00 36.22  ? 164  TYR A CD1 1 
ATOM   85   C CD2 . TYR A 1 33  ? 5.080   -11.311 7.149   1.00 34.40  ? 164  TYR A CD2 1 
ATOM   86   C CE1 . TYR A 1 33  ? 5.620   -8.964  8.527   1.00 38.93  ? 164  TYR A CE1 1 
ATOM   87   C CE2 . TYR A 1 33  ? 5.770   -11.356 8.356   1.00 36.00  ? 164  TYR A CE2 1 
ATOM   88   C CZ  . TYR A 1 33  ? 6.047   -10.181 9.035   1.00 42.83  ? 164  TYR A CZ  1 
ATOM   89   O OH  . TYR A 1 33  ? 6.730   -10.259 10.216  1.00 46.55  ? 164  TYR A OH  1 
ATOM   90   N N   . ILE A 1 34  ? 6.292   -11.164 3.772   1.00 25.33  ? 165  ILE A N   1 
ATOM   91   C CA  . ILE A 1 34  ? 7.616   -11.774 3.761   1.00 24.94  ? 165  ILE A CA  1 
ATOM   92   C C   . ILE A 1 34  ? 8.587   -11.168 2.732   1.00 30.79  ? 165  ILE A C   1 
ATOM   93   O O   . ILE A 1 34  ? 9.766   -10.949 3.049   1.00 30.73  ? 165  ILE A O   1 
ATOM   94   C CB  . ILE A 1 34  ? 7.467   -13.326 3.598   1.00 27.62  ? 165  ILE A CB  1 
ATOM   95   C CG1 . ILE A 1 34  ? 6.928   -13.934 4.909   1.00 28.20  ? 165  ILE A CG1 1 
ATOM   96   C CG2 . ILE A 1 34  ? 8.798   -13.998 3.185   1.00 26.82  ? 165  ILE A CG2 1 
ATOM   97   C CD1 . ILE A 1 34  ? 5.953   -15.129 4.714   1.00 41.64  ? 165  ILE A CD1 1 
ATOM   98   N N   . GLY A 1 35  ? 8.102   -10.929 1.517   1.00 28.30  ? 166  GLY A N   1 
ATOM   99   C CA  . GLY A 1 35  ? 8.947   -10.421 0.446   1.00 27.49  ? 166  GLY A CA  1 
ATOM   100  C C   . GLY A 1 35  ? 9.003   -8.919  0.322   1.00 29.54  ? 166  GLY A C   1 
ATOM   101  O O   . GLY A 1 35  ? 9.741   -8.415  -0.522  1.00 27.45  ? 166  GLY A O   1 
ATOM   102  N N   . TYR A 1 36  ? 8.251   -8.179  1.169   1.00 26.27  ? 167  TYR A N   1 
ATOM   103  C CA  . TYR A 1 36  ? 8.275   -6.735  1.042   1.00 26.04  ? 167  TYR A CA  1 
ATOM   104  C C   . TYR A 1 36  ? 8.164   -5.977  2.365   1.00 31.84  ? 167  TYR A C   1 
ATOM   105  O O   . TYR A 1 36  ? 9.110   -5.260  2.700   1.00 32.88  ? 167  TYR A O   1 
ATOM   106  C CB  . TYR A 1 36  ? 7.190   -6.273  0.032   1.00 26.60  ? 167  TYR A CB  1 
ATOM   107  C CG  . TYR A 1 36  ? 7.037   -4.775  -0.057  1.00 27.12  ? 167  TYR A CG  1 
ATOM   108  C CD1 . TYR A 1 36  ? 8.070   -3.978  -0.533  1.00 29.12  ? 167  TYR A CD1 1 
ATOM   109  C CD2 . TYR A 1 36  ? 5.833   -4.160  0.270   1.00 28.23  ? 167  TYR A CD2 1 
ATOM   110  C CE1 . TYR A 1 36  ? 7.936   -2.595  -0.613  1.00 31.05  ? 167  TYR A CE1 1 
ATOM   111  C CE2 . TYR A 1 36  ? 5.674   -2.780  0.158   1.00 29.21  ? 167  TYR A CE2 1 
ATOM   112  C CZ  . TYR A 1 36  ? 6.730   -2.000  -0.278  1.00 37.45  ? 167  TYR A CZ  1 
ATOM   113  O OH  . TYR A 1 36  ? 6.590   -0.637  -0.365  1.00 40.34  ? 167  TYR A OH  1 
ATOM   114  N N   . LEU A 1 37  ? 7.000   -6.063  3.068   1.00 28.27  ? 168  LEU A N   1 
ATOM   115  C CA  . LEU A 1 37  ? 6.725   -5.311  4.305   1.00 28.46  ? 168  LEU A CA  1 
ATOM   116  C C   . LEU A 1 37  ? 7.707   -5.590  5.442   1.00 32.79  ? 168  LEU A C   1 
ATOM   117  O O   . LEU A 1 37  ? 8.206   -4.646  6.077   1.00 30.51  ? 168  LEU A O   1 
ATOM   118  C CB  . LEU A 1 37  ? 5.277   -5.514  4.773   1.00 27.87  ? 168  LEU A CB  1 
ATOM   119  C CG  . LEU A 1 37  ? 4.191   -4.875  3.878   1.00 31.30  ? 168  LEU A CG  1 
ATOM   120  C CD1 . LEU A 1 37  ? 2.812   -5.208  4.392   1.00 30.64  ? 168  LEU A CD1 1 
ATOM   121  C CD2 . LEU A 1 37  ? 4.392   -3.346  3.740   1.00 30.93  ? 168  LEU A CD2 1 
ATOM   122  N N   . ARG A 1 38  ? 8.019   -6.878  5.656   1.00 30.98  ? 169  ARG A N   1 
ATOM   123  C CA  . ARG A 1 38  ? 8.962   -7.400  6.653   1.00 32.56  ? 169  ARG A CA  1 
ATOM   124  C C   . ARG A 1 38  ? 10.340  -6.776  6.431   1.00 36.30  ? 169  ARG A C   1 
ATOM   125  O O   . ARG A 1 38  ? 11.051  -6.529  7.402   1.00 35.96  ? 169  ARG A O   1 
ATOM   126  C CB  . ARG A 1 38  ? 9.077   -8.941  6.490   1.00 35.78  ? 169  ARG A CB  1 
ATOM   127  C CG  . ARG A 1 38  ? 9.805   -9.692  7.596   1.00 52.31  ? 169  ARG A CG  1 
ATOM   128  C CD  . ARG A 1 38  ? 9.631   -11.203 7.482   1.00 54.87  ? 169  ARG A CD  1 
ATOM   129  N NE  . ARG A 1 38  ? 10.480  -11.803 6.449   1.00 55.01  ? 169  ARG A NE  1 
ATOM   130  C CZ  . ARG A 1 38  ? 10.963  -13.048 6.498   1.00 64.38  ? 169  ARG A CZ  1 
ATOM   131  N NH1 . ARG A 1 38  ? 10.707  -13.828 7.540   1.00 45.40  ? 169  ARG A NH1 1 
ATOM   132  N NH2 . ARG A 1 38  ? 11.715  -13.514 5.511   1.00 47.26  ? 169  ARG A NH2 1 
ATOM   133  N N   . LEU A 1 39  ? 10.695  -6.493  5.157   1.00 33.11  ? 170  LEU A N   1 
ATOM   134  C CA  . LEU A 1 39  ? 12.001  -5.930  4.786   1.00 33.79  ? 170  LEU A CA  1 
ATOM   135  C C   . LEU A 1 39  ? 12.077  -4.389  4.833   1.00 39.15  ? 170  LEU A C   1 
ATOM   136  O O   . LEU A 1 39  ? 13.158  -3.855  5.067   1.00 39.04  ? 170  LEU A O   1 
ATOM   137  C CB  . LEU A 1 39  ? 12.447  -6.426  3.381   1.00 33.61  ? 170  LEU A CB  1 
ATOM   138  C CG  . LEU A 1 39  ? 12.301  -7.934  3.073   1.00 38.37  ? 170  LEU A CG  1 
ATOM   139  C CD1 . LEU A 1 39  ? 12.596  -8.220  1.624   1.00 36.97  ? 170  LEU A CD1 1 
ATOM   140  C CD2 . LEU A 1 39  ? 13.179  -8.791  3.996   1.00 43.01  ? 170  LEU A CD2 1 
ATOM   141  N N   . ILE A 1 40  ? 10.965  -3.674  4.574   1.00 35.00  ? 171  ILE A N   1 
ATOM   142  C CA  . ILE A 1 40  ? 11.040  -2.215  4.520   1.00 34.85  ? 171  ILE A CA  1 
ATOM   143  C C   . ILE A 1 40  ? 10.532  -1.535  5.785   1.00 37.78  ? 171  ILE A C   1 
ATOM   144  O O   . ILE A 1 40  ? 11.010  -0.454  6.101   1.00 38.01  ? 171  ILE A O   1 
ATOM   145  C CB  . ILE A 1 40  ? 10.375  -1.621  3.246   1.00 38.75  ? 171  ILE A CB  1 
ATOM   146  C CG1 . ILE A 1 40  ? 8.867   -1.898  3.173   1.00 38.46  ? 171  ILE A CG1 1 
ATOM   147  C CG2 . ILE A 1 40  ? 11.088  -2.073  1.973   1.00 41.67  ? 171  ILE A CG2 1 
ATOM   148  C CD1 . ILE A 1 40  ? 8.100   -0.682  3.293   1.00 43.86  ? 171  ILE A CD1 1 
ATOM   149  N N   . LEU A 1 41  ? 9.558   -2.131  6.486   1.00 34.84  ? 172  LEU A N   1 
ATOM   150  C CA  . LEU A 1 41  ? 8.980   -1.513  7.676   1.00 35.48  ? 172  LEU A CA  1 
ATOM   151  C C   . LEU A 1 41  ? 10.023  -1.237  8.777   1.00 44.23  ? 172  LEU A C   1 
ATOM   152  O O   . LEU A 1 41  ? 9.935   -0.149  9.347   1.00 42.27  ? 172  LEU A O   1 
ATOM   153  C CB  . LEU A 1 41  ? 7.760   -2.247  8.225   1.00 34.45  ? 172  LEU A CB  1 
ATOM   154  C CG  . LEU A 1 41  ? 6.459   -2.158  7.397   1.00 36.97  ? 172  LEU A CG  1 
ATOM   155  C CD1 . LEU A 1 41  ? 5.357   -3.002  8.057   1.00 35.44  ? 172  LEU A CD1 1 
ATOM   156  C CD2 . LEU A 1 41  ? 6.010   -0.687  7.160   1.00 36.02  ? 172  LEU A CD2 1 
ATOM   157  N N   . PRO A 1 42  ? 11.063  -2.101  9.015   1.00 43.95  ? 173  PRO A N   1 
ATOM   158  C CA  . PRO A 1 42  ? 12.081  -1.746  10.016  1.00 43.99  ? 173  PRO A CA  1 
ATOM   159  C C   . PRO A 1 42  ? 12.936  -0.540  9.617   1.00 47.69  ? 173  PRO A C   1 
ATOM   160  O O   . PRO A 1 42  ? 13.384  0.179   10.496  1.00 49.88  ? 173  PRO A O   1 
ATOM   161  C CB  . PRO A 1 42  ? 12.947  -3.013  10.098  1.00 45.46  ? 173  PRO A CB  1 
ATOM   162  C CG  . PRO A 1 42  ? 12.092  -4.102  9.572   1.00 49.82  ? 173  PRO A CG  1 
ATOM   163  C CD  . PRO A 1 42  ? 11.337  -3.447  8.469   1.00 45.26  ? 173  PRO A CD  1 
ATOM   164  N N   . GLU A 1 43  ? 13.173  -0.321  8.319   1.00 42.53  ? 174  GLU A N   1 
ATOM   165  C CA  . GLU A 1 43  ? 14.040  0.765   7.834   1.00 40.92  ? 174  GLU A CA  1 
ATOM   166  C C   . GLU A 1 43  ? 13.325  2.062   7.468   1.00 43.23  ? 174  GLU A C   1 
ATOM   167  O O   . GLU A 1 43  ? 13.993  3.062   7.207   1.00 42.26  ? 174  GLU A O   1 
ATOM   168  C CB  . GLU A 1 43  ? 14.877  0.287   6.639   1.00 41.99  ? 174  GLU A CB  1 
ATOM   169  N N   . LEU A 1 44  ? 11.983  2.042   7.459   1.00 39.83  ? 175  LEU A N   1 
ATOM   170  C CA  . LEU A 1 44  ? 11.112  3.126   7.010   1.00 39.57  ? 175  LEU A CA  1 
ATOM   171  C C   . LEU A 1 44  ? 11.269  4.459   7.780   1.00 44.29  ? 175  LEU A C   1 
ATOM   172  O O   . LEU A 1 44  ? 11.469  5.485   7.128   1.00 43.06  ? 175  LEU A O   1 
ATOM   173  C CB  . LEU A 1 44  ? 9.637   2.664   6.999   1.00 39.12  ? 175  LEU A CB  1 
ATOM   174  C CG  . LEU A 1 44  ? 8.650   3.627   6.361   1.00 42.37  ? 175  LEU A CG  1 
ATOM   175  C CD1 . LEU A 1 44  ? 8.861   3.745   4.844   1.00 41.82  ? 175  LEU A CD1 1 
ATOM   176  C CD2 . LEU A 1 44  ? 7.256   3.264   6.719   1.00 42.74  ? 175  LEU A CD2 1 
ATOM   177  N N   . GLN A 1 45  ? 11.160  4.449   9.126   1.00 43.08  ? 176  GLN A N   1 
ATOM   178  C CA  . GLN A 1 45  ? 11.305  5.662   9.952   1.00 44.68  ? 176  GLN A CA  1 
ATOM   179  C C   . GLN A 1 45  ? 12.649  6.375   9.680   1.00 49.48  ? 176  GLN A C   1 
ATOM   180  O O   . GLN A 1 45  ? 12.661  7.589   9.492   1.00 49.57  ? 176  GLN A O   1 
ATOM   181  C CB  . GLN A 1 45  ? 11.112  5.350   11.442  1.00 46.63  ? 176  GLN A CB  1 
ATOM   182  N N   . ALA A 1 46  ? 13.748  5.605   9.556   1.00 45.99  ? 177  ALA A N   1 
ATOM   183  C CA  . ALA A 1 46  ? 15.079  6.117   9.221   1.00 45.74  ? 177  ALA A CA  1 
ATOM   184  C C   . ALA A 1 46  ? 15.110  6.791   7.848   1.00 49.62  ? 177  ALA A C   1 
ATOM   185  O O   . ALA A 1 46  ? 15.755  7.831   7.705   1.00 50.04  ? 177  ALA A O   1 
ATOM   186  C CB  . ALA A 1 46  ? 16.104  4.997   9.286   1.00 46.36  ? 177  ALA A CB  1 
ATOM   187  N N   . ARG A 1 47  ? 14.403  6.228   6.839   1.00 44.91  ? 178  ARG A N   1 
ATOM   188  C CA  . ARG A 1 47  ? 14.361  6.838   5.503   1.00 43.77  ? 178  ARG A CA  1 
ATOM   189  C C   . ARG A 1 47  ? 13.537  8.147   5.528   1.00 45.89  ? 178  ARG A C   1 
ATOM   190  O O   . ARG A 1 47  ? 13.890  9.094   4.827   1.00 44.52  ? 178  ARG A O   1 
ATOM   191  C CB  . ARG A 1 47  ? 13.793  5.863   4.455   1.00 43.38  ? 178  ARG A CB  1 
ATOM   192  C CG  . ARG A 1 47  ? 14.763  4.773   4.007   1.00 45.51  ? 178  ARG A CG  1 
ATOM   193  C CD  . ARG A 1 47  ? 14.035  3.606   3.372   1.00 42.62  ? 178  ARG A CD  1 
ATOM   194  N NE  . ARG A 1 47  ? 13.598  3.901   2.007   1.00 33.66  ? 178  ARG A NE  1 
ATOM   195  C CZ  . ARG A 1 47  ? 12.477  3.448   1.454   1.00 41.61  ? 178  ARG A CZ  1 
ATOM   196  N NH1 . ARG A 1 47  ? 11.673  2.641   2.133   1.00 33.45  ? 178  ARG A NH1 1 
ATOM   197  N NH2 . ARG A 1 47  ? 12.161  3.787   0.210   1.00 33.35  ? 178  ARG A NH2 1 
ATOM   198  N N   . ILE A 1 48  ? 12.437  8.170   6.320   1.00 42.23  ? 179  ILE A N   1 
ATOM   199  C CA  . ILE A 1 48  ? 11.540  9.317   6.490   1.00 43.02  ? 179  ILE A CA  1 
ATOM   200  C C   . ILE A 1 48  ? 12.306  10.445  7.234   1.00 52.50  ? 179  ILE A C   1 
ATOM   201  O O   . ILE A 1 48  ? 12.315  11.579  6.745   1.00 52.64  ? 179  ILE A O   1 
ATOM   202  C CB  . ILE A 1 48  ? 10.166  8.926   7.121   1.00 44.34  ? 179  ILE A CB  1 
ATOM   203  C CG1 . ILE A 1 48  ? 9.327   8.077   6.118   1.00 43.25  ? 179  ILE A CG1 1 
ATOM   204  C CG2 . ILE A 1 48  ? 9.384   10.164  7.584   1.00 44.18  ? 179  ILE A CG2 1 
ATOM   205  C CD1 . ILE A 1 48  ? 8.106   7.328   6.697   1.00 34.54  ? 179  ILE A CD1 1 
ATOM   206  N N   . ARG A 1 49  ? 13.025  10.102  8.344   1.00 51.35  ? 180  ARG A N   1 
ATOM   207  C CA  . ARG A 1 49  ? 13.871  11.031  9.104   1.00 51.97  ? 180  ARG A CA  1 
ATOM   208  C C   . ARG A 1 49  ? 14.907  11.651  8.170   1.00 57.95  ? 180  ARG A C   1 
ATOM   209  O O   . ARG A 1 49  ? 15.053  12.872  8.163   1.00 58.97  ? 180  ARG A O   1 
ATOM   210  C CB  . ARG A 1 49  ? 14.559  10.328  10.283  1.00 53.47  ? 180  ARG A CB  1 
ATOM   211  N N   . THR A 1 50  ? 15.560  10.822  7.325   1.00 54.36  ? 181  THR A N   1 
ATOM   212  C CA  . THR A 1 50  ? 16.550  11.272  6.337   1.00 54.33  ? 181  THR A CA  1 
ATOM   213  C C   . THR A 1 50  ? 15.950  12.310  5.384   1.00 59.26  ? 181  THR A C   1 
ATOM   214  O O   . THR A 1 50  ? 16.560  13.363  5.191   1.00 60.55  ? 181  THR A O   1 
ATOM   215  C CB  . THR A 1 50  ? 17.192  10.070  5.616   1.00 59.34  ? 181  THR A CB  1 
ATOM   216  O OG1 . THR A 1 50  ? 17.843  9.253   6.589   1.00 61.66  ? 181  THR A OG1 1 
ATOM   217  C CG2 . THR A 1 50  ? 18.193  10.479  4.546   1.00 53.68  ? 181  THR A CG2 1 
ATOM   218  N N   . TYR A 1 51  ? 14.756  12.024  4.812   1.00 54.06  ? 182  TYR A N   1 
ATOM   219  C CA  . TYR A 1 51  ? 14.077  12.933  3.885   1.00 53.09  ? 182  TYR A CA  1 
ATOM   220  C C   . TYR A 1 51  ? 13.632  14.229  4.607   1.00 58.23  ? 182  TYR A C   1 
ATOM   221  O O   . TYR A 1 51  ? 13.774  15.313  4.054   1.00 57.61  ? 182  TYR A O   1 
ATOM   222  C CB  . TYR A 1 51  ? 12.903  12.228  3.168   1.00 52.12  ? 182  TYR A CB  1 
ATOM   223  C CG  . TYR A 1 51  ? 12.221  13.110  2.144   1.00 50.51  ? 182  TYR A CG  1 
ATOM   224  C CD1 . TYR A 1 51  ? 12.691  13.184  0.836   1.00 51.58  ? 182  TYR A CD1 1 
ATOM   225  C CD2 . TYR A 1 51  ? 11.130  13.901  2.492   1.00 50.49  ? 182  TYR A CD2 1 
ATOM   226  C CE1 . TYR A 1 51  ? 12.086  14.017  -0.104  1.00 51.38  ? 182  TYR A CE1 1 
ATOM   227  C CE2 . TYR A 1 51  ? 10.522  14.745  1.565   1.00 51.05  ? 182  TYR A CE2 1 
ATOM   228  C CZ  . TYR A 1 51  ? 10.995  14.789  0.265   1.00 58.40  ? 182  TYR A CZ  1 
ATOM   229  O OH  . TYR A 1 51  ? 10.394  15.618  -0.649  1.00 60.57  ? 182  TYR A OH  1 
ATOM   230  N N   . ASN A 1 52  ? 13.121  14.104  5.839   1.00 56.32  ? 183  ASN A N   1 
ATOM   231  C CA  . ASN A 1 52  ? 12.705  15.223  6.684   1.00 57.08  ? 183  ASN A CA  1 
ATOM   232  C C   . ASN A 1 52  ? 13.914  16.075  7.161   1.00 64.47  ? 183  ASN A C   1 
ATOM   233  O O   . ASN A 1 52  ? 13.713  17.123  7.776   1.00 65.39  ? 183  ASN A O   1 
ATOM   234  C CB  . ASN A 1 52  ? 11.889  14.704  7.877   1.00 54.03  ? 183  ASN A CB  1 
ATOM   235  C CG  . ASN A 1 52  ? 10.432  14.421  7.566   1.00 62.23  ? 183  ASN A CG  1 
ATOM   236  O OD1 . ASN A 1 52  ? 9.870   14.907  6.574   1.00 49.03  ? 183  ASN A OD1 1 
ATOM   237  N ND2 . ASN A 1 52  ? 9.771   13.653  8.433   1.00 53.98  ? 183  ASN A ND2 1 
ATOM   238  N N   . GLN A 1 53  ? 15.158  15.619  6.846   1.00 61.76  ? 184  GLN A N   1 
ATOM   239  C CA  . GLN A 1 53  ? 16.474  16.205  7.142   1.00 81.73  ? 184  GLN A CA  1 
ATOM   240  C C   . GLN A 1 53  ? 16.672  16.482  8.628   1.00 112.50 ? 184  GLN A C   1 
ATOM   241  O O   . GLN A 1 53  ? 16.457  15.592  9.450   1.00 75.03  ? 184  GLN A O   1 
ATOM   242  C CB  . GLN A 1 53  ? 16.764  17.458  6.285   1.00 82.95  ? 184  GLN A CB  1 
ATOM   243  C CG  . GLN A 1 53  ? 16.446  17.322  4.780   1.00 92.81  ? 184  GLN A CG  1 
ATOM   244  C CD  . GLN A 1 53  ? 17.537  16.709  3.921   1.00 107.35 ? 184  GLN A CD  1 
ATOM   245  O OE1 . GLN A 1 53  ? 18.419  15.977  4.386   1.00 103.03 ? 184  GLN A OE1 1 
ATOM   246  N NE2 . GLN A 1 53  ? 17.484  16.986  2.625   1.00 96.08  ? 184  GLN A NE2 1 
ATOM   247  N N   . ALA A 1 62  ? 5.959   18.480  7.249   1.00 53.26  ? 193  ALA A N   1 
ATOM   248  C CA  . ALA A 1 62  ? 6.811   17.293  7.307   1.00 53.14  ? 193  ALA A CA  1 
ATOM   249  C C   . ALA A 1 62  ? 6.041   15.984  7.012   1.00 55.09  ? 193  ALA A C   1 
ATOM   250  O O   . ALA A 1 62  ? 4.855   15.865  7.345   1.00 55.07  ? 193  ALA A O   1 
ATOM   251  C CB  . ALA A 1 62  ? 7.499   17.205  8.663   1.00 54.07  ? 193  ALA A CB  1 
ATOM   252  N N   . VAL A 1 63  ? 6.735   15.008  6.392   1.00 49.30  ? 194  VAL A N   1 
ATOM   253  C CA  . VAL A 1 63  ? 6.191   13.686  6.030   1.00 47.17  ? 194  VAL A CA  1 
ATOM   254  C C   . VAL A 1 63  ? 5.845   12.896  7.298   1.00 49.02  ? 194  VAL A C   1 
ATOM   255  O O   . VAL A 1 63  ? 6.681   12.776  8.195   1.00 47.71  ? 194  VAL A O   1 
ATOM   256  C CB  . VAL A 1 63  ? 7.167   12.867  5.127   1.00 49.89  ? 194  VAL A CB  1 
ATOM   257  C CG1 . VAL A 1 63  ? 6.500   11.597  4.587   1.00 49.24  ? 194  VAL A CG1 1 
ATOM   258  C CG2 . VAL A 1 63  ? 7.726   13.709  3.980   1.00 49.62  ? 194  VAL A CG2 1 
ATOM   259  N N   . SER A 1 64  ? 4.629   12.317  7.335   1.00 45.05  ? 195  SER A N   1 
ATOM   260  C CA  . SER A 1 64  ? 4.148   11.422  8.393   1.00 44.10  ? 195  SER A CA  1 
ATOM   261  C C   . SER A 1 64  ? 5.017   10.144  8.498   1.00 44.89  ? 195  SER A C   1 
ATOM   262  O O   . SER A 1 64  ? 5.718   9.797   7.540   1.00 41.51  ? 195  SER A O   1 
ATOM   263  C CB  . SER A 1 64  ? 2.680   11.084  8.173   1.00 47.95  ? 195  SER A CB  1 
ATOM   264  O OG  . SER A 1 64  ? 1.916   12.266  8.351   1.00 59.93  ? 195  SER A OG  1 
ATOM   265  N N   . GLN A 1 65  ? 4.989   9.479   9.678   1.00 42.28  ? 196  GLN A N   1 
ATOM   266  C CA  . GLN A 1 65  ? 5.833   8.336   10.051  1.00 43.27  ? 196  GLN A CA  1 
ATOM   267  C C   . GLN A 1 65  ? 5.371   6.932   9.599   1.00 49.17  ? 196  GLN A C   1 
ATOM   268  O O   . GLN A 1 65  ? 6.171   5.985   9.674   1.00 51.70  ? 196  GLN A O   1 
ATOM   269  C CB  . GLN A 1 65  ? 6.068   8.314   11.580  1.00 44.69  ? 196  GLN A CB  1 
ATOM   270  C CG  . GLN A 1 65  ? 6.867   9.512   12.138  1.00 60.27  ? 196  GLN A CG  1 
ATOM   271  C CD  . GLN A 1 65  ? 8.166   9.808   11.407  1.00 82.11  ? 196  GLN A CD  1 
ATOM   272  O OE1 . GLN A 1 65  ? 9.086   8.985   11.349  1.00 78.79  ? 196  GLN A OE1 1 
ATOM   273  N NE2 . GLN A 1 65  ? 8.273   11.005  10.841  1.00 77.37  ? 196  GLN A NE2 1 
ATOM   274  N N   . ARG A 1 66  ? 4.120   6.782   9.145   1.00 42.00  ? 197  ARG A N   1 
ATOM   275  C CA  . ARG A 1 66  ? 3.626   5.466   8.739   1.00 40.59  ? 197  ARG A CA  1 
ATOM   276  C C   . ARG A 1 66  ? 3.631   5.245   7.215   1.00 42.50  ? 197  ARG A C   1 
ATOM   277  O O   . ARG A 1 66  ? 3.598   6.200   6.442   1.00 40.31  ? 197  ARG A O   1 
ATOM   278  C CB  . ARG A 1 66  ? 2.201   5.245   9.291   1.00 40.47  ? 197  ARG A CB  1 
ATOM   279  C CG  . ARG A 1 66  ? 2.130   5.180   10.822  1.00 50.65  ? 197  ARG A CG  1 
ATOM   280  C CD  . ARG A 1 66  ? 0.717   4.987   11.327  1.00 54.49  ? 197  ARG A CD  1 
ATOM   281  N NE  . ARG A 1 66  ? 0.693   4.779   12.772  1.00 63.62  ? 197  ARG A NE  1 
ATOM   282  N N   . LEU A 1 67  ? 3.641   3.973   6.784   1.00 38.59  ? 198  LEU A N   1 
ATOM   283  C CA  . LEU A 1 67  ? 3.474   3.657   5.371   1.00 36.88  ? 198  LEU A CA  1 
ATOM   284  C C   . LEU A 1 67  ? 1.964   3.477   5.225   1.00 39.17  ? 198  LEU A C   1 
ATOM   285  O O   . LEU A 1 67  ? 1.389   2.632   5.920   1.00 39.82  ? 198  LEU A O   1 
ATOM   286  C CB  . LEU A 1 67  ? 4.229   2.368   4.962   1.00 36.61  ? 198  LEU A CB  1 
ATOM   287  C CG  . LEU A 1 67  ? 3.912   1.823   3.541   1.00 40.33  ? 198  LEU A CG  1 
ATOM   288  C CD1 . LEU A 1 67  ? 4.279   2.818   2.466   1.00 40.06  ? 198  LEU A CD1 1 
ATOM   289  C CD2 . LEU A 1 67  ? 4.586   0.492   3.290   1.00 40.17  ? 198  LEU A CD2 1 
ATOM   290  N N   . TYR A 1 68  ? 1.318   4.277   4.358   1.00 35.31  ? 199  TYR A N   1 
ATOM   291  C CA  . TYR A 1 68  ? -0.133  4.179   4.123   1.00 33.27  ? 199  TYR A CA  1 
ATOM   292  C C   . TYR A 1 68  ? -0.398  3.338   2.895   1.00 33.42  ? 199  TYR A C   1 
ATOM   293  O O   . TYR A 1 68  ? 0.096   3.629   1.808   1.00 30.48  ? 199  TYR A O   1 
ATOM   294  C CB  . TYR A 1 68  ? -0.809  5.560   4.076   1.00 34.21  ? 199  TYR A CB  1 
ATOM   295  C CG  . TYR A 1 68  ? -0.833  6.221   5.438   1.00 37.57  ? 199  TYR A CG  1 
ATOM   296  C CD1 . TYR A 1 68  ? 0.228   7.016   5.871   1.00 38.60  ? 199  TYR A CD1 1 
ATOM   297  C CD2 . TYR A 1 68  ? -1.901  6.027   6.310   1.00 39.75  ? 199  TYR A CD2 1 
ATOM   298  C CE1 . TYR A 1 68  ? 0.217   7.618   7.130   1.00 37.23  ? 199  TYR A CE1 1 
ATOM   299  C CE2 . TYR A 1 68  ? -1.909  6.597   7.585   1.00 41.30  ? 199  TYR A CE2 1 
ATOM   300  C CZ  . TYR A 1 68  ? -0.852  7.401   7.984   1.00 47.26  ? 199  TYR A CZ  1 
ATOM   301  O OH  . TYR A 1 68  ? -0.862  7.962   9.237   1.00 49.60  ? 199  TYR A OH  1 
ATOM   302  N N   . ILE A 1 69  ? -1.105  2.232   3.092   1.00 30.94  ? 200  ILE A N   1 
ATOM   303  C CA  . ILE A 1 69  ? -1.348  1.295   1.999   1.00 30.09  ? 200  ILE A CA  1 
ATOM   304  C C   . ILE A 1 69  ? -2.798  1.331   1.584   1.00 31.30  ? 200  ILE A C   1 
ATOM   305  O O   . ILE A 1 69  ? -3.680  1.052   2.384   1.00 30.94  ? 200  ILE A O   1 
ATOM   306  C CB  . ILE A 1 69  ? -0.825  -0.140  2.303   1.00 32.69  ? 200  ILE A CB  1 
ATOM   307  C CG1 . ILE A 1 69  ? 0.656   -0.104  2.780   1.00 32.35  ? 200  ILE A CG1 1 
ATOM   308  C CG2 . ILE A 1 69  ? -0.976  -1.039  1.052   1.00 33.21  ? 200  ILE A CG2 1 
ATOM   309  C CD1 . ILE A 1 69  ? 1.180   -1.374  3.382   1.00 31.55  ? 200  ILE A CD1 1 
ATOM   310  N N   . LEU A 1 70  ? -3.037  1.677   0.327   1.00 26.42  ? 201  LEU A N   1 
ATOM   311  C CA  . LEU A 1 70  ? -4.390  1.741   -0.227  1.00 26.46  ? 201  LEU A CA  1 
ATOM   312  C C   . LEU A 1 70  ? -4.809  0.340   -0.637  1.00 29.40  ? 201  LEU A C   1 
ATOM   313  O O   . LEU A 1 70  ? -4.097  -0.326  -1.392  1.00 27.28  ? 201  LEU A O   1 
ATOM   314  C CB  . LEU A 1 70  ? -4.426  2.681   -1.443  1.00 26.59  ? 201  LEU A CB  1 
ATOM   315  C CG  . LEU A 1 70  ? -4.189  4.163   -1.166  1.00 32.56  ? 201  LEU A CG  1 
ATOM   316  C CD1 . LEU A 1 70  ? -4.006  4.921   -2.463  1.00 32.79  ? 201  LEU A CD1 1 
ATOM   317  C CD2 . LEU A 1 70  ? -5.355  4.779   -0.367  1.00 35.45  ? 201  LEU A CD2 1 
ATOM   318  N N   . LEU A 1 71  ? -5.959  -0.098  -0.133  1.00 28.04  ? 202  LEU A N   1 
ATOM   319  C CA  . LEU A 1 71  ? -6.535  -1.398  -0.418  1.00 28.93  ? 202  LEU A CA  1 
ATOM   320  C C   . LEU A 1 71  ? -7.959  -1.291  -1.044  1.00 31.79  ? 202  LEU A C   1 
ATOM   321  O O   . LEU A 1 71  ? -8.963  -1.551  -0.364  1.00 30.61  ? 202  LEU A O   1 
ATOM   322  C CB  . LEU A 1 71  ? -6.490  -2.312  0.824   1.00 30.32  ? 202  LEU A CB  1 
ATOM   323  C CG  . LEU A 1 71  ? -5.103  -2.896  1.151   1.00 37.74  ? 202  LEU A CG  1 
ATOM   324  C CD1 . LEU A 1 71  ? -4.391  -2.060  2.185   1.00 39.60  ? 202  LEU A CD1 1 
ATOM   325  C CD2 . LEU A 1 71  ? -5.209  -4.282  1.681   1.00 40.79  ? 202  LEU A CD2 1 
ATOM   326  N N   . PRO A 1 72  ? -8.063  -0.896  -2.349  1.00 27.18  ? 203  PRO A N   1 
ATOM   327  C CA  . PRO A 1 72  ? -9.404  -0.843  -2.990  1.00 26.97  ? 203  PRO A CA  1 
ATOM   328  C C   . PRO A 1 72  ? -9.948  -2.271  -3.147  1.00 32.83  ? 203  PRO A C   1 
ATOM   329  O O   . PRO A 1 72  ? -9.314  -3.117  -3.787  1.00 32.59  ? 203  PRO A O   1 
ATOM   330  C CB  . PRO A 1 72  ? -9.143  -0.183  -4.359  1.00 27.28  ? 203  PRO A CB  1 
ATOM   331  C CG  . PRO A 1 72  ? -7.690  -0.431  -4.641  1.00 30.91  ? 203  PRO A CG  1 
ATOM   332  C CD  . PRO A 1 72  ? -6.983  -0.560  -3.304  1.00 26.49  ? 203  PRO A CD  1 
ATOM   333  N N   . LEU A 1 73  ? -11.094 -2.550  -2.527  1.00 30.25  ? 204  LEU A N   1 
ATOM   334  C CA  . LEU A 1 73  ? -11.672 -3.889  -2.551  1.00 31.96  ? 204  LEU A CA  1 
ATOM   335  C C   . LEU A 1 73  ? -12.169 -4.287  -3.951  1.00 37.74  ? 204  LEU A C   1 
ATOM   336  O O   . LEU A 1 73  ? -12.230 -5.478  -4.233  1.00 38.12  ? 204  LEU A O   1 
ATOM   337  C CB  . LEU A 1 73  ? -12.737 -4.063  -1.441  1.00 32.50  ? 204  LEU A CB  1 
ATOM   338  C CG  . LEU A 1 73  ? -12.182 -3.902  0.001   1.00 38.29  ? 204  LEU A CG  1 
ATOM   339  C CD1 . LEU A 1 73  ? -13.298 -3.818  1.021   1.00 40.22  ? 204  LEU A CD1 1 
ATOM   340  C CD2 . LEU A 1 73  ? -11.254 -5.035  0.375   1.00 37.17  ? 204  LEU A CD2 1 
ATOM   341  N N   . ASP A 1 74  ? -12.329 -3.312  -4.876  1.00 35.43  ? 205  ASP A N   1 
ATOM   342  C CA  . ASP A 1 74  ? -12.689 -3.607  -6.270  1.00 36.33  ? 205  ASP A CA  1 
ATOM   343  C C   . ASP A 1 74  ? -11.459 -4.062  -7.093  1.00 40.87  ? 205  ASP A C   1 
ATOM   344  O O   . ASP A 1 74  ? -11.603 -4.400  -8.273  1.00 41.95  ? 205  ASP A O   1 
ATOM   345  C CB  . ASP A 1 74  ? -13.418 -2.411  -6.944  1.00 38.68  ? 205  ASP A CB  1 
ATOM   346  C CG  . ASP A 1 74  ? -12.647 -1.102  -7.126  1.00 55.49  ? 205  ASP A CG  1 
ATOM   347  O OD1 . ASP A 1 74  ? -11.392 -1.127  -7.096  1.00 58.34  ? 205  ASP A OD1 1 
ATOM   348  O OD2 . ASP A 1 74  ? -13.296 -0.062  -7.329  1.00 63.43  ? 205  ASP A OD2 1 
ATOM   349  N N   . CYS A 1 75  ? -10.255 -4.071  -6.460  1.00 34.47  ? 206  CYS A N   1 
ATOM   350  C CA  . CYS A 1 75  ? -8.967  -4.457  -7.051  1.00 33.54  ? 206  CYS A CA  1 
ATOM   351  C C   . CYS A 1 75  ? -8.547  -3.569  -8.238  1.00 37.91  ? 206  CYS A C   1 
ATOM   352  O O   . CYS A 1 75  ? -7.715  -3.990  -9.036  1.00 36.63  ? 206  CYS A O   1 
ATOM   353  C CB  . CYS A 1 75  ? -8.934  -5.939  -7.420  1.00 32.70  ? 206  CYS A CB  1 
ATOM   354  S SG  . CYS A 1 75  ? -9.245  -7.048  -6.034  1.00 36.02  ? 206  CYS A SG  1 
ATOM   355  N N   . GLY A 1 76  ? -9.090  -2.350  -8.301  1.00 36.94  ? 207  GLY A N   1 
ATOM   356  C CA  . GLY A 1 76  ? -8.751  -1.355  -9.311  1.00 37.50  ? 207  GLY A CA  1 
ATOM   357  C C   . GLY A 1 76  ? -7.493  -0.620  -8.894  1.00 41.30  ? 207  GLY A C   1 
ATOM   358  O O   . GLY A 1 76  ? -7.513  0.200   -7.968  1.00 39.10  ? 207  GLY A O   1 
ATOM   359  N N   . VAL A 1 77  ? -6.374  -0.939  -9.550  1.00 39.31  ? 208  VAL A N   1 
ATOM   360  C CA  . VAL A 1 77  ? -5.105  -0.356  -9.152  1.00 39.71  ? 208  VAL A CA  1 
ATOM   361  C C   . VAL A 1 77  ? -4.451  0.460   -10.312 1.00 45.22  ? 208  VAL A C   1 
ATOM   362  O O   . VAL A 1 77  ? -3.691  -0.095  -11.121 1.00 44.74  ? 208  VAL A O   1 
ATOM   363  C CB  . VAL A 1 77  ? -4.162  -1.416  -8.514  1.00 42.88  ? 208  VAL A CB  1 
ATOM   364  C CG1 . VAL A 1 77  ? -2.809  -0.816  -8.164  1.00 42.39  ? 208  VAL A CG1 1 
ATOM   365  C CG2 . VAL A 1 77  ? -4.794  -2.065  -7.277  1.00 42.59  ? 208  VAL A CG2 1 
ATOM   366  N N   . PRO A 1 78  ? -4.726  1.788   -10.396 1.00 42.40  ? 209  PRO A N   1 
ATOM   367  C CA  . PRO A 1 78  ? -4.063  2.591   -11.435 1.00 42.99  ? 209  PRO A CA  1 
ATOM   368  C C   . PRO A 1 78  ? -2.626  2.900   -11.007 1.00 48.79  ? 209  PRO A C   1 
ATOM   369  O O   . PRO A 1 78  ? -2.317  2.919   -9.805  1.00 48.17  ? 209  PRO A O   1 
ATOM   370  C CB  . PRO A 1 78  ? -4.936  3.844   -11.540 1.00 44.78  ? 209  PRO A CB  1 
ATOM   371  C CG  . PRO A 1 78  ? -5.626  3.966   -10.214 1.00 48.79  ? 209  PRO A CG  1 
ATOM   372  C CD  . PRO A 1 78  ? -5.603  2.615   -9.536  1.00 43.77  ? 209  PRO A CD  1 
ATOM   373  N N   . ASP A 1 79  ? -1.740  3.101   -11.986 1.00 46.65  ? 210  ASP A N   1 
ATOM   374  C CA  . ASP A 1 79  ? -0.325  3.421   -11.740 1.00 47.36  ? 210  ASP A CA  1 
ATOM   375  C C   . ASP A 1 79  ? -0.145  4.840   -11.210 1.00 51.85  ? 210  ASP A C   1 
ATOM   376  O O   . ASP A 1 79  ? 0.815   5.128   -10.498 1.00 50.97  ? 210  ASP A O   1 
ATOM   377  C CB  . ASP A 1 79  ? 0.505   3.225   -13.024 1.00 49.39  ? 210  ASP A CB  1 
ATOM   378  C CG  . ASP A 1 79  ? 0.428   1.819   -13.598 1.00 66.84  ? 210  ASP A CG  1 
ATOM   379  O OD1 . ASP A 1 79  ? 0.271   0.848   -12.800 1.00 67.91  ? 210  ASP A OD1 1 
ATOM   380  O OD2 . ASP A 1 79  ? 0.511   1.683   -14.842 1.00 75.99  ? 210  ASP A OD2 1 
ATOM   381  N N   . ASN A 1 80  ? -1.075  5.728   -11.590 1.00 50.59  ? 211  ASN A N   1 
ATOM   382  C CA  . ASN A 1 80  ? -1.083  7.136   -11.229 1.00 51.03  ? 211  ASN A CA  1 
ATOM   383  C C   . ASN A 1 80  ? -2.173  7.434   -10.197 1.00 54.08  ? 211  ASN A C   1 
ATOM   384  O O   . ASN A 1 80  ? -3.366  7.335   -10.500 1.00 53.38  ? 211  ASN A O   1 
ATOM   385  C CB  . ASN A 1 80  ? -1.296  7.983   -12.486 1.00 53.91  ? 211  ASN A CB  1 
ATOM   386  C CG  . ASN A 1 80  ? -0.748  9.362   -12.389 1.00 81.29  ? 211  ASN A CG  1 
ATOM   387  O OD1 . ASN A 1 80  ? -1.295  10.235  -11.706 1.00 76.21  ? 211  ASN A OD1 1 
ATOM   388  N ND2 . ASN A 1 80  ? 0.348   9.587   -13.088 1.00 72.97  ? 211  ASN A ND2 1 
ATOM   389  N N   . LEU A 1 81  ? -1.758  7.798   -8.970  1.00 50.95  ? 212  LEU A N   1 
ATOM   390  C CA  . LEU A 1 81  ? -2.662  8.139   -7.875  1.00 50.93  ? 212  LEU A CA  1 
ATOM   391  C C   . LEU A 1 81  ? -3.501  9.375   -8.184  1.00 53.85  ? 212  LEU A C   1 
ATOM   392  O O   . LEU A 1 81  ? -4.684  9.403   -7.863  1.00 52.69  ? 212  LEU A O   1 
ATOM   393  C CB  . LEU A 1 81  ? -1.867  8.360   -6.581  1.00 51.15  ? 212  LEU A CB  1 
ATOM   394  C CG  . LEU A 1 81  ? -2.193  7.480   -5.379  1.00 56.09  ? 212  LEU A CG  1 
ATOM   395  C CD1 . LEU A 1 81  ? -3.678  7.239   -5.244  1.00 56.94  ? 212  LEU A CD1 1 
ATOM   396  C CD2 . LEU A 1 81  ? -1.450  6.195   -5.440  1.00 58.86  ? 212  LEU A CD2 1 
ATOM   397  N N   . SER A 1 82  ? -2.901  10.379  -8.843  1.00 51.93  ? 213  SER A N   1 
ATOM   398  C CA  . SER A 1 82  ? -3.563  11.632  -9.247  1.00 53.38  ? 213  SER A CA  1 
ATOM   399  C C   . SER A 1 82  ? -4.743  11.385  -10.205 1.00 59.68  ? 213  SER A C   1 
ATOM   400  O O   . SER A 1 82  ? -5.687  12.172  -10.207 1.00 59.36  ? 213  SER A O   1 
ATOM   401  C CB  . SER A 1 82  ? -2.555  12.613  -9.841  1.00 57.20  ? 213  SER A CB  1 
ATOM   402  O OG  . SER A 1 82  ? -1.373  12.673  -9.054  1.00 66.34  ? 213  SER A OG  1 
ATOM   403  N N   . MET A 1 83  ? -4.717  10.257  -10.957 1.00 57.77  ? 214  MET A N   1 
ATOM   404  C CA  . MET A 1 83  ? -5.796  9.839   -11.855 1.00 58.15  ? 214  MET A CA  1 
ATOM   405  C C   . MET A 1 83  ? -6.952  9.233   -11.052 1.00 61.40  ? 214  MET A C   1 
ATOM   406  O O   . MET A 1 83  ? -8.083  9.216   -11.543 1.00 62.15  ? 214  MET A O   1 
ATOM   407  C CB  . MET A 1 83  ? -5.286  8.855   -12.931 1.00 60.66  ? 214  MET A CB  1 
ATOM   408  N N   . ALA A 1 84  ? -6.683  8.750   -9.817  1.00 55.87  ? 215  ALA A N   1 
ATOM   409  C CA  . ALA A 1 84  ? -7.717  8.193   -8.937  1.00 54.51  ? 215  ALA A CA  1 
ATOM   410  C C   . ALA A 1 84  ? -8.442  9.309   -8.161  1.00 57.56  ? 215  ALA A C   1 
ATOM   411  O O   . ALA A 1 84  ? -9.618  9.154   -7.816  1.00 57.35  ? 215  ALA A O   1 
ATOM   412  C CB  . ALA A 1 84  ? -7.102  7.195   -7.974  1.00 55.11  ? 215  ALA A CB  1 
ATOM   413  N N   . ASP A 1 85  ? -7.722  10.422  -7.876  1.00 53.45  ? 216  ASP A N   1 
ATOM   414  C CA  . ASP A 1 85  ? -8.188  11.617  -7.150  1.00 52.88  ? 216  ASP A CA  1 
ATOM   415  C C   . ASP A 1 85  ? -7.203  12.771  -7.435  1.00 55.08  ? 216  ASP A C   1 
ATOM   416  O O   . ASP A 1 85  ? -6.017  12.624  -7.130  1.00 54.54  ? 216  ASP A O   1 
ATOM   417  C CB  . ASP A 1 85  ? -8.282  11.347  -5.623  1.00 54.17  ? 216  ASP A CB  1 
ATOM   418  C CG  . ASP A 1 85  ? -8.984  12.412  -4.793  1.00 59.94  ? 216  ASP A CG  1 
ATOM   419  O OD1 . ASP A 1 85  ? -8.890  13.602  -5.145  1.00 60.61  ? 216  ASP A OD1 1 
ATOM   420  O OD2 . ASP A 1 85  ? -9.620  12.053  -3.781  1.00 64.50  ? 216  ASP A OD2 1 
ATOM   421  N N   . PRO A 1 86  ? -7.657  13.918  -8.006  1.00 51.19  ? 217  PRO A N   1 
ATOM   422  C CA  . PRO A 1 86  ? -6.707  15.025  -8.284  1.00 50.99  ? 217  PRO A CA  1 
ATOM   423  C C   . PRO A 1 86  ? -6.090  15.642  -7.015  1.00 50.83  ? 217  PRO A C   1 
ATOM   424  O O   . PRO A 1 86  ? -4.965  16.156  -7.064  1.00 49.47  ? 217  PRO A O   1 
ATOM   425  C CB  . PRO A 1 86  ? -7.545  16.033  -9.090  1.00 52.85  ? 217  PRO A CB  1 
ATOM   426  C CG  . PRO A 1 86  ? -8.960  15.758  -8.691  1.00 56.91  ? 217  PRO A CG  1 
ATOM   427  C CD  . PRO A 1 86  ? -9.037  14.275  -8.407  1.00 52.59  ? 217  PRO A CD  1 
ATOM   428  N N   . ASN A 1 87  ? -6.802  15.525  -5.871  1.00 44.89  ? 218  ASN A N   1 
ATOM   429  C CA  . ASN A 1 87  ? -6.338  15.996  -4.568  1.00 43.96  ? 218  ASN A CA  1 
ATOM   430  C C   . ASN A 1 87  ? -5.159  15.169  -3.980  1.00 47.00  ? 218  ASN A C   1 
ATOM   431  O O   . ASN A 1 87  ? -4.617  15.550  -2.935  1.00 45.56  ? 218  ASN A O   1 
ATOM   432  C CB  . ASN A 1 87  ? -7.500  16.099  -3.586  1.00 43.53  ? 218  ASN A CB  1 
ATOM   433  C CG  . ASN A 1 87  ? -8.407  17.282  -3.827  1.00 58.20  ? 218  ASN A CG  1 
ATOM   434  O OD1 . ASN A 1 87  ? -7.990  18.325  -4.333  1.00 49.05  ? 218  ASN A OD1 1 
ATOM   435  N ND2 . ASN A 1 87  ? -9.670  17.150  -3.459  1.00 51.06  ? 218  ASN A ND2 1 
ATOM   436  N N   . ILE A 1 88  ? -4.767  14.050  -4.639  1.00 42.78  ? 219  ILE A N   1 
ATOM   437  C CA  . ILE A 1 88  ? -3.619  13.236  -4.233  1.00 42.15  ? 219  ILE A CA  1 
ATOM   438  C C   . ILE A 1 88  ? -2.533  13.590  -5.221  1.00 47.73  ? 219  ILE A C   1 
ATOM   439  O O   . ILE A 1 88  ? -2.658  13.292  -6.410  1.00 49.97  ? 219  ILE A O   1 
ATOM   440  C CB  . ILE A 1 88  ? -3.903  11.720  -4.149  1.00 44.91  ? 219  ILE A CB  1 
ATOM   441  C CG1 . ILE A 1 88  ? -5.082  11.448  -3.184  1.00 45.23  ? 219  ILE A CG1 1 
ATOM   442  C CG2 . ILE A 1 88  ? -2.619  10.973  -3.716  1.00 45.13  ? 219  ILE A CG2 1 
ATOM   443  C CD1 . ILE A 1 88  ? -5.459  10.025  -2.960  1.00 50.91  ? 219  ILE A CD1 1 
ATOM   444  N N   . ARG A 1 89  ? -1.510  14.301  -4.757  1.00 42.69  ? 220  ARG A N   1 
ATOM   445  C CA  . ARG A 1 89  ? -0.483  14.822  -5.641  1.00 42.10  ? 220  ARG A CA  1 
ATOM   446  C C   . ARG A 1 89  ? 0.913   14.355  -5.277  1.00 44.15  ? 220  ARG A C   1 
ATOM   447  O O   . ARG A 1 89  ? 1.357   14.543  -4.146  1.00 42.32  ? 220  ARG A O   1 
ATOM   448  C CB  . ARG A 1 89  ? -0.571  16.368  -5.668  1.00 42.08  ? 220  ARG A CB  1 
ATOM   449  C CG  . ARG A 1 89  ? 0.413   17.027  -6.636  1.00 56.05  ? 220  ARG A CG  1 
ATOM   450  C CD  . ARG A 1 89  ? 0.323   18.539  -6.648  1.00 65.31  ? 220  ARG A CD  1 
ATOM   451  N NE  . ARG A 1 89  ? 0.890   19.129  -5.435  1.00 67.43  ? 220  ARG A NE  1 
ATOM   452  C CZ  . ARG A 1 89  ? 0.427   20.233  -4.861  1.00 76.07  ? 220  ARG A CZ  1 
ATOM   453  N NH1 . ARG A 1 89  ? -0.613  20.875  -5.382  1.00 54.91  ? 220  ARG A NH1 1 
ATOM   454  N NH2 . ARG A 1 89  ? 0.997   20.703  -3.757  1.00 62.68  ? 220  ARG A NH2 1 
ATOM   455  N N   . PHE A 1 90  ? 1.619   13.779  -6.265  1.00 41.60  ? 221  PHE A N   1 
ATOM   456  C CA  . PHE A 1 90  ? 2.997   13.308  -6.112  1.00 40.89  ? 221  PHE A CA  1 
ATOM   457  C C   . PHE A 1 90  ? 3.935   14.450  -5.715  1.00 45.91  ? 221  PHE A C   1 
ATOM   458  O O   . PHE A 1 90  ? 3.948   15.494  -6.371  1.00 44.76  ? 221  PHE A O   1 
ATOM   459  C CB  . PHE A 1 90  ? 3.492   12.595  -7.388  1.00 41.68  ? 221  PHE A CB  1 
ATOM   460  C CG  . PHE A 1 90  ? 4.939   12.173  -7.322  1.00 42.65  ? 221  PHE A CG  1 
ATOM   461  C CD1 . PHE A 1 90  ? 5.324   11.052  -6.586  1.00 44.96  ? 221  PHE A CD1 1 
ATOM   462  C CD2 . PHE A 1 90  ? 5.926   12.898  -7.986  1.00 44.58  ? 221  PHE A CD2 1 
ATOM   463  C CE1 . PHE A 1 90  ? 6.672   10.682  -6.496  1.00 45.37  ? 221  PHE A CE1 1 
ATOM   464  C CE2 . PHE A 1 90  ? 7.273   12.515  -7.908  1.00 46.74  ? 221  PHE A CE2 1 
ATOM   465  C CZ  . PHE A 1 90  ? 7.633   11.399  -7.178  1.00 44.35  ? 221  PHE A CZ  1 
ATOM   466  N N   . LEU A 1 91  ? 4.718   14.236  -4.648  1.00 43.33  ? 222  LEU A N   1 
ATOM   467  C CA  . LEU A 1 91  ? 5.671   15.221  -4.171  1.00 44.30  ? 222  LEU A CA  1 
ATOM   468  C C   . LEU A 1 91  ? 7.085   14.842  -4.565  1.00 50.42  ? 222  LEU A C   1 
ATOM   469  O O   . LEU A 1 91  ? 7.729   15.571  -5.324  1.00 50.78  ? 222  LEU A O   1 
ATOM   470  C CB  . LEU A 1 91  ? 5.551   15.418  -2.640  1.00 44.84  ? 222  LEU A CB  1 
ATOM   471  C CG  . LEU A 1 91  ? 6.546   16.407  -1.961  1.00 50.67  ? 222  LEU A CG  1 
ATOM   472  C CD1 . LEU A 1 91  ? 6.441   17.840  -2.546  1.00 50.90  ? 222  LEU A CD1 1 
ATOM   473  C CD2 . LEU A 1 91  ? 6.306   16.463  -0.465  1.00 53.11  ? 222  LEU A CD2 1 
ATOM   474  N N   . ASP A 1 92  ? 7.568   13.697  -4.050  1.00 47.38  ? 223  ASP A N   1 
ATOM   475  C CA  . ASP A 1 92  ? 8.926   13.234  -4.263  1.00 47.10  ? 223  ASP A CA  1 
ATOM   476  C C   . ASP A 1 92  ? 9.063   11.743  -3.957  1.00 49.78  ? 223  ASP A C   1 
ATOM   477  O O   . ASP A 1 92  ? 8.187   11.155  -3.332  1.00 48.74  ? 223  ASP A O   1 
ATOM   478  C CB  . ASP A 1 92  ? 9.843   14.009  -3.296  1.00 49.07  ? 223  ASP A CB  1 
ATOM   479  C CG  . ASP A 1 92  ? 11.281  14.229  -3.723  1.00 61.50  ? 223  ASP A CG  1 
ATOM   480  O OD1 . ASP A 1 92  ? 11.737  13.550  -4.671  1.00 63.94  ? 223  ASP A OD1 1 
ATOM   481  O OD2 . ASP A 1 92  ? 11.960  15.060  -3.094  1.00 67.47  ? 223  ASP A OD2 1 
ATOM   482  N N   . LYS A 1 93  ? 10.208  11.154  -4.341  1.00 45.64  ? 224  LYS A N   1 
ATOM   483  C CA  . LYS A 1 93  ? 10.535  9.775   -4.017  1.00 44.73  ? 224  LYS A CA  1 
ATOM   484  C C   . LYS A 1 93  ? 11.230  9.793   -2.648  1.00 49.63  ? 224  LYS A C   1 
ATOM   485  O O   . LYS A 1 93  ? 11.892  10.774  -2.284  1.00 49.06  ? 224  LYS A O   1 
ATOM   486  C CB  . LYS A 1 93  ? 11.460  9.164   -5.081  1.00 45.43  ? 224  LYS A CB  1 
ATOM   487  C CG  . LYS A 1 93  ? 10.765  8.868   -6.399  1.00 52.54  ? 224  LYS A CG  1 
ATOM   488  C CD  . LYS A 1 93  ? 11.690  9.045   -7.587  1.00 61.33  ? 224  LYS A CD  1 
ATOM   489  C CE  . LYS A 1 93  ? 12.410  7.785   -7.992  1.00 66.77  ? 224  LYS A CE  1 
ATOM   490  N NZ  . LYS A 1 93  ? 13.138  7.964   -9.276  1.00 68.41  ? 224  LYS A NZ  1 
ATOM   491  N N   . LEU A 1 94  ? 11.030  8.729   -1.874  1.00 46.57  ? 225  LEU A N   1 
ATOM   492  C CA  . LEU A 1 94  ? 11.676  8.548   -0.587  1.00 46.57  ? 225  LEU A CA  1 
ATOM   493  C C   . LEU A 1 94  ? 13.022  7.896   -0.943  1.00 52.43  ? 225  LEU A C   1 
ATOM   494  O O   . LEU A 1 94  ? 13.031  7.105   -1.888  1.00 54.41  ? 225  LEU A O   1 
ATOM   495  C CB  . LEU A 1 94  ? 10.809  7.608   0.269   1.00 46.22  ? 225  LEU A CB  1 
ATOM   496  C CG  . LEU A 1 94  ? 11.145  7.434   1.744   1.00 49.35  ? 225  LEU A CG  1 
ATOM   497  C CD1 . LEU A 1 94  ? 10.992  8.745   2.519   1.00 49.38  ? 225  LEU A CD1 1 
ATOM   498  C CD2 . LEU A 1 94  ? 10.242  6.391   2.362   1.00 49.34  ? 225  LEU A CD2 1 
ATOM   499  N N   . PRO A 1 95  ? 14.174  8.248   -0.306  1.00 48.49  ? 226  PRO A N   1 
ATOM   500  C CA  . PRO A 1 95  ? 15.456  7.611   -0.699  1.00 47.66  ? 226  PRO A CA  1 
ATOM   501  C C   . PRO A 1 95  ? 15.346  6.082   -0.738  1.00 47.48  ? 226  PRO A C   1 
ATOM   502  O O   . PRO A 1 95  ? 14.823  5.487   0.206   1.00 45.43  ? 226  PRO A O   1 
ATOM   503  C CB  . PRO A 1 95  ? 16.448  8.085   0.380   1.00 49.78  ? 226  PRO A CB  1 
ATOM   504  C CG  . PRO A 1 95  ? 15.589  8.658   1.504   1.00 54.87  ? 226  PRO A CG  1 
ATOM   505  C CD  . PRO A 1 95  ? 14.369  9.196   0.810   1.00 50.22  ? 226  PRO A CD  1 
ATOM   506  N N   . GLN A 1 96  ? 15.765  5.463   -1.859  1.00 42.04  ? 227  GLN A N   1 
ATOM   507  C CA  . GLN A 1 96  ? 15.678  4.012   -2.098  1.00 41.22  ? 227  GLN A CA  1 
ATOM   508  C C   . GLN A 1 96  ? 16.288  3.171   -1.002  1.00 44.95  ? 227  GLN A C   1 
ATOM   509  O O   . GLN A 1 96  ? 17.235  3.584   -0.336  1.00 45.21  ? 227  GLN A O   1 
ATOM   510  C CB  . GLN A 1 96  ? 16.406  3.628   -3.391  1.00 42.22  ? 227  GLN A CB  1 
ATOM   511  C CG  . GLN A 1 96  ? 15.772  4.094   -4.691  1.00 49.17  ? 227  GLN A CG  1 
ATOM   512  C CD  . GLN A 1 96  ? 16.667  3.734   -5.853  1.00 58.44  ? 227  GLN A CD  1 
ATOM   513  O OE1 . GLN A 1 96  ? 17.815  3.298   -5.680  1.00 52.65  ? 227  GLN A OE1 1 
ATOM   514  N NE2 . GLN A 1 96  ? 16.159  3.884   -7.064  1.00 49.99  ? 227  GLN A NE2 1 
ATOM   515  N N   . GLN A 1 97  ? 15.763  1.970   -0.837  1.00 42.15  ? 228  GLN A N   1 
ATOM   516  C CA  . GLN A 1 97  ? 16.340  0.985   0.064   1.00 41.17  ? 228  GLN A CA  1 
ATOM   517  C C   . GLN A 1 97  ? 16.924  -0.122  -0.847  1.00 44.90  ? 228  GLN A C   1 
ATOM   518  O O   . GLN A 1 97  ? 16.283  -0.509  -1.827  1.00 43.09  ? 228  GLN A O   1 
ATOM   519  C CB  . GLN A 1 97  ? 15.296  0.404   1.022   1.00 41.62  ? 228  GLN A CB  1 
ATOM   520  C CG  . GLN A 1 97  ? 15.897  -0.656  1.951   1.00 39.48  ? 228  GLN A CG  1 
ATOM   521  C CD  . GLN A 1 97  ? 14.927  -1.225  2.936   1.00 57.83  ? 228  GLN A CD  1 
ATOM   522  O OE1 . GLN A 1 97  ? 14.058  -0.537  3.450   1.00 59.55  ? 228  GLN A OE1 1 
ATOM   523  N NE2 . GLN A 1 97  ? 15.074  -2.494  3.252   1.00 46.75  ? 228  GLN A NE2 1 
ATOM   524  N N   . THR A 1 98  ? 18.160  -0.569  -0.561  1.00 41.52  ? 229  THR A N   1 
ATOM   525  C CA  . THR A 1 98  ? 18.800  -1.655  -1.308  1.00 40.69  ? 229  THR A CA  1 
ATOM   526  C C   . THR A 1 98  ? 19.222  -2.783  -0.371  1.00 44.19  ? 229  THR A C   1 
ATOM   527  O O   . THR A 1 98  ? 19.518  -2.575  0.815   1.00 43.04  ? 229  THR A O   1 
ATOM   528  C CB  . THR A 1 98  ? 19.936  -1.205  -2.254  1.00 44.46  ? 229  THR A CB  1 
ATOM   529  O OG1 . THR A 1 98  ? 21.054  -0.761  -1.503  1.00 48.43  ? 229  THR A OG1 1 
ATOM   530  C CG2 . THR A 1 98  ? 19.503  -0.161  -3.262  1.00 44.54  ? 229  THR A CG2 1 
ATOM   531  N N   . GLY A 1 99  ? 19.203  -3.985  -0.913  1.00 40.49  ? 230  GLY A N   1 
ATOM   532  C CA  . GLY A 1 99  ? 19.618  -5.168  -0.182  1.00 40.43  ? 230  GLY A CA  1 
ATOM   533  C C   . GLY A 1 99  ? 19.854  -6.320  -1.126  1.00 44.80  ? 230  GLY A C   1 
ATOM   534  O O   . GLY A 1 99  ? 19.086  -6.511  -2.072  1.00 46.57  ? 230  GLY A O   1 
ATOM   535  N N   . ASP A 1 100 ? 20.937  -7.068  -0.904  1.00 39.59  ? 231  ASP A N   1 
ATOM   536  C CA  . ASP A 1 100 ? 21.224  -8.268  -1.687  1.00 38.50  ? 231  ASP A CA  1 
ATOM   537  C C   . ASP A 1 100 ? 20.147  -9.297  -1.308  1.00 40.21  ? 231  ASP A C   1 
ATOM   538  O O   . ASP A 1 100 ? 19.854  -9.481  -0.122  1.00 39.56  ? 231  ASP A O   1 
ATOM   539  C CB  . ASP A 1 100 ? 22.635  -8.814  -1.382  1.00 39.96  ? 231  ASP A CB  1 
ATOM   540  C CG  . ASP A 1 100 ? 23.795  -7.893  -1.782  1.00 46.89  ? 231  ASP A CG  1 
ATOM   541  O OD1 . ASP A 1 100 ? 23.569  -6.956  -2.585  1.00 45.27  ? 231  ASP A OD1 1 
ATOM   542  O OD2 . ASP A 1 100 ? 24.921  -8.110  -1.286  1.00 52.80  ? 231  ASP A OD2 1 
ATOM   543  N N   . ARG A 1 101 ? 19.501  -9.906  -2.307  1.00 34.51  ? 232  ARG A N   1 
ATOM   544  C CA  . ARG A 1 101 ? 18.466  -10.877 -1.992  1.00 32.90  ? 232  ARG A CA  1 
ATOM   545  C C   . ARG A 1 101 ? 18.347  -11.934 -3.064  1.00 31.33  ? 232  ARG A C   1 
ATOM   546  O O   . ARG A 1 101 ? 18.167  -11.585 -4.231  1.00 29.13  ? 232  ARG A O   1 
ATOM   547  C CB  . ARG A 1 101 ? 17.106  -10.162 -1.812  1.00 32.34  ? 232  ARG A CB  1 
ATOM   548  C CG  . ARG A 1 101 ? 16.022  -11.113 -1.355  1.00 36.20  ? 232  ARG A CG  1 
ATOM   549  C CD  . ARG A 1 101 ? 14.711  -10.416 -1.149  1.00 33.97  ? 232  ARG A CD  1 
ATOM   550  N NE  . ARG A 1 101 ? 13.677  -11.419 -0.958  1.00 39.69  ? 232  ARG A NE  1 
ATOM   551  C CZ  . ARG A 1 101 ? 12.380  -11.220 -1.145  1.00 39.73  ? 232  ARG A CZ  1 
ATOM   552  N NH1 . ARG A 1 101 ? 11.930  -10.023 -1.486  1.00 32.18  ? 232  ARG A NH1 1 
ATOM   553  N NH2 . ARG A 1 101 ? 11.520  -12.206 -0.946  1.00 30.38  ? 232  ARG A NH2 1 
ATOM   554  N N   . ALA A 1 102 ? 18.361  -13.222 -2.648  1.00 28.62  ? 233  ALA A N   1 
ATOM   555  C CA  . ALA A 1 102 ? 18.157  -14.401 -3.501  1.00 28.69  ? 233  ALA A CA  1 
ATOM   556  C C   . ALA A 1 102 ? 18.931  -14.334 -4.850  1.00 33.24  ? 233  ALA A C   1 
ATOM   557  O O   . ALA A 1 102 ? 18.347  -14.522 -5.917  1.00 33.61  ? 233  ALA A O   1 
ATOM   558  C CB  . ALA A 1 102 ? 16.668  -14.575 -3.753  1.00 29.28  ? 233  ALA A CB  1 
ATOM   559  N N   . GLY A 1 103 ? 20.221  -14.019 -4.777  1.00 30.33  ? 234  GLY A N   1 
ATOM   560  C CA  . GLY A 1 103 ? 21.071  -13.898 -5.954  1.00 31.54  ? 234  GLY A CA  1 
ATOM   561  C C   . GLY A 1 103 ? 21.051  -12.548 -6.653  1.00 38.17  ? 234  GLY A C   1 
ATOM   562  O O   . GLY A 1 103 ? 21.785  -12.353 -7.627  1.00 37.22  ? 234  GLY A O   1 
ATOM   563  N N   . ILE A 1 104 ? 20.206  -11.603 -6.188  1.00 35.19  ? 235  ILE A N   1 
ATOM   564  C CA  . ILE A 1 104 ? 20.128  -10.264 -6.783  1.00 35.15  ? 235  ILE A CA  1 
ATOM   565  C C   . ILE A 1 104 ? 20.973  -9.319  -5.959  1.00 39.07  ? 235  ILE A C   1 
ATOM   566  O O   . ILE A 1 104 ? 20.706  -9.123  -4.769  1.00 37.25  ? 235  ILE A O   1 
ATOM   567  C CB  . ILE A 1 104 ? 18.667  -9.724  -6.975  1.00 38.43  ? 235  ILE A CB  1 
ATOM   568  C CG1 . ILE A 1 104 ? 17.768  -10.698 -7.807  1.00 37.59  ? 235  ILE A CG1 1 
ATOM   569  C CG2 . ILE A 1 104 ? 18.647  -8.283  -7.550  1.00 37.69  ? 235  ILE A CG2 1 
ATOM   570  C CD1 . ILE A 1 104 ? 18.172  -10.945 -9.171  1.00 36.84  ? 235  ILE A CD1 1 
ATOM   571  N N   . LYS A 1 105 ? 22.017  -8.751  -6.585  1.00 36.26  ? 236  LYS A N   1 
ATOM   572  C CA  . LYS A 1 105 ? 22.872  -7.772  -5.908  1.00 36.19  ? 236  LYS A CA  1 
ATOM   573  C C   . LYS A 1 105 ? 22.126  -6.441  -5.935  1.00 38.65  ? 236  LYS A C   1 
ATOM   574  O O   . LYS A 1 105 ? 21.597  -6.052  -6.976  1.00 37.61  ? 236  LYS A O   1 
ATOM   575  C CB  . LYS A 1 105 ? 24.246  -7.655  -6.604  1.00 39.24  ? 236  LYS A CB  1 
ATOM   576  N N   . ASP A 1 106 ? 22.011  -5.799  -4.776  1.00 37.20  ? 237  ASP A N   1 
ATOM   577  C CA  . ASP A 1 106 ? 21.335  -4.513  -4.574  1.00 37.89  ? 237  ASP A CA  1 
ATOM   578  C C   . ASP A 1 106 ? 19.893  -4.459  -5.123  1.00 41.08  ? 237  ASP A C   1 
ATOM   579  O O   . ASP A 1 106 ? 19.573  -3.586  -5.937  1.00 40.65  ? 237  ASP A O   1 
ATOM   580  C CB  . ASP A 1 106 ? 22.183  -3.340  -5.117  1.00 40.04  ? 237  ASP A CB  1 
ATOM   581  C CG  . ASP A 1 106 ? 23.547  -3.219  -4.467  1.00 52.95  ? 237  ASP A CG  1 
ATOM   582  O OD1 . ASP A 1 106 ? 23.645  -3.443  -3.238  1.00 55.81  ? 237  ASP A OD1 1 
ATOM   583  O OD2 . ASP A 1 106 ? 24.513  -2.900  -5.183  1.00 60.83  ? 237  ASP A OD2 1 
ATOM   584  N N   . ARG A 1 107 ? 19.030  -5.392  -4.679  1.00 37.79  ? 238  ARG A N   1 
ATOM   585  C CA  . ARG A 1 107 ? 17.607  -5.348  -5.042  1.00 36.76  ? 238  ARG A CA  1 
ATOM   586  C C   . ARG A 1 107 ? 17.018  -4.024  -4.449  1.00 37.71  ? 238  ARG A C   1 
ATOM   587  O O   . ARG A 1 107 ? 17.321  -3.674  -3.311  1.00 36.02  ? 238  ARG A O   1 
ATOM   588  C CB  . ARG A 1 107 ? 16.854  -6.591  -4.535  1.00 35.31  ? 238  ARG A CB  1 
ATOM   589  C CG  . ARG A 1 107 ? 15.424  -6.612  -5.057  1.00 39.83  ? 238  ARG A CG  1 
ATOM   590  C CD  . ARG A 1 107 ? 14.773  -7.964  -5.066  1.00 39.18  ? 238  ARG A CD  1 
ATOM   591  N NE  . ARG A 1 107 ? 13.321  -7.816  -5.143  1.00 35.74  ? 238  ARG A NE  1 
ATOM   592  C CZ  . ARG A 1 107 ? 12.457  -8.782  -4.881  1.00 41.00  ? 238  ARG A CZ  1 
ATOM   593  N NH1 . ARG A 1 107 ? 12.887  -9.999  -4.577  1.00 27.09  ? 238  ARG A NH1 1 
ATOM   594  N NH2 . ARG A 1 107 ? 11.150  -8.547  -4.943  1.00 26.80  ? 238  ARG A NH2 1 
ATOM   595  N N   . VAL A 1 108 ? 16.263  -3.270  -5.249  1.00 35.42  ? 239  VAL A N   1 
ATOM   596  C CA  . VAL A 1 108 ? 15.751  -1.954  -4.846  1.00 35.64  ? 239  VAL A CA  1 
ATOM   597  C C   . VAL A 1 108 ? 14.260  -1.963  -4.406  1.00 39.69  ? 239  VAL A C   1 
ATOM   598  O O   . VAL A 1 108 ? 13.410  -2.537  -5.090  1.00 38.52  ? 239  VAL A O   1 
ATOM   599  C CB  . VAL A 1 108 ? 16.012  -0.883  -5.952  1.00 39.46  ? 239  VAL A CB  1 
ATOM   600  C CG1 . VAL A 1 108 ? 15.555  0.508   -5.507  1.00 39.23  ? 239  VAL A CG1 1 
ATOM   601  C CG2 . VAL A 1 108 ? 17.486  -0.843  -6.377  1.00 38.80  ? 239  VAL A CG2 1 
ATOM   602  N N   . TYR A 1 109 ? 13.971  -1.276  -3.270  1.00 35.72  ? 240  TYR A N   1 
ATOM   603  C CA  . TYR A 1 109 ? 12.643  -1.048  -2.721  1.00 35.37  ? 240  TYR A CA  1 
ATOM   604  C C   . TYR A 1 109 ? 12.455  0.467   -2.728  1.00 41.36  ? 240  TYR A C   1 
ATOM   605  O O   . TYR A 1 109 ? 13.240  1.199   -2.132  1.00 40.03  ? 240  TYR A O   1 
ATOM   606  C CB  . TYR A 1 109 ? 12.495  -1.646  -1.317  1.00 36.37  ? 240  TYR A CB  1 
ATOM   607  C CG  . TYR A 1 109 ? 12.898  -3.099  -1.263  1.00 38.34  ? 240  TYR A CG  1 
ATOM   608  C CD1 . TYR A 1 109 ? 11.974  -4.109  -1.524  1.00 40.17  ? 240  TYR A CD1 1 
ATOM   609  C CD2 . TYR A 1 109 ? 14.219  -3.466  -1.023  1.00 39.38  ? 240  TYR A CD2 1 
ATOM   610  C CE1 . TYR A 1 109 ? 12.362  -5.450  -1.551  1.00 41.35  ? 240  TYR A CE1 1 
ATOM   611  C CE2 . TYR A 1 109 ? 14.619  -4.799  -1.061  1.00 40.53  ? 240  TYR A CE2 1 
ATOM   612  C CZ  . TYR A 1 109 ? 13.685  -5.788  -1.311  1.00 44.65  ? 240  TYR A CZ  1 
ATOM   613  O OH  . TYR A 1 109 ? 14.102  -7.090  -1.329  1.00 42.89  ? 240  TYR A OH  1 
ATOM   614  N N   . SER A 1 110 ? 11.455  0.924   -3.486  1.00 39.45  ? 241  SER A N   1 
ATOM   615  C CA  . SER A 1 110 ? 11.154  2.326   -3.720  1.00 39.05  ? 241  SER A CA  1 
ATOM   616  C C   . SER A 1 110 ? 9.786   2.691   -3.171  1.00 41.24  ? 241  SER A C   1 
ATOM   617  O O   . SER A 1 110 ? 8.866   1.885   -3.248  1.00 39.71  ? 241  SER A O   1 
ATOM   618  C CB  . SER A 1 110 ? 11.186  2.619   -5.214  1.00 44.01  ? 241  SER A CB  1 
ATOM   619  O OG  . SER A 1 110 ? 12.248  1.949   -5.874  1.00 54.57  ? 241  SER A OG  1 
ATOM   620  N N   . ASN A 1 111 ? 9.662   3.905   -2.596  1.00 37.20  ? 242  ASN A N   1 
ATOM   621  C CA  . ASN A 1 111 ? 8.398   4.415   -2.071  1.00 36.77  ? 242  ASN A CA  1 
ATOM   622  C C   . ASN A 1 111 ? 8.213   5.857   -2.516  1.00 39.28  ? 242  ASN A C   1 
ATOM   623  O O   . ASN A 1 111 ? 9.195   6.573   -2.710  1.00 37.86  ? 242  ASN A O   1 
ATOM   624  C CB  . ASN A 1 111 ? 8.344   4.300   -0.564  1.00 36.24  ? 242  ASN A CB  1 
ATOM   625  C CG  . ASN A 1 111 ? 8.543   2.897   -0.086  1.00 49.34  ? 242  ASN A CG  1 
ATOM   626  O OD1 . ASN A 1 111 ? 9.678   2.460   0.098   1.00 51.50  ? 242  ASN A OD1 1 
ATOM   627  N ND2 . ASN A 1 111 ? 7.458   2.155   0.085   1.00 36.33  ? 242  ASN A ND2 1 
ATOM   628  N N   . SER A 1 112 ? 6.958   6.267   -2.707  1.00 34.79  ? 243  SER A N   1 
ATOM   629  C CA  . SER A 1 112 ? 6.607   7.618   -3.148  1.00 34.12  ? 243  SER A CA  1 
ATOM   630  C C   . SER A 1 112 ? 5.874   8.433   -2.071  1.00 37.86  ? 243  SER A C   1 
ATOM   631  O O   . SER A 1 112 ? 5.080   7.885   -1.284  1.00 34.08  ? 243  SER A O   1 
ATOM   632  C CB  . SER A 1 112 ? 5.792   7.565   -4.432  1.00 35.29  ? 243  SER A CB  1 
ATOM   633  O OG  . SER A 1 112 ? 6.612   7.235   -5.539  1.00 36.39  ? 243  SER A OG  1 
ATOM   634  N N   . ILE A 1 113 ? 6.167   9.758   -2.044  1.00 36.53  ? 244  ILE A N   1 
ATOM   635  C CA  . ILE A 1 113 ? 5.591   10.725  -1.103  1.00 36.12  ? 244  ILE A CA  1 
ATOM   636  C C   . ILE A 1 113 ? 4.539   11.540  -1.825  1.00 38.92  ? 244  ILE A C   1 
ATOM   637  O O   . ILE A 1 113 ? 4.743   11.997  -2.953  1.00 37.54  ? 244  ILE A O   1 
ATOM   638  C CB  . ILE A 1 113 ? 6.658   11.616  -0.381  1.00 38.96  ? 244  ILE A CB  1 
ATOM   639  C CG1 . ILE A 1 113 ? 7.851   10.769  0.129   1.00 38.73  ? 244  ILE A CG1 1 
ATOM   640  C CG2 . ILE A 1 113 ? 6.028   12.432  0.767   1.00 38.87  ? 244  ILE A CG2 1 
ATOM   641  C CD1 . ILE A 1 113 ? 9.152   11.562  0.364   1.00 38.73  ? 244  ILE A CD1 1 
ATOM   642  N N   . TYR A 1 114 ? 3.390   11.662  -1.189  1.00 35.57  ? 245  TYR A N   1 
ATOM   643  C CA  . TYR A 1 114 ? 2.269   12.395  -1.737  1.00 35.09  ? 245  TYR A CA  1 
ATOM   644  C C   . TYR A 1 114 ? 1.755   13.472  -0.781  1.00 37.13  ? 245  TYR A C   1 
ATOM   645  O O   . TYR A 1 114 ? 1.767   13.291  0.439   1.00 34.07  ? 245  TYR A O   1 
ATOM   646  C CB  . TYR A 1 114 ? 1.124   11.423  -2.054  1.00 35.90  ? 245  TYR A CB  1 
ATOM   647  C CG  . TYR A 1 114 ? 1.405   10.563  -3.262  1.00 36.91  ? 245  TYR A CG  1 
ATOM   648  C CD1 . TYR A 1 114 ? 2.074   9.345   -3.138  1.00 37.57  ? 245  TYR A CD1 1 
ATOM   649  C CD2 . TYR A 1 114 ? 0.969   10.947  -4.528  1.00 37.46  ? 245  TYR A CD2 1 
ATOM   650  C CE1 . TYR A 1 114 ? 2.352   8.559   -4.255  1.00 36.10  ? 245  TYR A CE1 1 
ATOM   651  C CE2 . TYR A 1 114 ? 1.228   10.163  -5.647  1.00 38.34  ? 245  TYR A CE2 1 
ATOM   652  C CZ  . TYR A 1 114 ? 1.933   8.978   -5.508  1.00 42.78  ? 245  TYR A CZ  1 
ATOM   653  O OH  . TYR A 1 114 ? 2.180   8.231   -6.621  1.00 42.82  ? 245  TYR A OH  1 
ATOM   654  N N   . GLU A 1 115 ? 1.261   14.568  -1.361  1.00 34.88  ? 246  GLU A N   1 
ATOM   655  C CA  . GLU A 1 115 ? 0.610   15.639  -0.620  1.00 35.19  ? 246  GLU A CA  1 
ATOM   656  C C   . GLU A 1 115 ? -0.885  15.437  -0.830  1.00 38.94  ? 246  GLU A C   1 
ATOM   657  O O   . GLU A 1 115 ? -1.314  15.085  -1.926  1.00 38.26  ? 246  GLU A O   1 
ATOM   658  C CB  . GLU A 1 115 ? 1.053   17.023  -1.131  1.00 36.73  ? 246  GLU A CB  1 
ATOM   659  N N   . LEU A 1 116 ? -1.672  15.609  0.221   1.00 36.88  ? 247  LEU A N   1 
ATOM   660  C CA  . LEU A 1 116 ? -3.119  15.479  0.132   1.00 37.57  ? 247  LEU A CA  1 
ATOM   661  C C   . LEU A 1 116 ? -3.782  16.848  0.292   1.00 43.45  ? 247  LEU A C   1 
ATOM   662  O O   . LEU A 1 116 ? -3.552  17.548  1.280   1.00 42.98  ? 247  LEU A O   1 
ATOM   663  C CB  . LEU A 1 116 ? -3.634  14.448  1.120   1.00 38.20  ? 247  LEU A CB  1 
ATOM   664  C CG  . LEU A 1 116 ? -3.107  13.049  0.808   1.00 43.90  ? 247  LEU A CG  1 
ATOM   665  C CD1 . LEU A 1 116 ? -2.381  12.488  1.955   1.00 44.40  ? 247  LEU A CD1 1 
ATOM   666  C CD2 . LEU A 1 116 ? -4.188  12.150  0.306   1.00 47.31  ? 247  LEU A CD2 1 
ATOM   667  N N   . LEU A 1 117 ? -4.501  17.260  -0.748  1.00 40.16  ? 248  LEU A N   1 
ATOM   668  C CA  . LEU A 1 117 ? -5.188  18.536  -0.811  1.00 41.06  ? 248  LEU A CA  1 
ATOM   669  C C   . LEU A 1 117 ? -6.626  18.406  -0.335  1.00 44.18  ? 248  LEU A C   1 
ATOM   670  O O   . LEU A 1 117 ? -7.251  17.360  -0.508  1.00 43.12  ? 248  LEU A O   1 
ATOM   671  C CB  . LEU A 1 117 ? -5.136  19.136  -2.228  1.00 41.65  ? 248  LEU A CB  1 
ATOM   672  C CG  . LEU A 1 117 ? -3.754  19.212  -2.910  1.00 47.72  ? 248  LEU A CG  1 
ATOM   673  C CD1 . LEU A 1 117 ? -3.903  19.542  -4.391  1.00 48.24  ? 248  LEU A CD1 1 
ATOM   674  C CD2 . LEU A 1 117 ? -2.834  20.223  -2.223  1.00 50.48  ? 248  LEU A CD2 1 
ATOM   675  N N   . GLU A 1 118 ? -7.132  19.471  0.294   1.00 40.64  ? 249  GLU A N   1 
ATOM   676  C CA  . GLU A 1 118 ? -8.487  19.575  0.825   1.00 40.63  ? 249  GLU A CA  1 
ATOM   677  C C   . GLU A 1 118 ? -8.879  21.050  0.671   1.00 48.15  ? 249  GLU A C   1 
ATOM   678  O O   . GLU A 1 118 ? -8.352  21.914  1.381   1.00 48.27  ? 249  GLU A O   1 
ATOM   679  C CB  . GLU A 1 118 ? -8.505  19.124  2.291   1.00 41.61  ? 249  GLU A CB  1 
ATOM   680  C CG  . GLU A 1 118 ? -9.871  19.114  2.945   1.00 48.43  ? 249  GLU A CG  1 
ATOM   681  C CD  . GLU A 1 118 ? -9.774  18.838  4.431   1.00 70.61  ? 249  GLU A CD  1 
ATOM   682  O OE1 . GLU A 1 118 ? -9.302  19.727  5.176   1.00 74.20  ? 249  GLU A OE1 1 
ATOM   683  O OE2 . GLU A 1 118 ? -10.153 17.722  4.852   1.00 66.58  ? 249  GLU A OE2 1 
ATOM   684  N N   . ASN A 1 119 ? -9.723  21.338  -0.344  1.00 46.22  ? 250  ASN A N   1 
ATOM   685  C CA  . ASN A 1 119 ? -10.209 22.674  -0.695  1.00 45.43  ? 250  ASN A CA  1 
ATOM   686  C C   . ASN A 1 119 ? -9.063  23.647  -0.974  1.00 47.90  ? 250  ASN A C   1 
ATOM   687  O O   . ASN A 1 119 ? -9.018  24.753  -0.431  1.00 48.52  ? 250  ASN A O   1 
ATOM   688  C CB  . ASN A 1 119 ? -11.199 23.203  0.368   1.00 47.22  ? 250  ASN A CB  1 
ATOM   689  C CG  . ASN A 1 119 ? -12.401 22.308  0.589   1.00 74.38  ? 250  ASN A CG  1 
ATOM   690  O OD1 . ASN A 1 119 ? -12.702 21.913  1.720   1.00 70.06  ? 250  ASN A OD1 1 
ATOM   691  N ND2 . ASN A 1 119 ? -13.123 21.965  -0.480  1.00 66.88  ? 250  ASN A ND2 1 
ATOM   692  N N   . GLY A 1 120 ? -8.120  23.206  -1.791  1.00 42.74  ? 251  GLY A N   1 
ATOM   693  C CA  . GLY A 1 120 ? -6.965  24.020  -2.163  1.00 42.43  ? 251  GLY A CA  1 
ATOM   694  C C   . GLY A 1 120 ? -5.804  24.013  -1.186  1.00 45.32  ? 251  GLY A C   1 
ATOM   695  O O   . GLY A 1 120 ? -4.711  24.447  -1.546  1.00 46.12  ? 251  GLY A O   1 
ATOM   696  N N   . GLN A 1 121 ? -6.011  23.490  0.036   1.00 40.55  ? 252  GLN A N   1 
ATOM   697  C CA  . GLN A 1 121 ? -4.989  23.408  1.095   1.00 39.27  ? 252  GLN A CA  1 
ATOM   698  C C   . GLN A 1 121 ? -4.277  22.059  1.209   1.00 40.56  ? 252  GLN A C   1 
ATOM   699  O O   . GLN A 1 121 ? -4.943  21.025  1.217   1.00 39.88  ? 252  GLN A O   1 
ATOM   700  C CB  . GLN A 1 121 ? -5.631  23.694  2.483   1.00 40.06  ? 252  GLN A CB  1 
ATOM   701  C CG  . GLN A 1 121 ? -6.257  25.074  2.638   1.00 47.46  ? 252  GLN A CG  1 
ATOM   702  C CD  . GLN A 1 121 ? -5.257  26.150  2.343   1.00 52.25  ? 252  GLN A CD  1 
ATOM   703  O OE1 . GLN A 1 121 ? -4.143  26.157  2.866   1.00 49.68  ? 252  GLN A OE1 1 
ATOM   704  N NE2 . GLN A 1 121 ? -5.623  27.052  1.466   1.00 37.65  ? 252  GLN A NE2 1 
ATOM   705  N N   . ARG A 1 122 ? -2.943  22.086  1.440   1.00 35.92  ? 253  ARG A N   1 
ATOM   706  C CA  . ARG A 1 122 ? -2.153  20.892  1.749   1.00 35.58  ? 253  ARG A CA  1 
ATOM   707  C C   . ARG A 1 122 ? -2.553  20.500  3.181   1.00 37.86  ? 253  ARG A C   1 
ATOM   708  O O   . ARG A 1 122 ? -2.222  21.204  4.134   1.00 34.90  ? 253  ARG A O   1 
ATOM   709  C CB  . ARG A 1 122 ? -0.641  21.168  1.698   1.00 34.76  ? 253  ARG A CB  1 
ATOM   710  C CG  . ARG A 1 122 ? -0.091  21.481  0.306   1.00 49.46  ? 253  ARG A CG  1 
ATOM   711  C CD  . ARG A 1 122 ? 1.431   21.544  0.278   1.00 65.74  ? 253  ARG A CD  1 
ATOM   712  N NE  . ARG A 1 122 ? 1.958   22.588  1.161   1.00 74.26  ? 253  ARG A NE  1 
ATOM   713  C CZ  . ARG A 1 122 ? 2.502   22.362  2.353   1.00 88.53  ? 253  ARG A CZ  1 
ATOM   714  N NH1 . ARG A 1 122 ? 2.618   21.123  2.816   1.00 78.14  ? 253  ARG A NH1 1 
ATOM   715  N NH2 . ARG A 1 122 ? 2.930   23.375  3.094   1.00 73.88  ? 253  ARG A NH2 1 
ATOM   716  N N   . ALA A 1 123 ? -3.337  19.423  3.301   1.00 35.75  ? 254  ALA A N   1 
ATOM   717  C CA  . ALA A 1 123 ? -3.860  18.895  4.547   1.00 35.64  ? 254  ALA A CA  1 
ATOM   718  C C   . ALA A 1 123 ? -3.025  17.749  5.152   1.00 39.77  ? 254  ALA A C   1 
ATOM   719  O O   . ALA A 1 123 ? -3.162  17.450  6.336   1.00 37.98  ? 254  ALA A O   1 
ATOM   720  C CB  . ALA A 1 123 ? -5.307  18.480  4.348   1.00 36.46  ? 254  ALA A CB  1 
ATOM   721  N N   . GLY A 1 124 ? -2.135  17.160  4.358   1.00 38.82  ? 255  GLY A N   1 
ATOM   722  C CA  . GLY A 1 124 ? -1.277  16.065  4.813   1.00 38.78  ? 255  GLY A CA  1 
ATOM   723  C C   . GLY A 1 124 ? -0.205  15.679  3.822   1.00 41.77  ? 255  GLY A C   1 
ATOM   724  O O   . GLY A 1 124 ? -0.328  15.961  2.627   1.00 41.42  ? 255  GLY A O   1 
ATOM   725  N N   . THR A 1 125 ? 0.882   15.082  4.326   1.00 37.57  ? 256  THR A N   1 
ATOM   726  C CA  . THR A 1 125 ? 2.001   14.590  3.516   1.00 37.15  ? 256  THR A CA  1 
ATOM   727  C C   . THR A 1 125 ? 2.411   13.197  4.009   1.00 41.40  ? 256  THR A C   1 
ATOM   728  O O   . THR A 1 125 ? 2.857   13.051  5.155   1.00 40.09  ? 256  THR A O   1 
ATOM   729  C CB  . THR A 1 125 ? 3.157   15.583  3.439   1.00 43.43  ? 256  THR A CB  1 
ATOM   730  O OG1 . THR A 1 125 ? 2.651   16.852  3.043   1.00 50.85  ? 256  THR A OG1 1 
ATOM   731  C CG2 . THR A 1 125 ? 4.221   15.157  2.429   1.00 40.15  ? 256  THR A CG2 1 
ATOM   732  N N   . CYS A 1 126 ? 2.270   12.178  3.141   1.00 38.15  ? 257  CYS A N   1 
ATOM   733  C CA  . CYS A 1 126 ? 2.610   10.803  3.540   1.00 38.07  ? 257  CYS A CA  1 
ATOM   734  C C   . CYS A 1 126 ? 3.142   9.916   2.419   1.00 37.00  ? 257  CYS A C   1 
ATOM   735  O O   . CYS A 1 126 ? 2.960   10.184  1.228   1.00 34.87  ? 257  CYS A O   1 
ATOM   736  C CB  . CYS A 1 126 ? 1.417   10.143  4.224   1.00 39.29  ? 257  CYS A CB  1 
ATOM   737  S SG  . CYS A 1 126 ? 0.031   9.824   3.108   1.00 44.15  ? 257  CYS A SG  1 
ATOM   738  N N   . VAL A 1 127 ? 3.798   8.836   2.840   1.00 34.90  ? 258  VAL A N   1 
ATOM   739  C CA  . VAL A 1 127 ? 4.296   7.755   1.987   1.00 34.23  ? 258  VAL A CA  1 
ATOM   740  C C   . VAL A 1 127 ? 3.016   6.924   1.724   1.00 33.65  ? 258  VAL A C   1 
ATOM   741  O O   . VAL A 1 127 ? 2.359   6.458   2.656   1.00 32.63  ? 258  VAL A O   1 
ATOM   742  C CB  . VAL A 1 127 ? 5.453   6.949   2.654   1.00 38.23  ? 258  VAL A CB  1 
ATOM   743  C CG1 . VAL A 1 127 ? 6.037   5.934   1.674   1.00 37.83  ? 258  VAL A CG1 1 
ATOM   744  C CG2 . VAL A 1 127 ? 6.552   7.887   3.157   1.00 37.99  ? 258  VAL A CG2 1 
ATOM   745  N N   . LEU A 1 128 ? 2.601   6.882   0.473   1.00 30.46  ? 259  LEU A N   1 
ATOM   746  C CA  . LEU A 1 128 ? 1.332   6.292   0.064   1.00 30.68  ? 259  LEU A CA  1 
ATOM   747  C C   . LEU A 1 128 ? 1.498   5.452   -1.190  1.00 34.28  ? 259  LEU A C   1 
ATOM   748  O O   . LEU A 1 128 ? 2.237   5.823   -2.094  1.00 33.73  ? 259  LEU A O   1 
ATOM   749  C CB  . LEU A 1 128 ? 0.344   7.449   -0.190  1.00 30.96  ? 259  LEU A CB  1 
ATOM   750  C CG  . LEU A 1 128 ? -1.126  7.154   -0.506  1.00 35.14  ? 259  LEU A CG  1 
ATOM   751  C CD1 . LEU A 1 128 ? -1.861  6.589   0.706   1.00 34.10  ? 259  LEU A CD1 1 
ATOM   752  C CD2 . LEU A 1 128 ? -1.831  8.441   -0.963  1.00 37.41  ? 259  LEU A CD2 1 
ATOM   753  N N   . GLU A 1 129 ? 0.788   4.319   -1.238  1.00 31.03  ? 260  GLU A N   1 
ATOM   754  C CA  . GLU A 1 129 ? 0.848   3.391   -2.358  1.00 30.36  ? 260  GLU A CA  1 
ATOM   755  C C   . GLU A 1 129 ? -0.298  2.396   -2.310  1.00 32.65  ? 260  GLU A C   1 
ATOM   756  O O   . GLU A 1 129 ? -0.875  2.167   -1.259  1.00 31.71  ? 260  GLU A O   1 
ATOM   757  C CB  . GLU A 1 129 ? 2.179   2.602   -2.333  1.00 31.01  ? 260  GLU A CB  1 
ATOM   758  C CG  . GLU A 1 129 ? 2.405   1.804   -1.057  1.00 30.17  ? 260  GLU A CG  1 
ATOM   759  C CD  . GLU A 1 129 ? 3.844   1.401   -0.856  1.00 43.75  ? 260  GLU A CD  1 
ATOM   760  O OE1 . GLU A 1 129 ? 4.083   0.187   -0.678  1.00 37.53  ? 260  GLU A OE1 1 
ATOM   761  O OE2 . GLU A 1 129 ? 4.733   2.287   -0.866  1.00 34.50  ? 260  GLU A OE2 1 
ATOM   762  N N   . TYR A 1 130 ? -0.586  1.770   -3.444  1.00 27.51  ? 261  TYR A N   1 
ATOM   763  C CA  . TYR A 1 130 ? -1.569  0.710   -3.506  1.00 26.97  ? 261  TYR A CA  1 
ATOM   764  C C   . TYR A 1 130 ? -0.865  -0.605  -3.121  1.00 30.07  ? 261  TYR A C   1 
ATOM   765  O O   . TYR A 1 130 ? 0.341   -0.789  -3.390  1.00 27.79  ? 261  TYR A O   1 
ATOM   766  C CB  . TYR A 1 130 ? -2.086  0.558   -4.937  1.00 27.70  ? 261  TYR A CB  1 
ATOM   767  C CG  . TYR A 1 130 ? -3.095  1.593   -5.335  1.00 29.25  ? 261  TYR A CG  1 
ATOM   768  C CD1 . TYR A 1 130 ? -4.422  1.487   -4.934  1.00 30.42  ? 261  TYR A CD1 1 
ATOM   769  C CD2 . TYR A 1 130 ? -2.746  2.652   -6.171  1.00 31.23  ? 261  TYR A CD2 1 
ATOM   770  C CE1 . TYR A 1 130 ? -5.356  2.457   -5.275  1.00 30.44  ? 261  TYR A CE1 1 
ATOM   771  C CE2 . TYR A 1 130 ? -3.688  3.602   -6.562  1.00 32.20  ? 261  TYR A CE2 1 
ATOM   772  C CZ  . TYR A 1 130 ? -4.992  3.499   -6.108  1.00 35.16  ? 261  TYR A CZ  1 
ATOM   773  O OH  . TYR A 1 130 ? -5.938  4.423   -6.477  1.00 35.95  ? 261  TYR A OH  1 
ATOM   774  N N   . ALA A 1 131 ? -1.633  -1.520  -2.523  1.00 25.71  ? 262  ALA A N   1 
ATOM   775  C CA  . ALA A 1 131 ? -1.194  -2.866  -2.210  1.00 25.72  ? 262  ALA A CA  1 
ATOM   776  C C   . ALA A 1 131 ? -1.176  -3.610  -3.555  1.00 30.02  ? 262  ALA A C   1 
ATOM   777  O O   . ALA A 1 131 ? -2.228  -3.958  -4.085  1.00 28.01  ? 262  ALA A O   1 
ATOM   778  C CB  . ALA A 1 131 ? -2.176  -3.518  -1.251  1.00 26.83  ? 262  ALA A CB  1 
ATOM   779  N N   . THR A 1 132 ? 0.034   -3.824  -4.117  1.00 29.14  ? 263  THR A N   1 
ATOM   780  C CA  . THR A 1 132 ? 0.254   -4.495  -5.416  1.00 29.30  ? 263  THR A CA  1 
ATOM   781  C C   . THR A 1 132 ? -0.408  -5.891  -5.575  1.00 30.84  ? 263  THR A C   1 
ATOM   782  O O   . THR A 1 132 ? -0.882  -6.146  -6.679  1.00 30.47  ? 263  THR A O   1 
ATOM   783  C CB  . THR A 1 132 ? 1.750   -4.569  -5.763  1.00 37.91  ? 263  THR A CB  1 
ATOM   784  O OG1 . THR A 1 132 ? 2.503   -4.902  -4.602  1.00 40.94  ? 263  THR A OG1 1 
ATOM   785  C CG2 . THR A 1 132 ? 2.266   -3.271  -6.325  1.00 36.46  ? 263  THR A CG2 1 
ATOM   786  N N   . PRO A 1 133 ? -0.527  -6.786  -4.544  1.00 27.34  ? 264  PRO A N   1 
ATOM   787  C CA  . PRO A 1 133 ? -1.169  -8.095  -4.785  1.00 25.98  ? 264  PRO A CA  1 
ATOM   788  C C   . PRO A 1 133 ? -2.612  -8.008  -5.289  1.00 30.42  ? 264  PRO A C   1 
ATOM   789  O O   . PRO A 1 133 ? -3.131  -8.992  -5.830  1.00 28.23  ? 264  PRO A O   1 
ATOM   790  C CB  . PRO A 1 133 ? -1.117  -8.767  -3.407  1.00 27.10  ? 264  PRO A CB  1 
ATOM   791  C CG  . PRO A 1 133 ? 0.103   -8.184  -2.775  1.00 30.51  ? 264  PRO A CG  1 
ATOM   792  C CD  . PRO A 1 133 ? 0.023   -6.734  -3.165  1.00 26.37  ? 264  PRO A CD  1 
ATOM   793  N N   . LEU A 1 134 ? -3.271  -6.849  -5.102  1.00 28.96  ? 265  LEU A N   1 
ATOM   794  C CA  . LEU A 1 134 ? -4.642  -6.685  -5.593  1.00 30.23  ? 265  LEU A CA  1 
ATOM   795  C C   . LEU A 1 134 ? -4.673  -6.683  -7.127  1.00 35.03  ? 265  LEU A C   1 
ATOM   796  O O   . LEU A 1 134 ? -5.664  -7.103  -7.691  1.00 36.54  ? 265  LEU A O   1 
ATOM   797  C CB  . LEU A 1 134 ? -5.352  -5.477  -4.983  1.00 30.42  ? 265  LEU A CB  1 
ATOM   798  C CG  . LEU A 1 134 ? -5.436  -5.471  -3.440  1.00 35.37  ? 265  LEU A CG  1 
ATOM   799  C CD1 . LEU A 1 134 ? -5.833  -4.105  -2.946  1.00 36.19  ? 265  LEU A CD1 1 
ATOM   800  C CD2 . LEU A 1 134 ? -6.389  -6.538  -2.905  1.00 33.48  ? 265  LEU A CD2 1 
ATOM   801  N N   . GLN A 1 135 ? -3.543  -6.343  -7.785  1.00 31.47  ? 266  GLN A N   1 
ATOM   802  C CA  . GLN A 1 135 ? -3.385  -6.402  -9.245  1.00 30.98  ? 266  GLN A CA  1 
ATOM   803  C C   . GLN A 1 135 ? -3.371  -7.861  -9.676  1.00 35.02  ? 266  GLN A C   1 
ATOM   804  O O   . GLN A 1 135 ? -3.865  -8.155  -10.762 1.00 35.45  ? 266  GLN A O   1 
ATOM   805  C CB  . GLN A 1 135 ? -2.069  -5.738  -9.706  1.00 32.52  ? 266  GLN A CB  1 
ATOM   806  C CG  . GLN A 1 135 ? -2.118  -4.212  -9.733  1.00 43.83  ? 266  GLN A CG  1 
ATOM   807  C CD  . GLN A 1 135 ? -0.914  -3.587  -10.426 1.00 51.95  ? 266  GLN A CD  1 
ATOM   808  O OE1 . GLN A 1 135 ? 0.226   -4.009  -10.258 1.00 43.84  ? 266  GLN A OE1 1 
ATOM   809  N NE2 . GLN A 1 135 ? -1.134  -2.548  -11.212 1.00 41.09  ? 266  GLN A NE2 1 
ATOM   810  N N   . THR A 1 136 ? -2.767  -8.772  -8.846  1.00 30.79  ? 267  THR A N   1 
ATOM   811  C CA  . THR A 1 136 ? -2.729  -10.216 -9.115  1.00 30.10  ? 267  THR A CA  1 
ATOM   812  C C   . THR A 1 136 ? -4.126  -10.761 -9.080  1.00 30.82  ? 267  THR A C   1 
ATOM   813  O O   . THR A 1 136 ? -4.472  -11.513 -9.973  1.00 30.97  ? 267  THR A O   1 
ATOM   814  C CB  . THR A 1 136 ? -1.726  -10.990 -8.211  1.00 34.38  ? 267  THR A CB  1 
ATOM   815  O OG1 . THR A 1 136 ? -0.423  -10.608 -8.581  1.00 39.64  ? 267  THR A OG1 1 
ATOM   816  C CG2 . THR A 1 136 ? -1.797  -12.507 -8.396  1.00 30.48  ? 267  THR A CG2 1 
ATOM   817  N N   . LEU A 1 137 ? -4.941  -10.372 -8.083  1.00 27.01  ? 268  LEU A N   1 
ATOM   818  C CA  . LEU A 1 137 ? -6.346  -10.805 -8.017  1.00 27.06  ? 268  LEU A CA  1 
ATOM   819  C C   . LEU A 1 137 ? -7.107  -10.311 -9.250  1.00 30.78  ? 268  LEU A C   1 
ATOM   820  O O   . LEU A 1 137 ? -7.782  -11.097 -9.881  1.00 28.55  ? 268  LEU A O   1 
ATOM   821  C CB  . LEU A 1 137 ? -7.051  -10.327 -6.723  1.00 26.62  ? 268  LEU A CB  1 
ATOM   822  C CG  . LEU A 1 137 ? -6.475  -10.859 -5.390  1.00 30.75  ? 268  LEU A CG  1 
ATOM   823  C CD1 . LEU A 1 137 ? -7.137  -10.197 -4.226  1.00 29.64  ? 268  LEU A CD1 1 
ATOM   824  C CD2 . LEU A 1 137 ? -6.585  -12.390 -5.298  1.00 30.40  ? 268  LEU A CD2 1 
ATOM   825  N N   . PHE A 1 138 ? -6.964  -9.022  -9.601  1.00 28.17  ? 269  PHE A N   1 
ATOM   826  C CA  . PHE A 1 138 ? -7.582  -8.490  -10.795 1.00 28.86  ? 269  PHE A CA  1 
ATOM   827  C C   . PHE A 1 138 ? -7.185  -9.315  -12.041 1.00 32.78  ? 269  PHE A C   1 
ATOM   828  O O   . PHE A 1 138 ? -8.073  -9.812  -12.723 1.00 30.18  ? 269  PHE A O   1 
ATOM   829  C CB  . PHE A 1 138 ? -7.294  -6.986  -10.979 1.00 30.86  ? 269  PHE A CB  1 
ATOM   830  C CG  . PHE A 1 138 ? -8.174  -6.383  -12.050 1.00 33.18  ? 269  PHE A CG  1 
ATOM   831  C CD1 . PHE A 1 138 ? -7.768  -6.375  -13.389 1.00 36.82  ? 269  PHE A CD1 1 
ATOM   832  C CD2 . PHE A 1 138 ? -9.425  -5.863  -11.733 1.00 35.15  ? 269  PHE A CD2 1 
ATOM   833  C CE1 . PHE A 1 138 ? -8.603  -5.856  -14.389 1.00 37.75  ? 269  PHE A CE1 1 
ATOM   834  C CE2 . PHE A 1 138 ? -10.252 -5.322  -12.725 1.00 38.28  ? 269  PHE A CE2 1 
ATOM   835  C CZ  . PHE A 1 138 ? -9.842  -5.334  -14.047 1.00 36.98  ? 269  PHE A CZ  1 
ATOM   836  N N   . ALA A 1 139 ? -5.864  -9.522  -12.284 1.00 31.45  ? 270  ALA A N   1 
ATOM   837  C CA  . ALA A 1 139 ? -5.376  -10.252 -13.450 1.00 31.22  ? 270  ALA A CA  1 
ATOM   838  C C   . ALA A 1 139 ? -5.802  -11.696 -13.476 1.00 35.16  ? 270  ALA A C   1 
ATOM   839  O O   . ALA A 1 139 ? -6.171  -12.183 -14.546 1.00 34.36  ? 270  ALA A O   1 
ATOM   840  C CB  . ALA A 1 139 ? -3.860  -10.135 -13.568 1.00 32.00  ? 270  ALA A CB  1 
ATOM   841  N N   . MET A 1 140 ? -5.759  -12.400 -12.314 1.00 30.09  ? 271  MET A N   1 
ATOM   842  C CA  . MET A 1 140 ? -6.168  -13.804 -12.233 1.00 28.20  ? 271  MET A CA  1 
ATOM   843  C C   . MET A 1 140 ? -7.645  -13.944 -12.567 1.00 35.55  ? 271  MET A C   1 
ATOM   844  O O   . MET A 1 140 ? -8.037  -14.949 -13.166 1.00 37.91  ? 271  MET A O   1 
ATOM   845  C CB  . MET A 1 140 ? -5.908  -14.397 -10.831 1.00 29.54  ? 271  MET A CB  1 
ATOM   846  C CG  . MET A 1 140 ? -4.479  -14.756 -10.567 1.00 31.27  ? 271  MET A CG  1 
ATOM   847  S SD  . MET A 1 140 ? -4.267  -15.383 -8.877  1.00 34.34  ? 271  MET A SD  1 
ATOM   848  C CE  . MET A 1 140 ? -4.682  -17.145 -9.132  1.00 30.35  ? 271  MET A CE  1 
ATOM   849  N N   . SER A 1 141 ? -8.476  -12.947 -12.180 1.00 30.64  ? 272  SER A N   1 
ATOM   850  C CA  . SER A 1 141 ? -9.909  -13.000 -12.489 1.00 30.33  ? 272  SER A CA  1 
ATOM   851  C C   . SER A 1 141 ? -10.178 -12.847 -14.019 1.00 36.34  ? 272  SER A C   1 
ATOM   852  O O   . SER A 1 141 ? -11.276 -13.173 -14.475 1.00 35.48  ? 272  SER A O   1 
ATOM   853  C CB  . SER A 1 141 ? -10.669 -11.942 -11.699 1.00 30.41  ? 272  SER A CB  1 
ATOM   854  O OG  . SER A 1 141 ? -10.517 -10.648 -12.264 1.00 32.86  ? 272  SER A OG  1 
ATOM   855  N N   . GLN A 1 142 ? -9.166  -12.356 -14.787 1.00 33.72  ? 273  GLN A N   1 
ATOM   856  C CA  . GLN A 1 142 ? -9.256  -12.122 -16.232 1.00 34.38  ? 273  GLN A CA  1 
ATOM   857  C C   . GLN A 1 142 ? -8.656  -13.235 -17.112 1.00 40.27  ? 273  GLN A C   1 
ATOM   858  O O   . GLN A 1 142 ? -9.082  -13.363 -18.256 1.00 40.07  ? 273  GLN A O   1 
ATOM   859  C CB  . GLN A 1 142 ? -8.647  -10.762 -16.609 1.00 35.42  ? 273  GLN A CB  1 
ATOM   860  C CG  . GLN A 1 142 ? -9.372  -9.599  -15.931 1.00 50.28  ? 273  GLN A CG  1 
ATOM   861  C CD  . GLN A 1 142 ? -9.420  -8.338  -16.755 1.00 75.43  ? 273  GLN A CD  1 
ATOM   862  O OE1 . GLN A 1 142 ? -10.492 -7.739  -16.937 1.00 71.10  ? 273  GLN A OE1 1 
ATOM   863  N NE2 . GLN A 1 142 ? -8.266  -7.888  -17.253 1.00 63.79  ? 273  GLN A NE2 1 
ATOM   864  N N   . TYR A 1 143 ? -7.643  -13.988 -16.619 1.00 36.92  ? 274  TYR A N   1 
ATOM   865  C CA  . TYR A 1 143 ? -7.000  -15.081 -17.365 1.00 37.05  ? 274  TYR A CA  1 
ATOM   866  C C   . TYR A 1 143 ? -7.746  -16.363 -17.062 1.00 38.78  ? 274  TYR A C   1 
ATOM   867  O O   . TYR A 1 143 ? -7.793  -16.762 -15.896 1.00 36.98  ? 274  TYR A O   1 
ATOM   868  C CB  . TYR A 1 143 ? -5.542  -15.293 -16.933 1.00 40.35  ? 274  TYR A CB  1 
ATOM   869  C CG  . TYR A 1 143 ? -4.535  -14.264 -17.391 1.00 46.32  ? 274  TYR A CG  1 
ATOM   870  C CD1 . TYR A 1 143 ? -3.753  -14.483 -18.522 1.00 49.40  ? 274  TYR A CD1 1 
ATOM   871  C CD2 . TYR A 1 143 ? -4.228  -13.163 -16.597 1.00 48.16  ? 274  TYR A CD2 1 
ATOM   872  C CE1 . TYR A 1 143 ? -2.761  -13.579 -18.906 1.00 52.54  ? 274  TYR A CE1 1 
ATOM   873  C CE2 . TYR A 1 143 ? -3.251  -12.242 -16.976 1.00 49.73  ? 274  TYR A CE2 1 
ATOM   874  C CZ  . TYR A 1 143 ? -2.514  -12.454 -18.130 1.00 60.80  ? 274  TYR A CZ  1 
ATOM   875  O OH  . TYR A 1 143 ? -1.545  -11.542 -18.502 1.00 63.29  ? 274  TYR A OH  1 
ATOM   876  N N   . SER A 1 144 ? -8.274  -17.047 -18.100 1.00 34.70  ? 275  SER A N   1 
ATOM   877  C CA  . SER A 1 144 ? -9.004  -18.330 -17.964 1.00 34.57  ? 275  SER A CA  1 
ATOM   878  C C   . SER A 1 144 ? -8.195  -19.446 -17.277 1.00 35.85  ? 275  SER A C   1 
ATOM   879  O O   . SER A 1 144 ? -8.768  -20.208 -16.511 1.00 33.55  ? 275  SER A O   1 
ATOM   880  C CB  . SER A 1 144 ? -9.533  -18.812 -19.318 1.00 38.19  ? 275  SER A CB  1 
ATOM   881  O OG  . SER A 1 144 ? -8.526  -18.693 -20.307 1.00 50.25  ? 275  SER A OG  1 
ATOM   882  N N   . GLN A 1 145 ? -6.872  -19.511 -17.521 1.00 34.27  ? 276  GLN A N   1 
ATOM   883  C CA  . GLN A 1 145 ? -5.982  -20.522 -16.927 1.00 36.38  ? 276  GLN A CA  1 
ATOM   884  C C   . GLN A 1 145 ? -5.792  -20.365 -15.398 1.00 43.33  ? 276  GLN A C   1 
ATOM   885  O O   . GLN A 1 145 ? -5.465  -21.354 -14.736 1.00 43.94  ? 276  GLN A O   1 
ATOM   886  C CB  . GLN A 1 145 ? -4.617  -20.532 -17.646 1.00 38.14  ? 276  GLN A CB  1 
ATOM   887  N N   . ALA A 1 146 ? -6.002  -19.131 -14.842 1.00 39.26  ? 277  ALA A N   1 
ATOM   888  C CA  . ALA A 1 146 ? -5.853  -18.859 -13.408 1.00 39.76  ? 277  ALA A CA  1 
ATOM   889  C C   . ALA A 1 146 ? -6.916  -19.526 -12.529 1.00 48.41  ? 277  ALA A C   1 
ATOM   890  O O   . ALA A 1 146 ? -6.679  -19.712 -11.335 1.00 47.32  ? 277  ALA A O   1 
ATOM   891  C CB  . ALA A 1 146 ? -5.803  -17.362 -13.147 1.00 39.83  ? 277  ALA A CB  1 
ATOM   892  N N   . GLY A 1 147 ? -8.059  -19.894 -13.124 1.00 48.55  ? 278  GLY A N   1 
ATOM   893  C CA  . GLY A 1 147 ? -9.164  -20.567 -12.439 1.00 48.89  ? 278  GLY A CA  1 
ATOM   894  C C   . GLY A 1 147 ? -9.727  -19.793 -11.264 1.00 54.05  ? 278  GLY A C   1 
ATOM   895  O O   . GLY A 1 147 ? -9.877  -20.322 -10.161 1.00 55.54  ? 278  GLY A O   1 
ATOM   896  N N   . PHE A 1 148 ? -10.045 -18.536 -11.513 1.00 50.29  ? 279  PHE A N   1 
ATOM   897  C CA  . PHE A 1 148 ? -10.545 -17.562 -10.561 1.00 49.21  ? 279  PHE A CA  1 
ATOM   898  C C   . PHE A 1 148 ? -11.592 -16.756 -11.317 1.00 49.43  ? 279  PHE A C   1 
ATOM   899  O O   . PHE A 1 148 ? -11.250 -16.115 -12.300 1.00 47.71  ? 279  PHE A O   1 
ATOM   900  C CB  . PHE A 1 148 ? -9.344  -16.665 -10.219 1.00 52.06  ? 279  PHE A CB  1 
ATOM   901  C CG  . PHE A 1 148 ? -9.467  -15.649 -9.117  1.00 54.35  ? 279  PHE A CG  1 
ATOM   902  C CD1 . PHE A 1 148 ? -10.342 -14.577 -9.234  1.00 57.48  ? 279  PHE A CD1 1 
ATOM   903  C CD2 . PHE A 1 148 ? -8.608  -15.682 -8.029  1.00 58.19  ? 279  PHE A CD2 1 
ATOM   904  C CE1 . PHE A 1 148 ? -10.401 -13.589 -8.256  1.00 59.27  ? 279  PHE A CE1 1 
ATOM   905  C CE2 . PHE A 1 148 ? -8.668  -14.696 -7.050  1.00 61.74  ? 279  PHE A CE2 1 
ATOM   906  C CZ  . PHE A 1 148 ? -9.553  -13.643 -7.179  1.00 59.64  ? 279  PHE A CZ  1 
ATOM   907  N N   . SER A 1 149 ? -12.857 -16.787 -10.887 1.00 45.33  ? 280  SER A N   1 
ATOM   908  C CA  . SER A 1 149 ? -13.922 -16.053 -11.579 1.00 44.62  ? 280  SER A CA  1 
ATOM   909  C C   . SER A 1 149 ? -13.846 -14.555 -11.326 1.00 46.49  ? 280  SER A C   1 
ATOM   910  O O   . SER A 1 149 ? -13.403 -14.149 -10.264 1.00 46.09  ? 280  SER A O   1 
ATOM   911  C CB  . SER A 1 149 ? -15.293 -16.589 -11.163 1.00 48.54  ? 280  SER A CB  1 
ATOM   912  N N   . ARG A 1 150 ? -14.349 -13.735 -12.262 1.00 43.42  ? 281  ARG A N   1 
ATOM   913  C CA  . ARG A 1 150 ? -14.402 -12.272 -12.133 1.00 44.19  ? 281  ARG A CA  1 
ATOM   914  C C   . ARG A 1 150 ? -15.277 -11.811 -10.964 1.00 48.63  ? 281  ARG A C   1 
ATOM   915  O O   . ARG A 1 150 ? -15.095 -10.696 -10.471 1.00 48.98  ? 281  ARG A O   1 
ATOM   916  C CB  . ARG A 1 150 ? -14.879 -11.621 -13.447 1.00 47.35  ? 281  ARG A CB  1 
ATOM   917  N N   . GLU A 1 151 ? -16.200 -12.686 -10.508 1.00 44.81  ? 282  GLU A N   1 
ATOM   918  C CA  . GLU A 1 151 ? -17.148 -12.471 -9.401  1.00 44.41  ? 282  GLU A CA  1 
ATOM   919  C C   . GLU A 1 151 ? -16.469 -12.624 -8.040  1.00 45.62  ? 282  GLU A C   1 
ATOM   920  O O   . GLU A 1 151 ? -16.999 -12.141 -7.042  1.00 43.27  ? 282  GLU A O   1 
ATOM   921  C CB  . GLU A 1 151 ? -18.299 -13.508 -9.468  1.00 45.75  ? 282  GLU A CB  1 
ATOM   922  C CG  . GLU A 1 151 ? -19.236 -13.352 -10.645 1.00 57.40  ? 282  GLU A CG  1 
ATOM   923  C CD  . GLU A 1 151 ? -20.290 -14.437 -10.811 1.00 78.46  ? 282  GLU A CD  1 
ATOM   924  O OE1 . GLU A 1 151 ? -20.186 -15.498 -10.151 1.00 50.30  ? 282  GLU A OE1 1 
ATOM   925  O OE2 . GLU A 1 151 ? -21.219 -14.223 -11.623 1.00 76.06  ? 282  GLU A OE2 1 
ATOM   926  N N   . ASP A 1 152 ? -15.318 -13.323 -8.002  1.00 42.57  ? 283  ASP A N   1 
ATOM   927  C CA  . ASP A 1 152 ? -14.569 -13.620 -6.782  1.00 41.96  ? 283  ASP A CA  1 
ATOM   928  C C   . ASP A 1 152 ? -13.602 -12.549 -6.317  1.00 41.75  ? 283  ASP A C   1 
ATOM   929  O O   . ASP A 1 152 ? -13.037 -12.721 -5.241  1.00 41.29  ? 283  ASP A O   1 
ATOM   930  C CB  . ASP A 1 152 ? -13.824 -14.956 -6.924  1.00 44.94  ? 283  ASP A CB  1 
ATOM   931  C CG  . ASP A 1 152 ? -14.690 -16.126 -7.334  1.00 59.02  ? 283  ASP A CG  1 
ATOM   932  O OD1 . ASP A 1 152 ? -15.890 -16.123 -6.989  1.00 60.61  ? 283  ASP A OD1 1 
ATOM   933  O OD2 . ASP A 1 152 ? -14.162 -17.052 -7.998  1.00 67.88  ? 283  ASP A OD2 1 
ATOM   934  N N   . ARG A 1 153 ? -13.416 -11.448 -7.080  1.00 37.04  ? 284  ARG A N   1 
ATOM   935  C CA  . ARG A 1 153 ? -12.468 -10.367 -6.744  1.00 36.12  ? 284  ARG A CA  1 
ATOM   936  C C   . ARG A 1 153 ? -12.692 -9.788  -5.350  1.00 38.25  ? 284  ARG A C   1 
ATOM   937  O O   . ARG A 1 153 ? -11.754 -9.700  -4.555  1.00 35.47  ? 284  ARG A O   1 
ATOM   938  C CB  . ARG A 1 153 ? -12.554 -9.212  -7.749  1.00 35.27  ? 284  ARG A CB  1 
ATOM   939  C CG  . ARG A 1 153 ? -11.448 -9.088  -8.784  1.00 35.10  ? 284  ARG A CG  1 
ATOM   940  C CD  . ARG A 1 153 ? -11.893 -7.999  -9.743  1.00 36.09  ? 284  ARG A CD  1 
ATOM   941  N NE  . ARG A 1 153 ? -11.757 -8.438  -11.130 1.00 49.95  ? 284  ARG A NE  1 
ATOM   942  C CZ  . ARG A 1 153 ? -12.493 -8.014  -12.152 1.00 60.33  ? 284  ARG A CZ  1 
ATOM   943  N NH1 . ARG A 1 153 ? -13.458 -7.121  -11.961 1.00 43.28  ? 284  ARG A NH1 1 
ATOM   944  N NH2 . ARG A 1 153 ? -12.274 -8.485  -13.373 1.00 51.83  ? 284  ARG A NH2 1 
ATOM   945  N N   . LEU A 1 154 ? -13.932 -9.327  -5.088  1.00 35.43  ? 285  LEU A N   1 
ATOM   946  C CA  . LEU A 1 154 ? -14.318 -8.667  -3.851  1.00 35.13  ? 285  LEU A CA  1 
ATOM   947  C C   . LEU A 1 154 ? -14.032 -9.522  -2.608  1.00 38.49  ? 285  LEU A C   1 
ATOM   948  O O   . LEU A 1 154 ? -13.445 -9.042  -1.658  1.00 36.78  ? 285  LEU A O   1 
ATOM   949  C CB  . LEU A 1 154 ? -15.800 -8.243  -3.911  1.00 34.65  ? 285  LEU A CB  1 
ATOM   950  C CG  . LEU A 1 154 ? -16.368 -7.551  -2.678  1.00 39.27  ? 285  LEU A CG  1 
ATOM   951  C CD1 . LEU A 1 154 ? -15.641 -6.217  -2.385  1.00 40.05  ? 285  LEU A CD1 1 
ATOM   952  C CD2 . LEU A 1 154 ? -17.836 -7.287  -2.856  1.00 40.82  ? 285  LEU A CD2 1 
ATOM   953  N N   . GLU A 1 155 ? -14.422 -10.781 -2.646  1.00 37.23  ? 286  GLU A N   1 
ATOM   954  C CA  . GLU A 1 155 ? -14.233 -11.748 -1.592  1.00 39.19  ? 286  GLU A CA  1 
ATOM   955  C C   . GLU A 1 155 ? -12.736 -12.016 -1.325  1.00 40.03  ? 286  GLU A C   1 
ATOM   956  O O   . GLU A 1 155 ? -12.289 -12.001 -0.176  1.00 38.59  ? 286  GLU A O   1 
ATOM   957  C CB  . GLU A 1 155 ? -14.947 -13.018 -2.009  1.00 41.44  ? 286  GLU A CB  1 
ATOM   958  C CG  . GLU A 1 155 ? -15.841 -13.528 -0.915  1.00 62.36  ? 286  GLU A CG  1 
ATOM   959  C CD  . GLU A 1 155 ? -15.125 -14.539 -0.050  1.00 92.04  ? 286  GLU A CD  1 
ATOM   960  O OE1 . GLU A 1 155 ? -14.868 -15.658 -0.559  1.00 94.72  ? 286  GLU A OE1 1 
ATOM   961  O OE2 . GLU A 1 155 ? -14.811 -14.212 1.123   1.00 98.95  ? 286  GLU A OE2 1 
ATOM   962  N N   . GLN A 1 156 ? -11.962 -12.221 -2.400  1.00 33.90  ? 287  GLN A N   1 
ATOM   963  C CA  . GLN A 1 156 ? -10.539 -12.427 -2.292  1.00 32.26  ? 287  GLN A CA  1 
ATOM   964  C C   . GLN A 1 156 ? -9.833  -11.197 -1.755  1.00 32.51  ? 287  GLN A C   1 
ATOM   965  O O   . GLN A 1 156 ? -8.964  -11.349 -0.901  1.00 32.23  ? 287  GLN A O   1 
ATOM   966  C CB  . GLN A 1 156 ? -9.950  -12.892 -3.630  1.00 34.22  ? 287  GLN A CB  1 
ATOM   967  C CG  . GLN A 1 156 ? -10.354 -14.309 -3.993  1.00 38.29  ? 287  GLN A CG  1 
ATOM   968  C CD  . GLN A 1 156 ? -9.836  -15.326 -3.034  1.00 58.90  ? 287  GLN A CD  1 
ATOM   969  O OE1 . GLN A 1 156 ? -8.626  -15.523 -2.861  1.00 50.25  ? 287  GLN A OE1 1 
ATOM   970  N NE2 . GLN A 1 156 ? -10.756 -15.992 -2.376  1.00 60.74  ? 287  GLN A NE2 1 
ATOM   971  N N   . ALA A 1 157 ? -10.236 -9.970  -2.185  1.00 26.86  ? 288  ALA A N   1 
ATOM   972  C CA  . ALA A 1 157 ? -9.623  -8.726  -1.673  1.00 26.27  ? 288  ALA A CA  1 
ATOM   973  C C   . ALA A 1 157 ? -9.888  -8.554  -0.191  1.00 30.74  ? 288  ALA A C   1 
ATOM   974  O O   . ALA A 1 157 ? -8.979  -8.137  0.524   1.00 29.39  ? 288  ALA A O   1 
ATOM   975  C CB  . ALA A 1 157 ? -10.118 -7.517  -2.442  1.00 27.00  ? 288  ALA A CB  1 
ATOM   976  N N   . LYS A 1 158 ? -11.135 -8.866  0.274   1.00 27.98  ? 289  LYS A N   1 
ATOM   977  C CA  . LYS A 1 158 ? -11.531 -8.794  1.686   1.00 28.58  ? 289  LYS A CA  1 
ATOM   978  C C   . LYS A 1 158 ? -10.692 -9.773  2.506   1.00 32.66  ? 289  LYS A C   1 
ATOM   979  O O   . LYS A 1 158 ? -10.126 -9.364  3.512   1.00 31.63  ? 289  LYS A O   1 
ATOM   980  C CB  . LYS A 1 158 ? -13.038 -9.116  1.855   1.00 31.49  ? 289  LYS A CB  1 
ATOM   981  C CG  . LYS A 1 158 ? -13.963 -7.969  1.459   1.00 47.54  ? 289  LYS A CG  1 
ATOM   982  N N   . LEU A 1 159 ? -10.554 -11.047 2.037   1.00 30.41  ? 290  LEU A N   1 
ATOM   983  C CA  . LEU A 1 159 ? -9.731  -12.051 2.698   1.00 31.77  ? 290  LEU A CA  1 
ATOM   984  C C   . LEU A 1 159 ? -8.233  -11.639 2.701   1.00 34.76  ? 290  LEU A C   1 
ATOM   985  O O   . LEU A 1 159 ? -7.556  -11.854 3.706   1.00 33.32  ? 290  LEU A O   1 
ATOM   986  C CB  . LEU A 1 159 ? -9.950  -13.435 2.062   1.00 33.13  ? 290  LEU A CB  1 
ATOM   987  C CG  . LEU A 1 159 ? -9.155  -14.618 2.651   1.00 41.80  ? 290  LEU A CG  1 
ATOM   988  C CD1 . LEU A 1 159 ? -9.422  -14.804 4.173   1.00 43.20  ? 290  LEU A CD1 1 
ATOM   989  C CD2 . LEU A 1 159 ? -9.503  -15.906 1.929   1.00 46.59  ? 290  LEU A CD2 1 
ATOM   990  N N   . PHE A 1 160 ? -7.733  -11.006 1.603   1.00 28.96  ? 291  PHE A N   1 
ATOM   991  C CA  . PHE A 1 160 ? -6.346  -10.503 1.570   1.00 27.66  ? 291  PHE A CA  1 
ATOM   992  C C   . PHE A 1 160 ? -6.160  -9.429  2.678   1.00 31.86  ? 291  PHE A C   1 
ATOM   993  O O   . PHE A 1 160 ? -5.159  -9.448  3.403   1.00 30.69  ? 291  PHE A O   1 
ATOM   994  C CB  . PHE A 1 160 ? -5.992  -9.906  0.183   1.00 27.23  ? 291  PHE A CB  1 
ATOM   995  C CG  . PHE A 1 160 ? -4.687  -9.139  0.141   1.00 26.76  ? 291  PHE A CG  1 
ATOM   996  C CD1 . PHE A 1 160 ? -3.473  -9.804  -0.042  1.00 25.84  ? 291  PHE A CD1 1 
ATOM   997  C CD2 . PHE A 1 160 ? -4.671  -7.744  0.263   1.00 27.16  ? 291  PHE A CD2 1 
ATOM   998  C CE1 . PHE A 1 160 ? -2.264  -9.099  -0.058  1.00 24.67  ? 291  PHE A CE1 1 
ATOM   999  C CE2 . PHE A 1 160 ? -3.460  -7.041  0.261   1.00 28.68  ? 291  PHE A CE2 1 
ATOM   1000 C CZ  . PHE A 1 160 ? -2.261  -7.723  0.099   1.00 25.55  ? 291  PHE A CZ  1 
ATOM   1001 N N   . CYS A 1 161 ? -7.135  -8.512  2.787   1.00 31.52  ? 292  CYS A N   1 
ATOM   1002 C CA  A CYS A 1 161 ? -7.132  -7.427  3.778   0.50 32.75  ? 292  CYS A CA  1 
ATOM   1003 C CA  B CYS A 1 161 ? -7.100  -7.440  3.769   0.50 31.76  ? 292  CYS A CA  1 
ATOM   1004 C C   . CYS A 1 161 ? -7.087  -7.963  5.205   1.00 35.92  ? 292  CYS A C   1 
ATOM   1005 O O   . CYS A 1 161 ? -6.251  -7.532  5.986   1.00 32.85  ? 292  CYS A O   1 
ATOM   1006 C CB  A CYS A 1 161 ? -8.327  -6.497  3.578   0.50 33.94  ? 292  CYS A CB  1 
ATOM   1007 C CB  B CYS A 1 161 ? -8.242  -6.458  3.541   0.50 32.02  ? 292  CYS A CB  1 
ATOM   1008 S SG  A CYS A 1 161 ? -8.246  -5.490  2.079   0.50 38.48  ? 292  CYS A SG  1 
ATOM   1009 S SG  B CYS A 1 161 ? -8.294  -5.117  4.749   0.50 35.91  ? 292  CYS A SG  1 
ATOM   1010 N N   . ARG A 1 162 ? -8.015  -8.884  5.539   1.00 35.10  ? 293  ARG A N   1 
ATOM   1011 C CA  . ARG A 1 162 ? -8.135  -9.488  6.867   1.00 35.47  ? 293  ARG A CA  1 
ATOM   1012 C C   . ARG A 1 162 ? -6.859  -10.233 7.243   1.00 36.97  ? 293  ARG A C   1 
ATOM   1013 O O   . ARG A 1 162 ? -6.378  -10.072 8.368   1.00 35.01  ? 293  ARG A O   1 
ATOM   1014 C CB  . ARG A 1 162 ? -9.350  -10.442 6.924   1.00 36.85  ? 293  ARG A CB  1 
ATOM   1015 N N   . THR A 1 163 ? -6.316  -11.060 6.309   1.00 33.55  ? 294  THR A N   1 
ATOM   1016 C CA  . THR A 1 163 ? -5.075  -11.811 6.548   1.00 32.85  ? 294  THR A CA  1 
ATOM   1017 C C   . THR A 1 163 ? -3.902  -10.861 6.820   1.00 34.93  ? 294  THR A C   1 
ATOM   1018 O O   . THR A 1 163 ? -3.153  -11.071 7.777   1.00 33.62  ? 294  THR A O   1 
ATOM   1019 C CB  . THR A 1 163 ? -4.784  -12.840 5.435   1.00 38.35  ? 294  THR A CB  1 
ATOM   1020 O OG1 . THR A 1 163 ? -5.941  -13.656 5.235   1.00 39.07  ? 294  THR A OG1 1 
ATOM   1021 C CG2 . THR A 1 163 ? -3.575  -13.738 5.768   1.00 33.41  ? 294  THR A CG2 1 
ATOM   1022 N N   . LEU A 1 164 ? -3.749  -9.825  5.990   1.00 30.71  ? 295  LEU A N   1 
ATOM   1023 C CA  . LEU A 1 164 ? -2.673  -8.856  6.172   1.00 31.60  ? 295  LEU A CA  1 
ATOM   1024 C C   . LEU A 1 164 ? -2.802  -8.099  7.520   1.00 35.92  ? 295  LEU A C   1 
ATOM   1025 O O   . LEU A 1 164 ? -1.793  -7.959  8.214   1.00 32.71  ? 295  LEU A O   1 
ATOM   1026 C CB  . LEU A 1 164 ? -2.551  -7.891  4.982   1.00 31.62  ? 295  LEU A CB  1 
ATOM   1027 C CG  . LEU A 1 164 ? -1.288  -7.015  4.918   1.00 35.04  ? 295  LEU A CG  1 
ATOM   1028 C CD1 . LEU A 1 164 ? 0.012   -7.860  4.904   1.00 33.65  ? 295  LEU A CD1 1 
ATOM   1029 C CD2 . LEU A 1 164 ? -1.352  -6.077  3.708   1.00 35.42  ? 295  LEU A CD2 1 
ATOM   1030 N N   . GLU A 1 165 ? -4.038  -7.656  7.892   1.00 34.06  ? 296  GLU A N   1 
ATOM   1031 C CA  . GLU A 1 165 ? -4.289  -6.992  9.179   1.00 36.06  ? 296  GLU A CA  1 
ATOM   1032 C C   . GLU A 1 165 ? -3.879  -7.929  10.334  1.00 37.83  ? 296  GLU A C   1 
ATOM   1033 O O   . GLU A 1 165 ? -3.179  -7.482  11.234  1.00 36.48  ? 296  GLU A O   1 
ATOM   1034 C CB  . GLU A 1 165 ? -5.769  -6.568  9.320   1.00 38.74  ? 296  GLU A CB  1 
ATOM   1035 C CG  . GLU A 1 165 ? -6.042  -5.133  8.882   1.00 57.19  ? 296  GLU A CG  1 
ATOM   1036 C CD  . GLU A 1 165 ? -7.470  -4.760  8.510   1.00 92.43  ? 296  GLU A CD  1 
ATOM   1037 O OE1 . GLU A 1 165 ? -7.709  -3.557  8.243   1.00 84.45  ? 296  GLU A OE1 1 
ATOM   1038 O OE2 . GLU A 1 165 ? -8.347  -5.657  8.473   1.00 92.33  ? 296  GLU A OE2 1 
ATOM   1039 N N   . ASP A 1 166 ? -4.265  -9.231  10.266  1.00 35.01  ? 297  ASP A N   1 
ATOM   1040 C CA  . ASP A 1 166 ? -3.909  -10.251 11.269  1.00 35.13  ? 297  ASP A CA  1 
ATOM   1041 C C   . ASP A 1 166 ? -2.394  -10.457 11.375  1.00 39.70  ? 297  ASP A C   1 
ATOM   1042 O O   . ASP A 1 166 ? -1.875  -10.529 12.494  1.00 40.12  ? 297  ASP A O   1 
ATOM   1043 C CB  . ASP A 1 166 ? -4.655  -11.572 11.035  1.00 37.17  ? 297  ASP A CB  1 
ATOM   1044 C CG  . ASP A 1 166 ? -6.168  -11.502 11.244  1.00 57.20  ? 297  ASP A CG  1 
ATOM   1045 O OD1 . ASP A 1 166 ? -6.679  -10.400 11.599  1.00 59.49  ? 297  ASP A OD1 1 
ATOM   1046 O OD2 . ASP A 1 166 ? -6.847  -12.538 11.041  1.00 63.49  ? 297  ASP A OD2 1 
ATOM   1047 N N   . ILE A 1 167 ? -1.671  -10.440 10.227  1.00 34.45  ? 298  ILE A N   1 
ATOM   1048 C CA  . ILE A 1 167 ? -0.208  -10.570 10.184  1.00 32.89  ? 298  ILE A CA  1 
ATOM   1049 C C   . ILE A 1 167 ? 0.468   -9.371  10.861  1.00 40.48  ? 298  ILE A C   1 
ATOM   1050 O O   . ILE A 1 167 ? 1.331   -9.575  11.730  1.00 41.71  ? 298  ILE A O   1 
ATOM   1051 C CB  . ILE A 1 167 ? 0.338   -10.790 8.737   1.00 35.19  ? 298  ILE A CB  1 
ATOM   1052 C CG1 . ILE A 1 167 ? -0.123  -12.142 8.123   1.00 34.41  ? 298  ILE A CG1 1 
ATOM   1053 C CG2 . ILE A 1 167 ? 1.876   -10.653 8.686   1.00 34.41  ? 298  ILE A CG2 1 
ATOM   1054 C CD1 . ILE A 1 167 ? -0.010  -12.218 6.595   1.00 31.58  ? 298  ILE A CD1 1 
ATOM   1055 N N   . LEU A 1 168 ? 0.112   -8.134  10.430  1.00 37.14  ? 299  LEU A N   1 
ATOM   1056 C CA  . LEU A 1 168 ? 0.692   -6.876  10.927  1.00 37.44  ? 299  LEU A CA  1 
ATOM   1057 C C   . LEU A 1 168 ? 0.371   -6.597  12.404  1.00 45.12  ? 299  LEU A C   1 
ATOM   1058 O O   . LEU A 1 168 ? 1.200   -6.004  13.090  1.00 45.25  ? 299  LEU A O   1 
ATOM   1059 C CB  . LEU A 1 168 ? 0.310   -5.663  10.051  1.00 36.72  ? 299  LEU A CB  1 
ATOM   1060 C CG  . LEU A 1 168 ? 0.668   -5.741  8.564   1.00 40.76  ? 299  LEU A CG  1 
ATOM   1061 C CD1 . LEU A 1 168 ? -0.045  -4.671  7.782   1.00 40.77  ? 299  LEU A CD1 1 
ATOM   1062 C CD2 . LEU A 1 168 ? 2.166   -5.702  8.330   1.00 40.54  ? 299  LEU A CD2 1 
ATOM   1063 N N   . ALA A 1 169 ? -0.817  -7.020  12.887  1.00 44.23  ? 300  ALA A N   1 
ATOM   1064 C CA  . ALA A 1 169 ? -1.243  -6.863  14.285  1.00 45.65  ? 300  ALA A CA  1 
ATOM   1065 C C   . ALA A 1 169 ? -0.231  -7.527  15.217  1.00 53.69  ? 300  ALA A C   1 
ATOM   1066 O O   . ALA A 1 169 ? 0.181   -6.932  16.218  1.00 54.20  ? 300  ALA A O   1 
ATOM   1067 C CB  . ALA A 1 169 ? -2.610  -7.504  14.489  1.00 46.33  ? 300  ALA A CB  1 
ATOM   1068 N N   . ASP A 1 170 ? 0.223   -8.733  14.834  1.00 51.59  ? 301  ASP A N   1 
ATOM   1069 C CA  . ASP A 1 170 ? 1.175   -9.526  15.603  1.00 51.69  ? 301  ASP A CA  1 
ATOM   1070 C C   . ASP A 1 170 ? 2.651   -9.443  15.115  1.00 52.37  ? 301  ASP A C   1 
ATOM   1071 O O   . ASP A 1 170 ? 3.513   -10.073 15.721  1.00 51.14  ? 301  ASP A O   1 
ATOM   1072 C CB  . ASP A 1 170 ? 0.679   -10.989 15.649  1.00 54.33  ? 301  ASP A CB  1 
ATOM   1073 C CG  . ASP A 1 170 ? 1.044   -11.741 16.913  1.00 68.16  ? 301  ASP A CG  1 
ATOM   1074 O OD1 . ASP A 1 170 ? 1.004   -11.128 18.004  1.00 69.16  ? 301  ASP A OD1 1 
ATOM   1075 O OD2 . ASP A 1 170 ? 1.357   -12.948 16.813  1.00 76.40  ? 301  ASP A OD2 1 
ATOM   1076 N N   . ALA A 1 171 ? 2.959   -8.664  14.065  1.00 48.23  ? 302  ALA A N   1 
ATOM   1077 C CA  . ALA A 1 171 ? 4.342   -8.591  13.571  1.00 47.82  ? 302  ALA A CA  1 
ATOM   1078 C C   . ALA A 1 171 ? 5.251   -7.655  14.371  1.00 53.97  ? 302  ALA A C   1 
ATOM   1079 O O   . ALA A 1 171 ? 4.876   -6.512  14.618  1.00 52.98  ? 302  ALA A O   1 
ATOM   1080 C CB  . ALA A 1 171 ? 4.383   -8.225  12.091  1.00 48.12  ? 302  ALA A CB  1 
ATOM   1081 N N   . PRO A 1 172 ? 6.489   -8.094  14.705  1.00 53.32  ? 303  PRO A N   1 
ATOM   1082 C CA  . PRO A 1 172 ? 7.428   -7.194  15.413  1.00 53.48  ? 303  PRO A CA  1 
ATOM   1083 C C   . PRO A 1 172 ? 7.912   -5.980  14.589  1.00 57.97  ? 303  PRO A C   1 
ATOM   1084 O O   . PRO A 1 172 ? 8.195   -4.935  15.182  1.00 58.55  ? 303  PRO A O   1 
ATOM   1085 C CB  . PRO A 1 172 ? 8.586   -8.127  15.794  1.00 55.17  ? 303  PRO A CB  1 
ATOM   1086 C CG  . PRO A 1 172 ? 8.557   -9.206  14.751  1.00 59.79  ? 303  PRO A CG  1 
ATOM   1087 C CD  . PRO A 1 172 ? 7.095   -9.426  14.463  1.00 55.31  ? 303  PRO A CD  1 
ATOM   1088 N N   . GLU A 1 173 ? 7.994   -6.104  13.234  1.00 53.52  ? 304  GLU A N   1 
ATOM   1089 C CA  . GLU A 1 173 ? 8.428   -5.031  12.302  1.00 53.14  ? 304  GLU A CA  1 
ATOM   1090 C C   . GLU A 1 173 ? 7.416   -3.876  12.249  1.00 56.99  ? 304  GLU A C   1 
ATOM   1091 O O   . GLU A 1 173 ? 7.786   -2.754  11.915  1.00 56.59  ? 304  GLU A O   1 
ATOM   1092 C CB  . GLU A 1 173 ? 8.680   -5.554  10.861  1.00 54.15  ? 304  GLU A CB  1 
ATOM   1093 C CG  . GLU A 1 173 ? 9.617   -6.745  10.725  1.00 59.72  ? 304  GLU A CG  1 
ATOM   1094 C CD  . GLU A 1 173 ? 9.001   -8.089  11.062  1.00 73.43  ? 304  GLU A CD  1 
ATOM   1095 O OE1 . GLU A 1 173 ? 7.773   -8.135  11.301  1.00 69.47  ? 304  GLU A OE1 1 
ATOM   1096 O OE2 . GLU A 1 173 ? 9.748   -9.093  11.112  1.00 58.77  ? 304  GLU A OE2 1 
ATOM   1097 N N   . SER A 1 174 ? 6.139   -4.164  12.546  1.00 54.18  ? 305  SER A N   1 
ATOM   1098 C CA  . SER A 1 174 ? 5.086   -3.157  12.572  1.00 53.52  ? 305  SER A CA  1 
ATOM   1099 C C   . SER A 1 174 ? 4.985   -2.588  14.003  1.00 56.66  ? 305  SER A C   1 
ATOM   1100 O O   . SER A 1 174 ? 4.493   -3.239  14.928  1.00 55.39  ? 305  SER A O   1 
ATOM   1101 C CB  . SER A 1 174 ? 3.759   -3.731  12.079  1.00 55.38  ? 305  SER A CB  1 
ATOM   1102 O OG  . SER A 1 174 ? 2.750   -2.737  12.034  1.00 59.07  ? 305  SER A OG  1 
ATOM   1103 N N   . GLN A 1 175 ? 5.525   -1.386  14.171  1.00 54.03  ? 306  GLN A N   1 
ATOM   1104 C CA  . GLN A 1 175 ? 5.558   -0.648  15.430  1.00 53.62  ? 306  GLN A CA  1 
ATOM   1105 C C   . GLN A 1 175 ? 5.099   0.783   15.122  1.00 55.28  ? 306  GLN A C   1 
ATOM   1106 O O   . GLN A 1 175 ? 5.924   1.663   14.864  1.00 54.70  ? 306  GLN A O   1 
ATOM   1107 C CB  . GLN A 1 175 ? 6.981   -0.692  16.027  1.00 55.02  ? 306  GLN A CB  1 
ATOM   1108 N N   . ASN A 1 176 ? 3.763   0.984   15.072  1.00 51.68  ? 307  ASN A N   1 
ATOM   1109 C CA  . ASN A 1 176 ? 3.122   2.263   14.725  1.00 51.90  ? 307  ASN A CA  1 
ATOM   1110 C C   . ASN A 1 176 ? 3.762   2.884   13.442  1.00 54.57  ? 307  ASN A C   1 
ATOM   1111 O O   . ASN A 1 176 ? 4.094   4.074   13.435  1.00 55.11  ? 307  ASN A O   1 
ATOM   1112 C CB  . ASN A 1 176 ? 3.126   3.245   15.931  1.00 53.05  ? 307  ASN A CB  1 
ATOM   1113 N N   . ASN A 1 177 ? 3.992   2.054   12.385  1.00 48.45  ? 308  ASN A N   1 
ATOM   1114 C CA  . ASN A 1 177 ? 4.625   2.535   11.140  1.00 47.17  ? 308  ASN A CA  1 
ATOM   1115 C C   . ASN A 1 177 ? 3.950   2.015   9.831   1.00 44.88  ? 308  ASN A C   1 
ATOM   1116 O O   . ASN A 1 177 ? 4.510   2.190   8.743   1.00 41.57  ? 308  ASN A O   1 
ATOM   1117 C CB  . ASN A 1 177 ? 6.140   2.240   11.144  1.00 48.52  ? 308  ASN A CB  1 
ATOM   1118 C CG  . ASN A 1 177 ? 6.472   0.778   11.151  1.00 58.89  ? 308  ASN A CG  1 
ATOM   1119 O OD1 . ASN A 1 177 ? 5.598   -0.087  11.272  1.00 47.75  ? 308  ASN A OD1 1 
ATOM   1120 N ND2 . ASN A 1 177 ? 7.743   0.478   11.030  1.00 56.53  ? 308  ASN A ND2 1 
ATOM   1121 N N   . CYS A 1 178 ? 2.764   1.400   9.947   1.00 40.72  ? 309  CYS A N   1 
ATOM   1122 C CA  . CYS A 1 178 ? 2.019   0.895   8.800   1.00 41.44  ? 309  CYS A CA  1 
ATOM   1123 C C   . CYS A 1 178 ? 0.519   1.060   9.022   1.00 43.43  ? 309  CYS A C   1 
ATOM   1124 O O   . CYS A 1 178 ? 0.015   0.721   10.091  1.00 43.85  ? 309  CYS A O   1 
ATOM   1125 C CB  . CYS A 1 178 ? 2.381   -0.560  8.499   1.00 42.61  ? 309  CYS A CB  1 
ATOM   1126 S SG  . CYS A 1 178 ? 1.679   -1.179  6.944   1.00 46.99  ? 309  CYS A SG  1 
ATOM   1127 N N   . ARG A 1 179 ? -0.198  1.546   8.004   1.00 37.48  ? 310  ARG A N   1 
ATOM   1128 C CA  . ARG A 1 179 ? -1.644  1.691   8.083   1.00 36.60  ? 310  ARG A CA  1 
ATOM   1129 C C   . ARG A 1 179 ? -2.293  1.244   6.781   1.00 39.94  ? 310  ARG A C   1 
ATOM   1130 O O   . ARG A 1 179 ? -1.936  1.741   5.714   1.00 39.55  ? 310  ARG A O   1 
ATOM   1131 C CB  . ARG A 1 179 ? -2.046  3.135   8.461   1.00 38.45  ? 310  ARG A CB  1 
ATOM   1132 C CG  . ARG A 1 179 ? -3.559  3.347   8.680   1.00 50.18  ? 310  ARG A CG  1 
ATOM   1133 C CD  . ARG A 1 179 ? -4.031  2.903   10.058  1.00 61.99  ? 310  ARG A CD  1 
ATOM   1134 N N   . LEU A 1 180 ? -3.247  0.305   6.885   1.00 36.03  ? 311  LEU A N   1 
ATOM   1135 C CA  . LEU A 1 180 ? -4.009  -0.240  5.767   1.00 35.29  ? 311  LEU A CA  1 
ATOM   1136 C C   . LEU A 1 180 ? -5.275  0.568   5.618   1.00 38.34  ? 311  LEU A C   1 
ATOM   1137 O O   . LEU A 1 180 ? -5.986  0.759   6.601   1.00 37.75  ? 311  LEU A O   1 
ATOM   1138 C CB  . LEU A 1 180 ? -4.386  -1.723  6.023   1.00 35.46  ? 311  LEU A CB  1 
ATOM   1139 C CG  . LEU A 1 180 ? -3.260  -2.759  6.208   1.00 40.06  ? 311  LEU A CG  1 
ATOM   1140 C CD1 . LEU A 1 180 ? -3.812  -4.177  5.996   1.00 40.40  ? 311  LEU A CD1 1 
ATOM   1141 C CD2 . LEU A 1 180 ? -2.073  -2.514  5.244   1.00 40.58  ? 311  LEU A CD2 1 
ATOM   1142 N N   . ILE A 1 181 ? -5.566  1.047   4.390   1.00 33.99  ? 312  ILE A N   1 
ATOM   1143 C CA  . ILE A 1 181 ? -6.768  1.820   4.107   1.00 33.97  ? 312  ILE A CA  1 
ATOM   1144 C C   . ILE A 1 181 ? -7.595  1.031   3.101   1.00 38.07  ? 312  ILE A C   1 
ATOM   1145 O O   . ILE A 1 181 ? -7.353  1.125   1.893   1.00 37.84  ? 312  ILE A O   1 
ATOM   1146 C CB  . ILE A 1 181 ? -6.426  3.265   3.627   1.00 37.21  ? 312  ILE A CB  1 
ATOM   1147 C CG1 . ILE A 1 181 ? -5.564  4.027   4.684   1.00 38.36  ? 312  ILE A CG1 1 
ATOM   1148 C CG2 . ILE A 1 181 ? -7.697  4.047   3.255   1.00 36.73  ? 312  ILE A CG2 1 
ATOM   1149 C CD1 . ILE A 1 181 ? -4.633  5.098   4.081   1.00 48.21  ? 312  ILE A CD1 1 
ATOM   1150 N N   . ALA A 1 182 ? -8.534  0.221   3.609   1.00 34.46  ? 313  ALA A N   1 
ATOM   1151 C CA  . ALA A 1 182 ? -9.431  -0.605  2.804   1.00 34.36  ? 313  ALA A CA  1 
ATOM   1152 C C   . ALA A 1 182 ? -10.729 0.172   2.564   1.00 40.68  ? 313  ALA A C   1 
ATOM   1153 O O   . ALA A 1 182 ? -11.219 0.850   3.471   1.00 40.90  ? 313  ALA A O   1 
ATOM   1154 C CB  . ALA A 1 182 ? -9.722  -1.921  3.514   1.00 34.39  ? 313  ALA A CB  1 
ATOM   1155 N N   . TYR A 1 183 ? -11.265 0.095   1.335   1.00 37.14  ? 314  TYR A N   1 
ATOM   1156 C CA  . TYR A 1 183 ? -12.478 0.816   0.948   1.00 35.80  ? 314  TYR A CA  1 
ATOM   1157 C C   . TYR A 1 183 ? -13.163 0.242   -0.268  1.00 42.51  ? 314  TYR A C   1 
ATOM   1158 O O   . TYR A 1 183 ? -12.518 -0.319  -1.155  1.00 41.17  ? 314  TYR A O   1 
ATOM   1159 C CB  . TYR A 1 183 ? -12.164 2.322   0.698   1.00 34.17  ? 314  TYR A CB  1 
ATOM   1160 C CG  . TYR A 1 183 ? -11.078 2.543   -0.336  1.00 32.89  ? 314  TYR A CG  1 
ATOM   1161 C CD1 . TYR A 1 183 ? -9.732  2.430   0.003   1.00 33.62  ? 314  TYR A CD1 1 
ATOM   1162 C CD2 . TYR A 1 183 ? -11.395 2.815   -1.668  1.00 32.35  ? 314  TYR A CD2 1 
ATOM   1163 C CE1 . TYR A 1 183 ? -8.733  2.527   -0.959  1.00 31.83  ? 314  TYR A CE1 1 
ATOM   1164 C CE2 . TYR A 1 183 ? -10.399 2.937   -2.635  1.00 32.13  ? 314  TYR A CE2 1 
ATOM   1165 C CZ  . TYR A 1 183 ? -9.067  2.798   -2.271  1.00 35.19  ? 314  TYR A CZ  1 
ATOM   1166 O OH  . TYR A 1 183 ? -8.049  2.983   -3.184  1.00 36.64  ? 314  TYR A OH  1 
ATOM   1167 N N   . GLN A 1 184 ? -14.482 0.450   -0.320  1.00 45.06  ? 315  GLN A N   1 
ATOM   1168 C CA  . GLN A 1 184 ? -15.373 0.149   -1.437  1.00 47.19  ? 315  GLN A CA  1 
ATOM   1169 C C   . GLN A 1 184 ? -15.985 1.491   -1.857  1.00 55.90  ? 315  GLN A C   1 
ATOM   1170 O O   . GLN A 1 184 ? -16.430 2.252   -0.992  1.00 55.50  ? 315  GLN A O   1 
ATOM   1171 C CB  . GLN A 1 184 ? -16.507 -0.793  -1.016  1.00 48.46  ? 315  GLN A CB  1 
ATOM   1172 C CG  . GLN A 1 184 ? -16.059 -2.184  -0.634  1.00 64.70  ? 315  GLN A CG  1 
ATOM   1173 C CD  . GLN A 1 184 ? -17.233 -3.084  -0.351  1.00 79.72  ? 315  GLN A CD  1 
ATOM   1174 O OE1 . GLN A 1 184 ? -17.924 -3.539  -1.264  1.00 72.75  ? 315  GLN A OE1 1 
ATOM   1175 N NE2 . GLN A 1 184 ? -17.475 -3.374  0.923   1.00 73.56  ? 315  GLN A NE2 1 
ATOM   1176 N N   . GLU A 1 185 ? -15.998 1.791   -3.167  1.00 56.64  ? 316  GLU A N   1 
ATOM   1177 C CA  . GLU A 1 185 ? -16.652 3.006   -3.671  1.00 58.45  ? 316  GLU A CA  1 
ATOM   1178 C C   . GLU A 1 185 ? -18.182 2.720   -3.628  1.00 66.91  ? 316  GLU A C   1 
ATOM   1179 O O   . GLU A 1 185 ? -18.549 1.536   -3.680  1.00 66.75  ? 316  GLU A O   1 
ATOM   1180 C CB  . GLU A 1 185 ? -16.155 3.382   -5.086  1.00 59.44  ? 316  GLU A CB  1 
ATOM   1181 C CG  . GLU A 1 185 ? -14.688 3.792   -5.120  1.00 61.51  ? 316  GLU A CG  1 
ATOM   1182 C CD  . GLU A 1 185 ? -14.188 4.324   -6.448  1.00 62.41  ? 316  GLU A CD  1 
ATOM   1183 N N   . PRO A 1 186 ? -19.080 3.729   -3.440  1.00 66.75  ? 317  PRO A N   1 
ATOM   1184 C CA  . PRO A 1 186 ? -20.528 3.421   -3.325  1.00 72.30  ? 317  PRO A CA  1 
ATOM   1185 C C   . PRO A 1 186 ? -21.184 2.797   -4.557  1.00 107.63 ? 317  PRO A C   1 
ATOM   1186 O O   . PRO A 1 186 ? -20.621 2.812   -5.648  1.00 78.74  ? 317  PRO A O   1 
ATOM   1187 C CB  . PRO A 1 186 ? -21.152 4.777   -2.983  1.00 73.54  ? 317  PRO A CB  1 
ATOM   1188 C CG  . PRO A 1 186 ? -20.186 5.789   -3.528  1.00 76.64  ? 317  PRO A CG  1 
ATOM   1189 C CD  . PRO A 1 186 ? -18.833 5.180   -3.294  1.00 70.70  ? 317  PRO A CD  1 
ATOM   1190 N N   . PHE A 1 192 ? -17.422 9.534   -4.183  1.00 57.11  ? 323  PHE A N   1 
ATOM   1191 C CA  . PHE A 1 192 ? -16.360 9.026   -3.308  1.00 56.70  ? 323  PHE A CA  1 
ATOM   1192 C C   . PHE A 1 192 ? -15.057 9.844   -3.381  1.00 58.88  ? 323  PHE A C   1 
ATOM   1193 O O   . PHE A 1 192 ? -14.533 10.085  -4.477  1.00 58.18  ? 323  PHE A O   1 
ATOM   1194 C CB  . PHE A 1 192 ? -16.066 7.532   -3.597  1.00 58.35  ? 323  PHE A CB  1 
ATOM   1195 C CG  . PHE A 1 192 ? -14.986 6.930   -2.718  1.00 59.45  ? 323  PHE A CG  1 
ATOM   1196 C CD1 . PHE A 1 192 ? -15.268 6.531   -1.416  1.00 61.95  ? 323  PHE A CD1 1 
ATOM   1197 C CD2 . PHE A 1 192 ? -13.684 6.790   -3.185  1.00 60.78  ? 323  PHE A CD2 1 
ATOM   1198 C CE1 . PHE A 1 192 ? -14.266 6.008   -0.597  1.00 62.78  ? 323  PHE A CE1 1 
ATOM   1199 C CE2 . PHE A 1 192 ? -12.682 6.270   -2.363  1.00 63.56  ? 323  PHE A CE2 1 
ATOM   1200 C CZ  . PHE A 1 192 ? -12.979 5.887   -1.074  1.00 61.73  ? 323  PHE A CZ  1 
ATOM   1201 N N   . SER A 1 193 ? -14.496 10.196  -2.202  1.00 53.54  ? 324  SER A N   1 
ATOM   1202 C CA  . SER A 1 193 ? -13.221 10.922  -2.139  1.00 51.74  ? 324  SER A CA  1 
ATOM   1203 C C   . SER A 1 193 ? -12.119 10.054  -1.515  1.00 51.61  ? 324  SER A C   1 
ATOM   1204 O O   . SER A 1 193 ? -12.194 9.726   -0.329  1.00 50.45  ? 324  SER A O   1 
ATOM   1205 C CB  . SER A 1 193 ? -13.374 12.240  -1.386  1.00 53.38  ? 324  SER A CB  1 
ATOM   1206 O OG  . SER A 1 193 ? -12.131 12.918  -1.298  1.00 60.37  ? 324  SER A OG  1 
ATOM   1207 N N   . LEU A 1 194 ? -11.101 9.688   -2.330  1.00 45.78  ? 325  LEU A N   1 
ATOM   1208 C CA  . LEU A 1 194 ? -9.969  8.857   -1.905  1.00 44.21  ? 325  LEU A CA  1 
ATOM   1209 C C   . LEU A 1 194 ? -9.081  9.641   -0.929  1.00 45.88  ? 325  LEU A C   1 
ATOM   1210 O O   . LEU A 1 194 ? -8.772  9.142   0.157   1.00 44.08  ? 325  LEU A O   1 
ATOM   1211 C CB  . LEU A 1 194 ? -9.185  8.336   -3.130  1.00 43.98  ? 325  LEU A CB  1 
ATOM   1212 C CG  . LEU A 1 194 ? -8.010  7.371   -2.869  1.00 48.73  ? 325  LEU A CG  1 
ATOM   1213 C CD1 . LEU A 1 194 ? -8.417  6.181   -2.030  1.00 48.36  ? 325  LEU A CD1 1 
ATOM   1214 C CD2 . LEU A 1 194 ? -7.357  6.936   -4.163  1.00 51.70  ? 325  LEU A CD2 1 
ATOM   1215 N N   . SER A 1 195 ? -8.737  10.895  -1.297  1.00 41.82  ? 326  SER A N   1 
ATOM   1216 C CA  . SER A 1 195 ? -7.977  11.834  -0.467  1.00 40.96  ? 326  SER A CA  1 
ATOM   1217 C C   . SER A 1 195 ? -8.636  12.003  0.926   1.00 43.89  ? 326  SER A C   1 
ATOM   1218 O O   . SER A 1 195 ? -7.917  12.034  1.911   1.00 43.21  ? 326  SER A O   1 
ATOM   1219 C CB  . SER A 1 195 ? -7.846  13.181  -1.178  1.00 43.41  ? 326  SER A CB  1 
ATOM   1220 O OG  . SER A 1 195 ? -9.119  13.745  -1.460  1.00 45.40  ? 326  SER A OG  1 
ATOM   1221 N N   . GLN A 1 196 ? -9.996  12.064  1.007   1.00 41.10  ? 327  GLN A N   1 
ATOM   1222 C CA  . GLN A 1 196 ? -10.732 12.167  2.284   1.00 39.97  ? 327  GLN A CA  1 
ATOM   1223 C C   . GLN A 1 196 ? -10.601 10.917  3.145   1.00 45.44  ? 327  GLN A C   1 
ATOM   1224 O O   . GLN A 1 196 ? -10.480 11.039  4.368   1.00 45.01  ? 327  GLN A O   1 
ATOM   1225 C CB  . GLN A 1 196 ? -12.212 12.550  2.087   1.00 40.54  ? 327  GLN A CB  1 
ATOM   1226 C CG  . GLN A 1 196 ? -12.447 14.057  1.809   1.00 52.22  ? 327  GLN A CG  1 
ATOM   1227 C CD  . GLN A 1 196 ? -11.808 15.019  2.797   1.00 61.07  ? 327  GLN A CD  1 
ATOM   1228 O OE1 . GLN A 1 196 ? -10.922 15.811  2.446   1.00 58.42  ? 327  GLN A OE1 1 
ATOM   1229 N NE2 . GLN A 1 196 ? -12.237 14.974  4.049   1.00 46.80  ? 327  GLN A NE2 1 
ATOM   1230 N N   . GLU A 1 197 ? -10.600 9.719   2.511   1.00 43.11  ? 328  GLU A N   1 
ATOM   1231 C CA  . GLU A 1 197 ? -10.405 8.446   3.208   1.00 42.78  ? 328  GLU A CA  1 
ATOM   1232 C C   . GLU A 1 197 ? -8.985  8.413   3.796   1.00 42.50  ? 328  GLU A C   1 
ATOM   1233 O O   . GLU A 1 197 ? -8.838  8.082   4.965   1.00 42.25  ? 328  GLU A O   1 
ATOM   1234 C CB  . GLU A 1 197 ? -10.643 7.236   2.265   1.00 45.29  ? 328  GLU A CB  1 
ATOM   1235 C CG  . GLU A 1 197 ? -11.937 6.467   2.521   1.00 62.88  ? 328  GLU A CG  1 
ATOM   1236 C CD  . GLU A 1 197 ? -12.055 5.772   3.867   1.00 94.31  ? 328  GLU A CD  1 
ATOM   1237 O OE1 . GLU A 1 197 ? -12.875 6.228   4.697   1.00 96.09  ? 328  GLU A OE1 1 
ATOM   1238 O OE2 . GLU A 1 197 ? -11.331 4.774   4.091   1.00 93.77  ? 328  GLU A OE2 1 
ATOM   1239 N N   . VAL A 1 198 ? -7.958  8.825   3.014   1.00 36.41  ? 329  VAL A N   1 
ATOM   1240 C CA  . VAL A 1 198 ? -6.564  8.876   3.485   1.00 35.76  ? 329  VAL A CA  1 
ATOM   1241 C C   . VAL A 1 198 ? -6.452  9.859   4.662   1.00 40.21  ? 329  VAL A C   1 
ATOM   1242 O O   . VAL A 1 198 ? -5.913  9.504   5.710   1.00 39.15  ? 329  VAL A O   1 
ATOM   1243 C CB  . VAL A 1 198 ? -5.519  9.180   2.358   1.00 38.76  ? 329  VAL A CB  1 
ATOM   1244 C CG1 . VAL A 1 198 ? -4.087  9.076   2.893   1.00 38.08  ? 329  VAL A CG1 1 
ATOM   1245 C CG2 . VAL A 1 198 ? -5.701  8.256   1.151   1.00 38.12  ? 329  VAL A CG2 1 
ATOM   1246 N N   . LEU A 1 199 ? -7.013  11.071  4.496   1.00 38.32  ? 330  LEU A N   1 
ATOM   1247 C CA  . LEU A 1 199 ? -6.998  12.130  5.514   1.00 38.55  ? 330  LEU A CA  1 
ATOM   1248 C C   . LEU A 1 199 ? -7.652  11.728  6.845   1.00 44.04  ? 330  LEU A C   1 
ATOM   1249 O O   . LEU A 1 199 ? -7.113  12.075  7.891   1.00 42.38  ? 330  LEU A O   1 
ATOM   1250 C CB  . LEU A 1 199 ? -7.590  13.444  4.974   1.00 38.01  ? 330  LEU A CB  1 
ATOM   1251 C CG  . LEU A 1 199 ? -6.645  14.214  4.050   1.00 42.30  ? 330  LEU A CG  1 
ATOM   1252 C CD1 . LEU A 1 199 ? -7.389  15.274  3.237   1.00 42.65  ? 330  LEU A CD1 1 
ATOM   1253 C CD2 . LEU A 1 199 ? -5.473  14.793  4.812   1.00 44.49  ? 330  LEU A CD2 1 
ATOM   1254 N N   . ARG A 1 200 ? -8.753  10.947  6.811   1.00 43.02  ? 331  ARG A N   1 
ATOM   1255 C CA  . ARG A 1 200 ? -9.404  10.463  8.029   1.00 44.55  ? 331  ARG A CA  1 
ATOM   1256 C C   . ARG A 1 200 ? -8.432  9.561   8.816   1.00 50.47  ? 331  ARG A C   1 
ATOM   1257 O O   . ARG A 1 200 ? -8.361  9.657   10.045  1.00 49.95  ? 331  ARG A O   1 
ATOM   1258 C CB  . ARG A 1 200 ? -10.730 9.744   7.706   1.00 45.88  ? 331  ARG A CB  1 
ATOM   1259 N N   . HIS A 1 201 ? -7.617  8.764   8.094   1.00 48.21  ? 332  HIS A N   1 
ATOM   1260 C CA  . HIS A 1 201 ? -6.606  7.891   8.703   1.00 48.28  ? 332  HIS A CA  1 
ATOM   1261 C C   . HIS A 1 201 ? -5.405  8.694   9.182   1.00 53.94  ? 332  HIS A C   1 
ATOM   1262 O O   . HIS A 1 201 ? -4.883  8.400   10.251  1.00 53.80  ? 332  HIS A O   1 
ATOM   1263 C CB  . HIS A 1 201 ? -6.167  6.784   7.732   1.00 48.41  ? 332  HIS A CB  1 
ATOM   1264 C CG  . HIS A 1 201 ? -7.125  5.635   7.643   1.00 51.33  ? 332  HIS A CG  1 
ATOM   1265 N ND1 . HIS A 1 201 ? -8.188  5.644   6.755   1.00 52.91  ? 332  HIS A ND1 1 
ATOM   1266 C CD2 . HIS A 1 201 ? -7.140  4.468   8.326   1.00 52.77  ? 332  HIS A CD2 1 
ATOM   1267 C CE1 . HIS A 1 201 ? -8.810  4.488   6.923   1.00 52.16  ? 332  HIS A CE1 1 
ATOM   1268 N NE2 . HIS A 1 201 ? -8.211  3.744   7.853   1.00 52.52  ? 332  HIS A NE2 1 
ATOM   1269 N N   . LEU A 1 202 ? -4.973  9.710   8.399   1.00 52.78  ? 333  LEU A N   1 
ATOM   1270 C CA  . LEU A 1 202 ? -3.834  10.583  8.714   1.00 54.05  ? 333  LEU A CA  1 
ATOM   1271 C C   . LEU A 1 202 ? -4.057  11.401  9.969   1.00 62.01  ? 333  LEU A C   1 
ATOM   1272 O O   . LEU A 1 202 ? -3.110  11.662  10.706  1.00 61.96  ? 333  LEU A O   1 
ATOM   1273 C CB  . LEU A 1 202 ? -3.534  11.548  7.567   1.00 54.14  ? 333  LEU A CB  1 
ATOM   1274 C CG  . LEU A 1 202 ? -2.372  11.202  6.651   1.00 58.67  ? 333  LEU A CG  1 
ATOM   1275 C CD1 . LEU A 1 202 ? -2.206  12.272  5.592   1.00 58.53  ? 333  LEU A CD1 1 
ATOM   1276 C CD2 . LEU A 1 202 ? -1.072  11.046  7.424   1.00 60.15  ? 333  LEU A CD2 1 
ATOM   1277 N N   . ARG A 1 203 ? -5.308  11.819  10.205  1.00 60.75  ? 334  ARG A N   1 
ATOM   1278 C CA  . ARG A 1 203 ? -5.701  12.612  11.356  1.00 61.27  ? 334  ARG A CA  1 
ATOM   1279 C C   . ARG A 1 203 ? -5.963  11.705  12.580  1.00 68.31  ? 334  ARG A C   1 
ATOM   1280 O O   . ARG A 1 203 ? -6.867  11.962  13.378  1.00 68.77  ? 334  ARG A O   1 
ATOM   1281 C CB  . ARG A 1 203 ? -6.920  13.475  10.985  1.00 57.45  ? 334  ARG A CB  1 
ATOM   1282 C CG  . ARG A 1 203 ? -6.675  14.366  9.780   1.00 57.09  ? 334  ARG A CG  1 
ATOM   1283 C CD  . ARG A 1 203 ? -7.944  15.108  9.425   1.00 65.03  ? 334  ARG A CD  1 
ATOM   1284 N NE  . ARG A 1 203 ? -7.672  16.264  8.582   1.00 66.18  ? 334  ARG A NE  1 
ATOM   1285 C CZ  . ARG A 1 203 ? -8.400  16.606  7.527   1.00 70.94  ? 334  ARG A CZ  1 
ATOM   1286 N NH1 . ARG A 1 203 ? -9.456  15.874  7.174   1.00 54.45  ? 334  ARG A NH1 1 
ATOM   1287 N NH2 . ARG A 1 203 ? -8.072  17.665  6.805   1.00 58.21  ? 334  ARG A NH2 1 
ATOM   1288 N N   . GLN A 1 204 ? -5.142  10.634  12.724  1.00 65.19  ? 335  GLN A N   1 
ATOM   1289 C CA  . GLN A 1 204 ? -5.197  9.628   13.791  1.00 68.26  ? 335  GLN A CA  1 
ATOM   1290 C C   . GLN A 1 204 ? -6.594  9.011   13.911  1.00 106.43 ? 335  GLN A C   1 
ATOM   1291 O O   . GLN A 1 204 ? -6.799  7.885   13.473  1.00 74.45  ? 335  GLN A O   1 
ATOM   1292 C CB  . GLN A 1 204 ? -4.720  10.198  15.157  1.00 68.97  ? 335  GLN A CB  1 
ATOM   1293 C CG  . GLN A 1 204 ? -3.535  11.189  15.120  1.00 78.63  ? 335  GLN A CG  1 
ATOM   1294 C CD  . GLN A 1 204 ? -2.357  10.807  14.252  1.00 92.16  ? 335  GLN A CD  1 
ATOM   1295 O OE1 . GLN A 1 204 ? -1.525  11.650  13.919  1.00 93.01  ? 335  GLN A OE1 1 
ATOM   1296 N NE2 . GLN A 1 204 ? -2.245  9.548   13.851  1.00 64.54  ? 335  GLN A NE2 1 
HETATM 1297 C C13 . B7L B 2 .   ? 2.787   -10.355 -4.223  1.00 33.97  ? 4000 B7L A C13 1 
HETATM 1298 C C18 . B7L B 2 .   ? 9.794   -2.874  -4.286  1.00 36.90  ? 4000 B7L A C18 1 
HETATM 1299 C C15 . B7L B 2 .   ? 3.745   -7.661  -6.714  1.00 32.11  ? 4000 B7L A C15 1 
HETATM 1300 C C21 . B7L B 2 .   ? 7.606   -3.147  -3.853  1.00 35.00  ? 4000 B7L A C21 1 
HETATM 1301 C C22 . B7L B 2 .   ? 6.972   -0.856  -3.804  1.00 36.81  ? 4000 B7L A C22 1 
HETATM 1302 C C23 . B7L B 2 .   ? 5.709   -1.250  -3.520  1.00 38.32  ? 4000 B7L A C23 1 
HETATM 1303 C C24 . B7L B 2 .   ? 5.443   -2.616  -3.415  1.00 37.15  ? 4000 B7L A C24 1 
HETATM 1304 C C11 . B7L B 2 .   ? 3.811   -8.592  -5.530  1.00 30.75  ? 4000 B7L A C11 1 
HETATM 1305 C C12 . B7L B 2 .   ? 2.767   -9.497  -5.317  1.00 33.84  ? 4000 B7L A C12 1 
HETATM 1306 C C1  . B7L B 2 .   ? 8.825   -3.870  -4.054  1.00 35.88  ? 4000 B7L A C1  1 
HETATM 1307 C C2  . B7L B 2 .   ? 9.003   -5.353  -4.017  1.00 36.53  ? 4000 B7L A C2  1 
HETATM 1308 N N3  . B7L B 2 .   ? 8.011   -6.087  -3.509  1.00 35.45  ? 4000 B7L A N3  1 
HETATM 1309 O O4  . B7L B 2 .   ? 10.044  -5.866  -4.438  1.00 36.81  ? 4000 B7L A O4  1 
HETATM 1310 C C5  . B7L B 2 .   ? 8.096   -7.531  -3.461  1.00 37.26  ? 4000 B7L A C5  1 
HETATM 1311 C C6  . B7L B 2 .   ? 6.782   -8.209  -3.580  1.00 32.65  ? 4000 B7L A C6  1 
HETATM 1312 O O7  . B7L B 2 .   ? 6.007   -7.823  -4.662  1.00 28.03  ? 4000 B7L A O7  1 
HETATM 1313 C C8  . B7L B 2 .   ? 4.865   -8.583  -4.608  1.00 28.37  ? 4000 B7L A C8  1 
HETATM 1314 C C9  . B7L B 2 .   ? 4.898   -9.435  -3.502  1.00 30.49  ? 4000 B7L A C9  1 
HETATM 1315 C C10 . B7L B 2 .   ? 6.152   -9.175  -2.850  1.00 32.73  ? 4000 B7L A C10 1 
HETATM 1316 C C14 . B7L B 2 .   ? 3.837   -10.329 -3.320  1.00 31.60  ? 4000 B7L A C14 1 
HETATM 1317 O O16 . B7L B 2 .   ? 4.683   -6.776  -6.856  1.00 38.68  ? 4000 B7L A O16 1 
HETATM 1318 O O17 . B7L B 2 .   ? 2.867   -7.742  -7.539  1.00 36.69  ? 4000 B7L A O17 1 
HETATM 1319 N N19 . B7L B 2 .   ? 9.297   -1.644  -4.241  1.00 37.18  ? 4000 B7L A N19 1 
HETATM 1320 N N20 . B7L B 2 .   ? 7.931   -1.822  -3.970  1.00 35.16  ? 4000 B7L A N20 1 
HETATM 1321 N N25 . B7L B 2 .   ? 6.347   -3.571  -3.573  1.00 35.70  ? 4000 B7L A N25 1 
HETATM 1322 H H31 . B7L B 2 .   ? 1.968   -11.055 -4.070  0.00 40.77  ? 4000 B7L A H31 1 
HETATM 1323 H H34 . B7L B 2 .   ? 10.852  -3.038  -4.481  0.00 40.77  ? 4000 B7L A H34 1 
HETATM 1324 H H35 . B7L B 2 .   ? 7.274   0.182   -3.912  0.00 40.77  ? 4000 B7L A H35 1 
HETATM 1325 H H36 . B7L B 2 .   ? 4.916   -0.518  -3.375  0.00 40.77  ? 4000 B7L A H36 1 
HETATM 1326 H H37 . B7L B 2 .   ? 4.442   -2.974  -3.188  0.00 40.77  ? 4000 B7L A H37 1 
HETATM 1327 H H30 . B7L B 2 .   ? 1.921   -9.549  -5.999  0.00 40.77  ? 4000 B7L A H30 1 
HETATM 1328 H H26 . B7L B 2 .   ? 7.172   -5.657  -3.136  0.00 40.77  ? 4000 B7L A H26 1 
HETATM 1329 H H27 . B7L B 2 .   ? 8.594   -7.872  -2.556  0.00 40.77  ? 4000 B7L A H27 1 
HETATM 1330 H H28 . B7L B 2 .   ? 8.720   -7.881  -4.282  0.00 40.77  ? 4000 B7L A H28 1 
HETATM 1331 H H29 . B7L B 2 .   ? 6.512   -9.669  -1.949  0.00 40.77  ? 4000 B7L A H29 1 
HETATM 1332 H H32 . B7L B 2 .   ? 3.844   -11.002 -2.466  0.00 40.77  ? 4000 B7L A H32 1 
HETATM 1333 H H33 . B7L B 2 .   ? 5.355   -6.831  -6.131  0.00 40.77  ? 4000 B7L A H33 1 
HETATM 1334 O O   . HOH C 3 .   ? 0.331   -8.197  -8.133  1.00 37.85  ? 4101 HOH A O   1 
HETATM 1335 O O   . HOH C 3 .   ? -9.940  -16.807 -14.459 1.00 40.99  ? 4102 HOH A O   1 
HETATM 1336 O O   . HOH C 3 .   ? 4.026   8.649   5.726   1.00 34.83  ? 4103 HOH A O   1 
HETATM 1337 O O   . HOH C 3 .   ? -16.489 -11.665 -4.547  1.00 36.77  ? 4104 HOH A O   1 
HETATM 1338 O O   . HOH C 3 .   ? 12.282  1.117   4.370   1.00 37.71  ? 4105 HOH A O   1 
HETATM 1339 O O   . HOH C 3 .   ? 2.620   -1.500  -2.064  1.00 39.09  ? 4106 HOH A O   1 
HETATM 1340 O O   . HOH C 3 .   ? -9.552  16.058  -0.078  1.00 46.12  ? 4107 HOH A O   1 
HETATM 1341 O O   . HOH C 3 .   ? 15.248  -4.893  6.402   1.00 51.22  ? 4108 HOH A O   1 
HETATM 1342 O O   . HOH C 3 .   ? 4.942   4.869   -1.606  1.00 32.37  ? 4109 HOH A O   1 
HETATM 1343 O O   . HOH C 3 .   ? 1.411   8.897   10.337  1.00 64.16  ? 4110 HOH A O   1 
HETATM 1344 O O   . HOH C 3 .   ? 2.593   -5.346  15.444  1.00 52.43  ? 4111 HOH A O   1 
HETATM 1345 O O   . HOH C 3 .   ? 2.604   -0.230  -4.767  1.00 36.77  ? 4112 HOH A O   1 
HETATM 1346 O O   . HOH C 3 .   ? 2.102   -0.193  12.722  1.00 49.67  ? 4113 HOH A O   1 
HETATM 1347 O O   . HOH C 3 .   ? -9.504  1.865   -7.168  1.00 40.69  ? 4114 HOH A O   1 
HETATM 1348 O O   . HOH C 3 .   ? 12.535  -5.083  -5.541  1.00 32.57  ? 4115 HOH A O   1 
HETATM 1349 O O   . HOH C 3 .   ? 21.290  -6.818  -9.578  1.00 47.01  ? 4116 HOH A O   1 
HETATM 1350 O O   . HOH C 3 .   ? -8.549  3.931   -5.694  1.00 33.29  ? 4117 HOH A O   1 
HETATM 1351 O O   . HOH C 3 .   ? 11.626  -0.614  -6.594  1.00 37.05  ? 4118 HOH A O   1 
HETATM 1352 O O   . HOH C 3 .   ? 16.577  -7.299  -0.156  1.00 40.94  ? 4119 HOH A O   1 
HETATM 1353 O O   . HOH C 3 .   ? 2.996   6.762   -10.036 1.00 46.35  ? 4120 HOH A O   1 
HETATM 1354 O O   . HOH C 3 .   ? -5.635  -8.484  -16.593 1.00 59.45  ? 4121 HOH A O   1 
HETATM 1355 O O   . HOH C 3 .   ? 2.573   -12.017 12.348  1.00 54.13  ? 4122 HOH A O   1 
HETATM 1356 O O   . HOH C 3 .   ? 0.724   -3.262  13.925  1.00 54.02  ? 4123 HOH A O   1 
HETATM 1357 O O   . HOH C 3 .   ? 15.555  -11.127 -5.222  1.00 33.80  ? 4124 HOH A O   1 
HETATM 1358 O O   . HOH C 3 .   ? -5.475  -17.946 -19.457 1.00 45.42  ? 4125 HOH A O   1 
HETATM 1359 O O   . HOH C 3 .   ? -5.845  -3.620  -11.168 1.00 50.41  ? 4126 HOH A O   1 
HETATM 1360 O O   . HOH C 3 .   ? -2.536  -16.074 8.496   1.00 42.81  ? 4127 HOH A O   1 
HETATM 1361 O O   . HOH C 3 .   ? 13.519  -7.560  8.534   1.00 56.54  ? 4128 HOH A O   1 
HETATM 1362 O O   . HOH C 3 .   ? 5.292   -12.007 12.198  1.00 49.33  ? 4129 HOH A O   1 
HETATM 1363 O O   . HOH C 3 .   ? 13.210  4.585   -7.113  1.00 61.72  ? 4130 HOH A O   1 
HETATM 1364 O O   . HOH C 3 .   ? 19.716  0.819   1.687   1.00 50.65  ? 4131 HOH A O   1 
HETATM 1365 O O   . HOH C 3 .   ? -11.677 -2.375  -10.611 1.00 46.25  ? 4132 HOH A O   1 
HETATM 1366 O O   . HOH C 3 .   ? 14.168  16.983  1.479   1.00 61.42  ? 4133 HOH A O   1 
HETATM 1367 O O   . HOH C 3 .   ? -3.094  5.792   -14.161 1.00 53.59  ? 4134 HOH A O   1 
HETATM 1368 O O   . HOH C 3 .   ? -7.730  -20.955 -7.766  1.00 66.45  ? 4135 HOH A O   1 
HETATM 1369 O O   . HOH C 3 .   ? -0.963  -13.689 12.204  1.00 50.72  ? 4136 HOH A O   1 
HETATM 1370 O O   . HOH C 3 .   ? 17.090  -9.223  1.869   1.00 53.44  ? 4137 HOH A O   1 
HETATM 1371 O O   . HOH C 3 .   ? -5.890  -23.447 -18.825 1.00 67.18  ? 4138 HOH A O   1 
# 
loop_
_pdbx_poly_seq_scheme.asym_id 
_pdbx_poly_seq_scheme.entity_id 
_pdbx_poly_seq_scheme.seq_id 
_pdbx_poly_seq_scheme.mon_id 
_pdbx_poly_seq_scheme.ndb_seq_num 
_pdbx_poly_seq_scheme.pdb_seq_num 
_pdbx_poly_seq_scheme.auth_seq_num 
_pdbx_poly_seq_scheme.pdb_mon_id 
_pdbx_poly_seq_scheme.auth_mon_id 
_pdbx_poly_seq_scheme.pdb_strand_id 
_pdbx_poly_seq_scheme.pdb_ins_code 
_pdbx_poly_seq_scheme.hetero 
A 1 1   MET 1   132 ?   ?   ?   A . n 
A 1 2   GLY 2   133 ?   ?   ?   A . n 
A 1 3   SER 3   134 ?   ?   ?   A . n 
A 1 4   SER 4   135 ?   ?   ?   A . n 
A 1 5   HIS 5   136 ?   ?   ?   A . n 
A 1 6   HIS 6   137 ?   ?   ?   A . n 
A 1 7   HIS 7   138 ?   ?   ?   A . n 
A 1 8   HIS 8   139 ?   ?   ?   A . n 
A 1 9   HIS 9   140 ?   ?   ?   A . n 
A 1 10  HIS 10  141 ?   ?   ?   A . n 
A 1 11  SER 11  142 ?   ?   ?   A . n 
A 1 12  SER 12  143 ?   ?   ?   A . n 
A 1 13  GLY 13  144 ?   ?   ?   A . n 
A 1 14  GLU 14  145 ?   ?   ?   A . n 
A 1 15  THR 15  146 ?   ?   ?   A . n 
A 1 16  VAL 16  147 ?   ?   ?   A . n 
A 1 17  ARG 17  148 ?   ?   ?   A . n 
A 1 18  PHE 18  149 ?   ?   ?   A . n 
A 1 19  GLN 19  150 ?   ?   ?   A . n 
A 1 20  GLY 20  151 ?   ?   ?   A . n 
A 1 21  HIS 21  152 ?   ?   ?   A . n 
A 1 22  MET 22  153 ?   ?   ?   A . n 
A 1 23  SER 23  154 154 SER SER A . n 
A 1 24  VAL 24  155 155 VAL VAL A . n 
A 1 25  ALA 25  156 156 ALA ALA A . n 
A 1 26  HIS 26  157 157 HIS HIS A . n 
A 1 27  GLY 27  158 158 GLY GLY A . n 
A 1 28  LEU 28  159 159 LEU LEU A . n 
A 1 29  ALA 29  160 160 ALA ALA A . n 
A 1 30  TRP 30  161 161 TRP TRP A . n 
A 1 31  SER 31  162 162 SER SER A . n 
A 1 32  TYR 32  163 163 TYR TYR A . n 
A 1 33  TYR 33  164 164 TYR TYR A . n 
A 1 34  ILE 34  165 165 ILE ILE A . n 
A 1 35  GLY 35  166 166 GLY GLY A . n 
A 1 36  TYR 36  167 167 TYR TYR A . n 
A 1 37  LEU 37  168 168 LEU LEU A . n 
A 1 38  ARG 38  169 169 ARG ARG A . n 
A 1 39  LEU 39  170 170 LEU LEU A . n 
A 1 40  ILE 40  171 171 ILE ILE A . n 
A 1 41  LEU 41  172 172 LEU LEU A . n 
A 1 42  PRO 42  173 173 PRO PRO A . n 
A 1 43  GLU 43  174 174 GLU GLU A . n 
A 1 44  LEU 44  175 175 LEU LEU A . n 
A 1 45  GLN 45  176 176 GLN GLN A . n 
A 1 46  ALA 46  177 177 ALA ALA A . n 
A 1 47  ARG 47  178 178 ARG ARG A . n 
A 1 48  ILE 48  179 179 ILE ILE A . n 
A 1 49  ARG 49  180 180 ARG ARG A . n 
A 1 50  THR 50  181 181 THR THR A . n 
A 1 51  TYR 51  182 182 TYR TYR A . n 
A 1 52  ASN 52  183 183 ASN ASN A . n 
A 1 53  GLN 53  184 184 GLN GLN A . n 
A 1 54  HIS 54  185 ?   ?   ?   A . n 
A 1 55  TYR 55  186 ?   ?   ?   A . n 
A 1 56  ASN 56  187 ?   ?   ?   A . n 
A 1 57  ASN 57  188 ?   ?   ?   A . n 
A 1 58  LEU 58  189 ?   ?   ?   A . n 
A 1 59  LEU 59  190 ?   ?   ?   A . n 
A 1 60  ARG 60  191 ?   ?   ?   A . n 
A 1 61  GLY 61  192 ?   ?   ?   A . n 
A 1 62  ALA 62  193 193 ALA ALA A . n 
A 1 63  VAL 63  194 194 VAL VAL A . n 
A 1 64  SER 64  195 195 SER SER A . n 
A 1 65  GLN 65  196 196 GLN GLN A . n 
A 1 66  ARG 66  197 197 ARG ARG A . n 
A 1 67  LEU 67  198 198 LEU LEU A . n 
A 1 68  TYR 68  199 199 TYR TYR A . n 
A 1 69  ILE 69  200 200 ILE ILE A . n 
A 1 70  LEU 70  201 201 LEU LEU A . n 
A 1 71  LEU 71  202 202 LEU LEU A . n 
A 1 72  PRO 72  203 203 PRO PRO A . n 
A 1 73  LEU 73  204 204 LEU LEU A . n 
A 1 74  ASP 74  205 205 ASP ASP A . n 
A 1 75  CYS 75  206 206 CYS CYS A . n 
A 1 76  GLY 76  207 207 GLY GLY A . n 
A 1 77  VAL 77  208 208 VAL VAL A . n 
A 1 78  PRO 78  209 209 PRO PRO A . n 
A 1 79  ASP 79  210 210 ASP ASP A . n 
A 1 80  ASN 80  211 211 ASN ASN A . n 
A 1 81  LEU 81  212 212 LEU LEU A . n 
A 1 82  SER 82  213 213 SER SER A . n 
A 1 83  MET 83  214 214 MET MET A . n 
A 1 84  ALA 84  215 215 ALA ALA A . n 
A 1 85  ASP 85  216 216 ASP ASP A . n 
A 1 86  PRO 86  217 217 PRO PRO A . n 
A 1 87  ASN 87  218 218 ASN ASN A . n 
A 1 88  ILE 88  219 219 ILE ILE A . n 
A 1 89  ARG 89  220 220 ARG ARG A . n 
A 1 90  PHE 90  221 221 PHE PHE A . n 
A 1 91  LEU 91  222 222 LEU LEU A . n 
A 1 92  ASP 92  223 223 ASP ASP A . n 
A 1 93  LYS 93  224 224 LYS LYS A . n 
A 1 94  LEU 94  225 225 LEU LEU A . n 
A 1 95  PRO 95  226 226 PRO PRO A . n 
A 1 96  GLN 96  227 227 GLN GLN A . n 
A 1 97  GLN 97  228 228 GLN GLN A . n 
A 1 98  THR 98  229 229 THR THR A . n 
A 1 99  GLY 99  230 230 GLY GLY A . n 
A 1 100 ASP 100 231 231 ASP ASP A . n 
A 1 101 ARG 101 232 232 ARG ARG A . n 
A 1 102 ALA 102 233 233 ALA ALA A . n 
A 1 103 GLY 103 234 234 GLY GLY A . n 
A 1 104 ILE 104 235 235 ILE ILE A . n 
A 1 105 LYS 105 236 236 LYS LYS A . n 
A 1 106 ASP 106 237 237 ASP ASP A . n 
A 1 107 ARG 107 238 238 ARG ARG A . n 
A 1 108 VAL 108 239 239 VAL VAL A . n 
A 1 109 TYR 109 240 240 TYR TYR A . n 
A 1 110 SER 110 241 241 SER SER A . n 
A 1 111 ASN 111 242 242 ASN ASN A . n 
A 1 112 SER 112 243 243 SER SER A . n 
A 1 113 ILE 113 244 244 ILE ILE A . n 
A 1 114 TYR 114 245 245 TYR TYR A . n 
A 1 115 GLU 115 246 246 GLU GLU A . n 
A 1 116 LEU 116 247 247 LEU LEU A . n 
A 1 117 LEU 117 248 248 LEU LEU A . n 
A 1 118 GLU 118 249 249 GLU GLU A . n 
A 1 119 ASN 119 250 250 ASN ASN A . n 
A 1 120 GLY 120 251 251 GLY GLY A . n 
A 1 121 GLN 121 252 252 GLN GLN A . n 
A 1 122 ARG 122 253 253 ARG ARG A . n 
A 1 123 ALA 123 254 254 ALA ALA A . n 
A 1 124 GLY 124 255 255 GLY GLY A . n 
A 1 125 THR 125 256 256 THR THR A . n 
A 1 126 CYS 126 257 257 CYS CYS A . n 
A 1 127 VAL 127 258 258 VAL VAL A . n 
A 1 128 LEU 128 259 259 LEU LEU A . n 
A 1 129 GLU 129 260 260 GLU GLU A . n 
A 1 130 TYR 130 261 261 TYR TYR A . n 
A 1 131 ALA 131 262 262 ALA ALA A . n 
A 1 132 THR 132 263 263 THR THR A . n 
A 1 133 PRO 133 264 264 PRO PRO A . n 
A 1 134 LEU 134 265 265 LEU LEU A . n 
A 1 135 GLN 135 266 266 GLN GLN A . n 
A 1 136 THR 136 267 267 THR THR A . n 
A 1 137 LEU 137 268 268 LEU LEU A . n 
A 1 138 PHE 138 269 269 PHE PHE A . n 
A 1 139 ALA 139 270 270 ALA ALA A . n 
A 1 140 MET 140 271 271 MET MET A . n 
A 1 141 SER 141 272 272 SER SER A . n 
A 1 142 GLN 142 273 273 GLN GLN A . n 
A 1 143 TYR 143 274 274 TYR TYR A . n 
A 1 144 SER 144 275 275 SER SER A . n 
A 1 145 GLN 145 276 276 GLN GLN A . n 
A 1 146 ALA 146 277 277 ALA ALA A . n 
A 1 147 GLY 147 278 278 GLY GLY A . n 
A 1 148 PHE 148 279 279 PHE PHE A . n 
A 1 149 SER 149 280 280 SER SER A . n 
A 1 150 ARG 150 281 281 ARG ARG A . n 
A 1 151 GLU 151 282 282 GLU GLU A . n 
A 1 152 ASP 152 283 283 ASP ASP A . n 
A 1 153 ARG 153 284 284 ARG ARG A . n 
A 1 154 LEU 154 285 285 LEU LEU A . n 
A 1 155 GLU 155 286 286 GLU GLU A . n 
A 1 156 GLN 156 287 287 GLN GLN A . n 
A 1 157 ALA 157 288 288 ALA ALA A . n 
A 1 158 LYS 158 289 289 LYS LYS A . n 
A 1 159 LEU 159 290 290 LEU LEU A . n 
A 1 160 PHE 160 291 291 PHE PHE A . n 
A 1 161 CYS 161 292 292 CYS CYS A . n 
A 1 162 ARG 162 293 293 ARG ARG A . n 
A 1 163 THR 163 294 294 THR THR A . n 
A 1 164 LEU 164 295 295 LEU LEU A . n 
A 1 165 GLU 165 296 296 GLU GLU A . n 
A 1 166 ASP 166 297 297 ASP ASP A . n 
A 1 167 ILE 167 298 298 ILE ILE A . n 
A 1 168 LEU 168 299 299 LEU LEU A . n 
A 1 169 ALA 169 300 300 ALA ALA A . n 
A 1 170 ASP 170 301 301 ASP ASP A . n 
A 1 171 ALA 171 302 302 ALA ALA A . n 
A 1 172 PRO 172 303 303 PRO PRO A . n 
A 1 173 GLU 173 304 304 GLU GLU A . n 
A 1 174 SER 174 305 305 SER SER A . n 
A 1 175 GLN 175 306 306 GLN GLN A . n 
A 1 176 ASN 176 307 307 ASN ASN A . n 
A 1 177 ASN 177 308 308 ASN ASN A . n 
A 1 178 CYS 178 309 309 CYS CYS A . n 
A 1 179 ARG 179 310 310 ARG ARG A . n 
A 1 180 LEU 180 311 311 LEU LEU A . n 
A 1 181 ILE 181 312 312 ILE ILE A . n 
A 1 182 ALA 182 313 313 ALA ALA A . n 
A 1 183 TYR 183 314 314 TYR TYR A . n 
A 1 184 GLN 184 315 315 GLN GLN A . n 
A 1 185 GLU 185 316 316 GLU GLU A . n 
A 1 186 PRO 186 317 317 PRO PRO A . n 
A 1 187 ALA 187 318 ?   ?   ?   A . n 
A 1 188 ASP 188 319 ?   ?   ?   A . n 
A 1 189 ASP 189 320 ?   ?   ?   A . n 
A 1 190 SER 190 321 ?   ?   ?   A . n 
A 1 191 SER 191 322 ?   ?   ?   A . n 
A 1 192 PHE 192 323 323 PHE PHE A . n 
A 1 193 SER 193 324 324 SER SER A . n 
A 1 194 LEU 194 325 325 LEU LEU A . n 
A 1 195 SER 195 326 326 SER SER A . n 
A 1 196 GLN 196 327 327 GLN GLN A . n 
A 1 197 GLU 197 328 328 GLU GLU A . n 
A 1 198 VAL 198 329 329 VAL VAL A . n 
A 1 199 LEU 199 330 330 LEU LEU A . n 
A 1 200 ARG 200 331 331 ARG ARG A . n 
A 1 201 HIS 201 332 332 HIS HIS A . n 
A 1 202 LEU 202 333 333 LEU LEU A . n 
A 1 203 ARG 203 334 334 ARG ARG A . n 
A 1 204 GLN 204 335 335 GLN GLN A . n 
A 1 205 GLU 205 336 ?   ?   ?   A . n 
A 1 206 GLU 206 337 ?   ?   ?   A . n 
A 1 207 LYS 207 338 ?   ?   ?   A . n 
A 1 208 GLU 208 339 ?   ?   ?   A . n 
A 1 209 GLU 209 340 ?   ?   ?   A . n 
A 1 210 VAL 210 341 ?   ?   ?   A . n 
# 
_pdbx_contact_author.id                 2 
_pdbx_contact_author.email              david.critton@bms.com 
_pdbx_contact_author.name_first         Critton 
_pdbx_contact_author.name_last          David 
_pdbx_contact_author.name_mi            ? 
_pdbx_contact_author.role               'principal investigator/group leader' 
_pdbx_contact_author.identifier_ORCID   0000-0002-8896-4896 
# 
loop_
_pdbx_nonpoly_scheme.asym_id 
_pdbx_nonpoly_scheme.entity_id 
_pdbx_nonpoly_scheme.mon_id 
_pdbx_nonpoly_scheme.ndb_seq_num 
_pdbx_nonpoly_scheme.pdb_seq_num 
_pdbx_nonpoly_scheme.auth_seq_num 
_pdbx_nonpoly_scheme.pdb_mon_id 
_pdbx_nonpoly_scheme.auth_mon_id 
_pdbx_nonpoly_scheme.pdb_strand_id 
_pdbx_nonpoly_scheme.pdb_ins_code 
B 2 B7L 1  4000 4000 B7L LG1 A . 
C 3 HOH 1  4101 34   HOH HOH A . 
C 3 HOH 2  4102 2    HOH HOH A . 
C 3 HOH 3  4103 5    HOH HOH A . 
C 3 HOH 4  4104 6    HOH HOH A . 
C 3 HOH 5  4105 33   HOH HOH A . 
C 3 HOH 6  4106 31   HOH HOH A . 
C 3 HOH 7  4107 12   HOH HOH A . 
C 3 HOH 8  4108 24   HOH HOH A . 
C 3 HOH 9  4109 1    HOH HOH A . 
C 3 HOH 10 4110 19   HOH HOH A . 
C 3 HOH 11 4111 36   HOH HOH A . 
C 3 HOH 12 4112 3    HOH HOH A . 
C 3 HOH 13 4113 35   HOH HOH A . 
C 3 HOH 14 4114 18   HOH HOH A . 
C 3 HOH 15 4115 4    HOH HOH A . 
C 3 HOH 16 4116 15   HOH HOH A . 
C 3 HOH 17 4117 7    HOH HOH A . 
C 3 HOH 18 4118 8    HOH HOH A . 
C 3 HOH 19 4119 14   HOH HOH A . 
C 3 HOH 20 4120 23   HOH HOH A . 
C 3 HOH 21 4121 37   HOH HOH A . 
C 3 HOH 22 4122 28   HOH HOH A . 
C 3 HOH 23 4123 21   HOH HOH A . 
C 3 HOH 24 4124 9    HOH HOH A . 
C 3 HOH 25 4125 11   HOH HOH A . 
C 3 HOH 26 4126 25   HOH HOH A . 
C 3 HOH 27 4127 10   HOH HOH A . 
C 3 HOH 28 4128 29   HOH HOH A . 
C 3 HOH 29 4129 13   HOH HOH A . 
C 3 HOH 30 4130 22   HOH HOH A . 
C 3 HOH 31 4131 20   HOH HOH A . 
C 3 HOH 32 4132 30   HOH HOH A . 
C 3 HOH 33 4133 17   HOH HOH A . 
C 3 HOH 34 4134 32   HOH HOH A . 
C 3 HOH 35 4135 27   HOH HOH A . 
C 3 HOH 36 4136 16   HOH HOH A . 
C 3 HOH 37 4137 26   HOH HOH A . 
C 3 HOH 38 4138 38   HOH HOH A . 
# 
_pdbx_struct_assembly.id                   1 
_pdbx_struct_assembly.details              author_and_software_defined_assembly 
_pdbx_struct_assembly.method_details       PISA 
_pdbx_struct_assembly.oligomeric_details   dimeric 
_pdbx_struct_assembly.oligomeric_count     2 
# 
_pdbx_struct_assembly_gen.assembly_id       1 
_pdbx_struct_assembly_gen.oper_expression   1,2 
_pdbx_struct_assembly_gen.asym_id_list      A,B,C 
# 
loop_
_pdbx_struct_assembly_prop.biol_id 
_pdbx_struct_assembly_prop.type 
_pdbx_struct_assembly_prop.value 
_pdbx_struct_assembly_prop.details 
1 'ABSA (A^2)' 3620  ? 
1 MORE         -17   ? 
1 'SSA (A^2)'  14170 ? 
# 
loop_
_pdbx_struct_oper_list.id 
_pdbx_struct_oper_list.type 
_pdbx_struct_oper_list.name 
_pdbx_struct_oper_list.symmetry_operation 
_pdbx_struct_oper_list.matrix[1][1] 
_pdbx_struct_oper_list.matrix[1][2] 
_pdbx_struct_oper_list.matrix[1][3] 
_pdbx_struct_oper_list.vector[1] 
_pdbx_struct_oper_list.matrix[2][1] 
_pdbx_struct_oper_list.matrix[2][2] 
_pdbx_struct_oper_list.matrix[2][3] 
_pdbx_struct_oper_list.vector[2] 
_pdbx_struct_oper_list.matrix[3][1] 
_pdbx_struct_oper_list.matrix[3][2] 
_pdbx_struct_oper_list.matrix[3][3] 
_pdbx_struct_oper_list.vector[3] 
1 'identity operation'         1_555 x,y,z  1.0000000000  0.0000000000 0.0000000000  0.0000000000  0.0000000000 1.0000000000  0.0000000000  0.0000000000   0.0000000000  0.0000000000  1.0000000000  0.0000000000   
2 'crystal symmetry operation' 7_555 y,x,-z -0.0752779383 0.9614304516 -0.2645462507 14.7441835619 0.9614304516 -0.0004039575 -0.2750478569 -17.1497866198 -0.2645462507 -0.2750478569 -0.9243181042 -10.7884926216 
# 
loop_
_pdbx_audit_revision_history.ordinal 
_pdbx_audit_revision_history.data_content_type 
_pdbx_audit_revision_history.major_revision 
_pdbx_audit_revision_history.minor_revision 
_pdbx_audit_revision_history.revision_date 
1 'Structure model' 1 0 2022-02-09 
2 'Structure model' 1 1 2022-02-16 
3 'Structure model' 1 2 2022-02-23 
4 'Structure model' 1 3 2022-03-09 
5 'Structure model' 1 4 2023-10-18 
# 
_pdbx_audit_revision_details.ordinal             1 
_pdbx_audit_revision_details.revision_ordinal    1 
_pdbx_audit_revision_details.data_content_type   'Structure model' 
_pdbx_audit_revision_details.provider            repository 
_pdbx_audit_revision_details.type                'Initial release' 
_pdbx_audit_revision_details.description         ? 
_pdbx_audit_revision_details.details             ? 
# 
loop_
_pdbx_audit_revision_group.ordinal 
_pdbx_audit_revision_group.revision_ordinal 
_pdbx_audit_revision_group.data_content_type 
_pdbx_audit_revision_group.group 
1 2 'Structure model' 'Database references'    
2 3 'Structure model' 'Database references'    
3 4 'Structure model' 'Database references'    
4 5 'Structure model' 'Data collection'        
5 5 'Structure model' 'Refinement description' 
# 
loop_
_pdbx_audit_revision_category.ordinal 
_pdbx_audit_revision_category.revision_ordinal 
_pdbx_audit_revision_category.data_content_type 
_pdbx_audit_revision_category.category 
1 2 'Structure model' citation                      
2 2 'Structure model' citation_author               
3 3 'Structure model' citation                      
4 4 'Structure model' citation                      
5 5 'Structure model' chem_comp_atom                
6 5 'Structure model' chem_comp_bond                
7 5 'Structure model' pdbx_initial_refinement_model 
# 
loop_
_pdbx_audit_revision_item.ordinal 
_pdbx_audit_revision_item.revision_ordinal 
_pdbx_audit_revision_item.data_content_type 
_pdbx_audit_revision_item.item 
1  2 'Structure model' '_citation.country'                 
2  2 'Structure model' '_citation.journal_abbrev'          
3  2 'Structure model' '_citation.journal_id_ASTM'         
4  2 'Structure model' '_citation.journal_id_CSD'          
5  2 'Structure model' '_citation.journal_id_ISSN'         
6  2 'Structure model' '_citation.pdbx_database_id_DOI'    
7  2 'Structure model' '_citation.title'                   
8  2 'Structure model' '_citation.year'                    
9  2 'Structure model' '_citation_author.name'             
10 3 'Structure model' '_citation.pdbx_database_id_PubMed' 
11 3 'Structure model' '_citation.title'                   
12 4 'Structure model' '_citation.journal_volume'          
13 4 'Structure model' '_citation.page_first'              
14 4 'Structure model' '_citation.page_last'               
# 
loop_
_software.citation_id 
_software.classification 
_software.compiler_name 
_software.compiler_version 
_software.contact_author 
_software.contact_author_email 
_software.date 
_software.description 
_software.dependencies 
_software.hardware 
_software.language 
_software.location 
_software.mods 
_software.name 
_software.os 
_software.os_version 
_software.type 
_software.version 
_software.pdbx_ordinal 
? 'data scaling'    ? ? ? ? ? ? ? ? ? ? ? Aimless     ? ? ? .      1 
? refinement        ? ? ? ? ? ? ? ? ? ? ? BUSTER      ? ? ? 2.11.7 2 
? 'data extraction' ? ? ? ? ? ? ? ? ? ? ? PDB_EXTRACT ? ? ? 3.27   3 
? phasing           ? ? ? ? ? ? ? ? ? ? ? PHASER      ? ? ? .      4 
# 
_pdbx_entry_details.entry_id                 7SSM 
_pdbx_entry_details.has_ligand_of_interest   Y 
_pdbx_entry_details.compound_details         ? 
_pdbx_entry_details.source_details           ? 
_pdbx_entry_details.nonpolymer_details       ? 
_pdbx_entry_details.sequence_details         ? 
# 
loop_
_pdbx_validate_torsion.id 
_pdbx_validate_torsion.PDB_model_num 
_pdbx_validate_torsion.auth_comp_id 
_pdbx_validate_torsion.auth_asym_id 
_pdbx_validate_torsion.auth_seq_id 
_pdbx_validate_torsion.PDB_ins_code 
_pdbx_validate_torsion.label_alt_id 
_pdbx_validate_torsion.phi 
_pdbx_validate_torsion.psi 
1 1 TYR A 167 ? ? -144.99 -66.33 
2 1 LEU A 222 ? ? -103.71 -63.27 
3 1 ARG A 334 ? ? -83.85  37.20  
# 
loop_
_pdbx_unobs_or_zero_occ_atoms.id 
_pdbx_unobs_or_zero_occ_atoms.PDB_model_num 
_pdbx_unobs_or_zero_occ_atoms.polymer_flag 
_pdbx_unobs_or_zero_occ_atoms.occupancy_flag 
_pdbx_unobs_or_zero_occ_atoms.auth_asym_id 
_pdbx_unobs_or_zero_occ_atoms.auth_comp_id 
_pdbx_unobs_or_zero_occ_atoms.auth_seq_id 
_pdbx_unobs_or_zero_occ_atoms.PDB_ins_code 
_pdbx_unobs_or_zero_occ_atoms.auth_atom_id 
_pdbx_unobs_or_zero_occ_atoms.label_alt_id 
_pdbx_unobs_or_zero_occ_atoms.label_asym_id 
_pdbx_unobs_or_zero_occ_atoms.label_comp_id 
_pdbx_unobs_or_zero_occ_atoms.label_seq_id 
_pdbx_unobs_or_zero_occ_atoms.label_atom_id 
1  1 Y 1 A GLU 174 ? CG  ? A GLU 43  CG  
2  1 Y 1 A GLU 174 ? CD  ? A GLU 43  CD  
3  1 Y 1 A GLU 174 ? OE1 ? A GLU 43  OE1 
4  1 Y 1 A GLU 174 ? OE2 ? A GLU 43  OE2 
5  1 Y 1 A GLN 176 ? CG  ? A GLN 45  CG  
6  1 Y 1 A GLN 176 ? CD  ? A GLN 45  CD  
7  1 Y 1 A GLN 176 ? OE1 ? A GLN 45  OE1 
8  1 Y 1 A GLN 176 ? NE2 ? A GLN 45  NE2 
9  1 Y 1 A ARG 180 ? CG  ? A ARG 49  CG  
10 1 Y 1 A ARG 180 ? CD  ? A ARG 49  CD  
11 1 Y 1 A ARG 180 ? NE  ? A ARG 49  NE  
12 1 Y 1 A ARG 180 ? CZ  ? A ARG 49  CZ  
13 1 Y 1 A ARG 180 ? NH1 ? A ARG 49  NH1 
14 1 Y 1 A ARG 180 ? NH2 ? A ARG 49  NH2 
15 1 Y 1 A ARG 197 ? CZ  ? A ARG 66  CZ  
16 1 Y 1 A ARG 197 ? NH1 ? A ARG 66  NH1 
17 1 Y 1 A ARG 197 ? NH2 ? A ARG 66  NH2 
18 1 Y 1 A MET 214 ? CG  ? A MET 83  CG  
19 1 Y 1 A MET 214 ? SD  ? A MET 83  SD  
20 1 Y 1 A MET 214 ? CE  ? A MET 83  CE  
21 1 Y 1 A LYS 236 ? CG  ? A LYS 105 CG  
22 1 Y 1 A LYS 236 ? CD  ? A LYS 105 CD  
23 1 Y 1 A LYS 236 ? CE  ? A LYS 105 CE  
24 1 Y 1 A LYS 236 ? NZ  ? A LYS 105 NZ  
25 1 Y 1 A GLU 246 ? CG  ? A GLU 115 CG  
26 1 Y 1 A GLU 246 ? CD  ? A GLU 115 CD  
27 1 Y 1 A GLU 246 ? OE1 ? A GLU 115 OE1 
28 1 Y 1 A GLU 246 ? OE2 ? A GLU 115 OE2 
29 1 Y 1 A GLN 276 ? CG  ? A GLN 145 CG  
30 1 Y 1 A GLN 276 ? CD  ? A GLN 145 CD  
31 1 Y 1 A GLN 276 ? OE1 ? A GLN 145 OE1 
32 1 Y 1 A GLN 276 ? NE2 ? A GLN 145 NE2 
33 1 Y 1 A SER 280 ? OG  ? A SER 149 OG  
34 1 Y 1 A ARG 281 ? CG  ? A ARG 150 CG  
35 1 Y 1 A ARG 281 ? CD  ? A ARG 150 CD  
36 1 Y 1 A ARG 281 ? NE  ? A ARG 150 NE  
37 1 Y 1 A ARG 281 ? CZ  ? A ARG 150 CZ  
38 1 Y 1 A ARG 281 ? NH1 ? A ARG 150 NH1 
39 1 Y 1 A ARG 281 ? NH2 ? A ARG 150 NH2 
40 1 Y 1 A LYS 289 ? CD  ? A LYS 158 CD  
41 1 Y 1 A LYS 289 ? CE  ? A LYS 158 CE  
42 1 Y 1 A LYS 289 ? NZ  ? A LYS 158 NZ  
43 1 Y 1 A ARG 293 ? CG  ? A ARG 162 CG  
44 1 Y 1 A ARG 293 ? CD  ? A ARG 162 CD  
45 1 Y 1 A ARG 293 ? NE  ? A ARG 162 NE  
46 1 Y 1 A ARG 293 ? CZ  ? A ARG 162 CZ  
47 1 Y 1 A ARG 293 ? NH1 ? A ARG 162 NH1 
48 1 Y 1 A ARG 293 ? NH2 ? A ARG 162 NH2 
49 1 Y 1 A GLN 306 ? CG  ? A GLN 175 CG  
50 1 Y 1 A GLN 306 ? CD  ? A GLN 175 CD  
51 1 Y 1 A GLN 306 ? OE1 ? A GLN 175 OE1 
52 1 Y 1 A GLN 306 ? NE2 ? A GLN 175 NE2 
53 1 Y 1 A ASN 307 ? CG  ? A ASN 176 CG  
54 1 Y 1 A ASN 307 ? OD1 ? A ASN 176 OD1 
55 1 Y 1 A ASN 307 ? ND2 ? A ASN 176 ND2 
56 1 Y 1 A ARG 310 ? NE  ? A ARG 179 NE  
57 1 Y 1 A ARG 310 ? CZ  ? A ARG 179 CZ  
58 1 Y 1 A ARG 310 ? NH1 ? A ARG 179 NH1 
59 1 Y 1 A ARG 310 ? NH2 ? A ARG 179 NH2 
60 1 Y 1 A GLU 316 ? OE1 ? A GLU 185 OE1 
61 1 Y 1 A GLU 316 ? OE2 ? A GLU 185 OE2 
62 1 Y 1 A ARG 331 ? CG  ? A ARG 200 CG  
63 1 Y 1 A ARG 331 ? CD  ? A ARG 200 CD  
64 1 Y 1 A ARG 331 ? NE  ? A ARG 200 NE  
65 1 Y 1 A ARG 331 ? CZ  ? A ARG 200 CZ  
66 1 Y 1 A ARG 331 ? NH1 ? A ARG 200 NH1 
67 1 Y 1 A ARG 331 ? NH2 ? A ARG 200 NH2 
# 
loop_
_pdbx_unobs_or_zero_occ_residues.id 
_pdbx_unobs_or_zero_occ_residues.PDB_model_num 
_pdbx_unobs_or_zero_occ_residues.polymer_flag 
_pdbx_unobs_or_zero_occ_residues.occupancy_flag 
_pdbx_unobs_or_zero_occ_residues.auth_asym_id 
_pdbx_unobs_or_zero_occ_residues.auth_comp_id 
_pdbx_unobs_or_zero_occ_residues.auth_seq_id 
_pdbx_unobs_or_zero_occ_residues.PDB_ins_code 
_pdbx_unobs_or_zero_occ_residues.label_asym_id 
_pdbx_unobs_or_zero_occ_residues.label_comp_id 
_pdbx_unobs_or_zero_occ_residues.label_seq_id 
1  1 Y 1 A MET 132 ? A MET 1   
2  1 Y 1 A GLY 133 ? A GLY 2   
3  1 Y 1 A SER 134 ? A SER 3   
4  1 Y 1 A SER 135 ? A SER 4   
5  1 Y 1 A HIS 136 ? A HIS 5   
6  1 Y 1 A HIS 137 ? A HIS 6   
7  1 Y 1 A HIS 138 ? A HIS 7   
8  1 Y 1 A HIS 139 ? A HIS 8   
9  1 Y 1 A HIS 140 ? A HIS 9   
10 1 Y 1 A HIS 141 ? A HIS 10  
11 1 Y 1 A SER 142 ? A SER 11  
12 1 Y 1 A SER 143 ? A SER 12  
13 1 Y 1 A GLY 144 ? A GLY 13  
14 1 Y 1 A GLU 145 ? A GLU 14  
15 1 Y 1 A THR 146 ? A THR 15  
16 1 Y 1 A VAL 147 ? A VAL 16  
17 1 Y 1 A ARG 148 ? A ARG 17  
18 1 Y 1 A PHE 149 ? A PHE 18  
19 1 Y 1 A GLN 150 ? A GLN 19  
20 1 Y 1 A GLY 151 ? A GLY 20  
21 1 Y 1 A HIS 152 ? A HIS 21  
22 1 Y 1 A MET 153 ? A MET 22  
23 1 Y 1 A HIS 185 ? A HIS 54  
24 1 Y 1 A TYR 186 ? A TYR 55  
25 1 Y 1 A ASN 187 ? A ASN 56  
26 1 Y 1 A ASN 188 ? A ASN 57  
27 1 Y 1 A LEU 189 ? A LEU 58  
28 1 Y 1 A LEU 190 ? A LEU 59  
29 1 Y 1 A ARG 191 ? A ARG 60  
30 1 Y 1 A GLY 192 ? A GLY 61  
31 1 Y 1 A ALA 318 ? A ALA 187 
32 1 Y 1 A ASP 319 ? A ASP 188 
33 1 Y 1 A ASP 320 ? A ASP 189 
34 1 Y 1 A SER 321 ? A SER 190 
35 1 Y 1 A SER 322 ? A SER 191 
36 1 Y 1 A GLU 336 ? A GLU 205 
37 1 Y 1 A GLU 337 ? A GLU 206 
38 1 Y 1 A LYS 338 ? A LYS 207 
39 1 Y 1 A GLU 339 ? A GLU 208 
40 1 Y 1 A GLU 340 ? A GLU 209 
41 1 Y 1 A VAL 341 ? A VAL 210 
# 
loop_
_chem_comp_atom.comp_id 
_chem_comp_atom.atom_id 
_chem_comp_atom.type_symbol 
_chem_comp_atom.pdbx_aromatic_flag 
_chem_comp_atom.pdbx_stereo_config 
_chem_comp_atom.pdbx_ordinal 
ALA N    N N N 1   
ALA CA   C N S 2   
ALA C    C N N 3   
ALA O    O N N 4   
ALA CB   C N N 5   
ALA OXT  O N N 6   
ALA H    H N N 7   
ALA H2   H N N 8   
ALA HA   H N N 9   
ALA HB1  H N N 10  
ALA HB2  H N N 11  
ALA HB3  H N N 12  
ALA HXT  H N N 13  
ARG N    N N N 14  
ARG CA   C N S 15  
ARG C    C N N 16  
ARG O    O N N 17  
ARG CB   C N N 18  
ARG CG   C N N 19  
ARG CD   C N N 20  
ARG NE   N N N 21  
ARG CZ   C N N 22  
ARG NH1  N N N 23  
ARG NH2  N N N 24  
ARG OXT  O N N 25  
ARG H    H N N 26  
ARG H2   H N N 27  
ARG HA   H N N 28  
ARG HB2  H N N 29  
ARG HB3  H N N 30  
ARG HG2  H N N 31  
ARG HG3  H N N 32  
ARG HD2  H N N 33  
ARG HD3  H N N 34  
ARG HE   H N N 35  
ARG HH11 H N N 36  
ARG HH12 H N N 37  
ARG HH21 H N N 38  
ARG HH22 H N N 39  
ARG HXT  H N N 40  
ASN N    N N N 41  
ASN CA   C N S 42  
ASN C    C N N 43  
ASN O    O N N 44  
ASN CB   C N N 45  
ASN CG   C N N 46  
ASN OD1  O N N 47  
ASN ND2  N N N 48  
ASN OXT  O N N 49  
ASN H    H N N 50  
ASN H2   H N N 51  
ASN HA   H N N 52  
ASN HB2  H N N 53  
ASN HB3  H N N 54  
ASN HD21 H N N 55  
ASN HD22 H N N 56  
ASN HXT  H N N 57  
ASP N    N N N 58  
ASP CA   C N S 59  
ASP C    C N N 60  
ASP O    O N N 61  
ASP CB   C N N 62  
ASP CG   C N N 63  
ASP OD1  O N N 64  
ASP OD2  O N N 65  
ASP OXT  O N N 66  
ASP H    H N N 67  
ASP H2   H N N 68  
ASP HA   H N N 69  
ASP HB2  H N N 70  
ASP HB3  H N N 71  
ASP HD2  H N N 72  
ASP HXT  H N N 73  
B7L C13  C Y N 74  
B7L C18  C Y N 75  
B7L C15  C N N 76  
B7L C21  C Y N 77  
B7L C22  C Y N 78  
B7L C23  C Y N 79  
B7L C24  C Y N 80  
B7L C11  C Y N 81  
B7L C12  C Y N 82  
B7L C1   C Y N 83  
B7L C2   C N N 84  
B7L N3   N N N 85  
B7L O4   O N N 86  
B7L C5   C N N 87  
B7L C6   C Y N 88  
B7L O7   O Y N 89  
B7L C8   C Y N 90  
B7L C9   C Y N 91  
B7L C10  C Y N 92  
B7L C14  C Y N 93  
B7L O16  O N N 94  
B7L O17  O N N 95  
B7L N19  N Y N 96  
B7L N20  N Y N 97  
B7L N25  N Y N 98  
B7L H31  H N N 99  
B7L H34  H N N 100 
B7L H35  H N N 101 
B7L H36  H N N 102 
B7L H37  H N N 103 
B7L H30  H N N 104 
B7L H26  H N N 105 
B7L H27  H N N 106 
B7L H28  H N N 107 
B7L H29  H N N 108 
B7L H32  H N N 109 
B7L H33  H N N 110 
CYS N    N N N 111 
CYS CA   C N R 112 
CYS C    C N N 113 
CYS O    O N N 114 
CYS CB   C N N 115 
CYS SG   S N N 116 
CYS OXT  O N N 117 
CYS H    H N N 118 
CYS H2   H N N 119 
CYS HA   H N N 120 
CYS HB2  H N N 121 
CYS HB3  H N N 122 
CYS HG   H N N 123 
CYS HXT  H N N 124 
GLN N    N N N 125 
GLN CA   C N S 126 
GLN C    C N N 127 
GLN O    O N N 128 
GLN CB   C N N 129 
GLN CG   C N N 130 
GLN CD   C N N 131 
GLN OE1  O N N 132 
GLN NE2  N N N 133 
GLN OXT  O N N 134 
GLN H    H N N 135 
GLN H2   H N N 136 
GLN HA   H N N 137 
GLN HB2  H N N 138 
GLN HB3  H N N 139 
GLN HG2  H N N 140 
GLN HG3  H N N 141 
GLN HE21 H N N 142 
GLN HE22 H N N 143 
GLN HXT  H N N 144 
GLU N    N N N 145 
GLU CA   C N S 146 
GLU C    C N N 147 
GLU O    O N N 148 
GLU CB   C N N 149 
GLU CG   C N N 150 
GLU CD   C N N 151 
GLU OE1  O N N 152 
GLU OE2  O N N 153 
GLU OXT  O N N 154 
GLU H    H N N 155 
GLU H2   H N N 156 
GLU HA   H N N 157 
GLU HB2  H N N 158 
GLU HB3  H N N 159 
GLU HG2  H N N 160 
GLU HG3  H N N 161 
GLU HE2  H N N 162 
GLU HXT  H N N 163 
GLY N    N N N 164 
GLY CA   C N N 165 
GLY C    C N N 166 
GLY O    O N N 167 
GLY OXT  O N N 168 
GLY H    H N N 169 
GLY H2   H N N 170 
GLY HA2  H N N 171 
GLY HA3  H N N 172 
GLY HXT  H N N 173 
HIS N    N N N 174 
HIS CA   C N S 175 
HIS C    C N N 176 
HIS O    O N N 177 
HIS CB   C N N 178 
HIS CG   C Y N 179 
HIS ND1  N Y N 180 
HIS CD2  C Y N 181 
HIS CE1  C Y N 182 
HIS NE2  N Y N 183 
HIS OXT  O N N 184 
HIS H    H N N 185 
HIS H2   H N N 186 
HIS HA   H N N 187 
HIS HB2  H N N 188 
HIS HB3  H N N 189 
HIS HD1  H N N 190 
HIS HD2  H N N 191 
HIS HE1  H N N 192 
HIS HE2  H N N 193 
HIS HXT  H N N 194 
HOH O    O N N 195 
HOH H1   H N N 196 
HOH H2   H N N 197 
ILE N    N N N 198 
ILE CA   C N S 199 
ILE C    C N N 200 
ILE O    O N N 201 
ILE CB   C N S 202 
ILE CG1  C N N 203 
ILE CG2  C N N 204 
ILE CD1  C N N 205 
ILE OXT  O N N 206 
ILE H    H N N 207 
ILE H2   H N N 208 
ILE HA   H N N 209 
ILE HB   H N N 210 
ILE HG12 H N N 211 
ILE HG13 H N N 212 
ILE HG21 H N N 213 
ILE HG22 H N N 214 
ILE HG23 H N N 215 
ILE HD11 H N N 216 
ILE HD12 H N N 217 
ILE HD13 H N N 218 
ILE HXT  H N N 219 
LEU N    N N N 220 
LEU CA   C N S 221 
LEU C    C N N 222 
LEU O    O N N 223 
LEU CB   C N N 224 
LEU CG   C N N 225 
LEU CD1  C N N 226 
LEU CD2  C N N 227 
LEU OXT  O N N 228 
LEU H    H N N 229 
LEU H2   H N N 230 
LEU HA   H N N 231 
LEU HB2  H N N 232 
LEU HB3  H N N 233 
LEU HG   H N N 234 
LEU HD11 H N N 235 
LEU HD12 H N N 236 
LEU HD13 H N N 237 
LEU HD21 H N N 238 
LEU HD22 H N N 239 
LEU HD23 H N N 240 
LEU HXT  H N N 241 
LYS N    N N N 242 
LYS CA   C N S 243 
LYS C    C N N 244 
LYS O    O N N 245 
LYS CB   C N N 246 
LYS CG   C N N 247 
LYS CD   C N N 248 
LYS CE   C N N 249 
LYS NZ   N N N 250 
LYS OXT  O N N 251 
LYS H    H N N 252 
LYS H2   H N N 253 
LYS HA   H N N 254 
LYS HB2  H N N 255 
LYS HB3  H N N 256 
LYS HG2  H N N 257 
LYS HG3  H N N 258 
LYS HD2  H N N 259 
LYS HD3  H N N 260 
LYS HE2  H N N 261 
LYS HE3  H N N 262 
LYS HZ1  H N N 263 
LYS HZ2  H N N 264 
LYS HZ3  H N N 265 
LYS HXT  H N N 266 
MET N    N N N 267 
MET CA   C N S 268 
MET C    C N N 269 
MET O    O N N 270 
MET CB   C N N 271 
MET CG   C N N 272 
MET SD   S N N 273 
MET CE   C N N 274 
MET OXT  O N N 275 
MET H    H N N 276 
MET H2   H N N 277 
MET HA   H N N 278 
MET HB2  H N N 279 
MET HB3  H N N 280 
MET HG2  H N N 281 
MET HG3  H N N 282 
MET HE1  H N N 283 
MET HE2  H N N 284 
MET HE3  H N N 285 
MET HXT  H N N 286 
PHE N    N N N 287 
PHE CA   C N S 288 
PHE C    C N N 289 
PHE O    O N N 290 
PHE CB   C N N 291 
PHE CG   C Y N 292 
PHE CD1  C Y N 293 
PHE CD2  C Y N 294 
PHE CE1  C Y N 295 
PHE CE2  C Y N 296 
PHE CZ   C Y N 297 
PHE OXT  O N N 298 
PHE H    H N N 299 
PHE H2   H N N 300 
PHE HA   H N N 301 
PHE HB2  H N N 302 
PHE HB3  H N N 303 
PHE HD1  H N N 304 
PHE HD2  H N N 305 
PHE HE1  H N N 306 
PHE HE2  H N N 307 
PHE HZ   H N N 308 
PHE HXT  H N N 309 
PRO N    N N N 310 
PRO CA   C N S 311 
PRO C    C N N 312 
PRO O    O N N 313 
PRO CB   C N N 314 
PRO CG   C N N 315 
PRO CD   C N N 316 
PRO OXT  O N N 317 
PRO H    H N N 318 
PRO HA   H N N 319 
PRO HB2  H N N 320 
PRO HB3  H N N 321 
PRO HG2  H N N 322 
PRO HG3  H N N 323 
PRO HD2  H N N 324 
PRO HD3  H N N 325 
PRO HXT  H N N 326 
SER N    N N N 327 
SER CA   C N S 328 
SER C    C N N 329 
SER O    O N N 330 
SER CB   C N N 331 
SER OG   O N N 332 
SER OXT  O N N 333 
SER H    H N N 334 
SER H2   H N N 335 
SER HA   H N N 336 
SER HB2  H N N 337 
SER HB3  H N N 338 
SER HG   H N N 339 
SER HXT  H N N 340 
THR N    N N N 341 
THR CA   C N S 342 
THR C    C N N 343 
THR O    O N N 344 
THR CB   C N R 345 
THR OG1  O N N 346 
THR CG2  C N N 347 
THR OXT  O N N 348 
THR H    H N N 349 
THR H2   H N N 350 
THR HA   H N N 351 
THR HB   H N N 352 
THR HG1  H N N 353 
THR HG21 H N N 354 
THR HG22 H N N 355 
THR HG23 H N N 356 
THR HXT  H N N 357 
TRP N    N N N 358 
TRP CA   C N S 359 
TRP C    C N N 360 
TRP O    O N N 361 
TRP CB   C N N 362 
TRP CG   C Y N 363 
TRP CD1  C Y N 364 
TRP CD2  C Y N 365 
TRP NE1  N Y N 366 
TRP CE2  C Y N 367 
TRP CE3  C Y N 368 
TRP CZ2  C Y N 369 
TRP CZ3  C Y N 370 
TRP CH2  C Y N 371 
TRP OXT  O N N 372 
TRP H    H N N 373 
TRP H2   H N N 374 
TRP HA   H N N 375 
TRP HB2  H N N 376 
TRP HB3  H N N 377 
TRP HD1  H N N 378 
TRP HE1  H N N 379 
TRP HE3  H N N 380 
TRP HZ2  H N N 381 
TRP HZ3  H N N 382 
TRP HH2  H N N 383 
TRP HXT  H N N 384 
TYR N    N N N 385 
TYR CA   C N S 386 
TYR C    C N N 387 
TYR O    O N N 388 
TYR CB   C N N 389 
TYR CG   C Y N 390 
TYR CD1  C Y N 391 
TYR CD2  C Y N 392 
TYR CE1  C Y N 393 
TYR CE2  C Y N 394 
TYR CZ   C Y N 395 
TYR OH   O N N 396 
TYR OXT  O N N 397 
TYR H    H N N 398 
TYR H2   H N N 399 
TYR HA   H N N 400 
TYR HB2  H N N 401 
TYR HB3  H N N 402 
TYR HD1  H N N 403 
TYR HD2  H N N 404 
TYR HE1  H N N 405 
TYR HE2  H N N 406 
TYR HH   H N N 407 
TYR HXT  H N N 408 
VAL N    N N N 409 
VAL CA   C N S 410 
VAL C    C N N 411 
VAL O    O N N 412 
VAL CB   C N N 413 
VAL CG1  C N N 414 
VAL CG2  C N N 415 
VAL OXT  O N N 416 
VAL H    H N N 417 
VAL H2   H N N 418 
VAL HA   H N N 419 
VAL HB   H N N 420 
VAL HG11 H N N 421 
VAL HG12 H N N 422 
VAL HG13 H N N 423 
VAL HG21 H N N 424 
VAL HG22 H N N 425 
VAL HG23 H N N 426 
VAL HXT  H N N 427 
# 
loop_
_chem_comp_bond.comp_id 
_chem_comp_bond.atom_id_1 
_chem_comp_bond.atom_id_2 
_chem_comp_bond.value_order 
_chem_comp_bond.pdbx_aromatic_flag 
_chem_comp_bond.pdbx_stereo_config 
_chem_comp_bond.pdbx_ordinal 
ALA N   CA   sing N N 1   
ALA N   H    sing N N 2   
ALA N   H2   sing N N 3   
ALA CA  C    sing N N 4   
ALA CA  CB   sing N N 5   
ALA CA  HA   sing N N 6   
ALA C   O    doub N N 7   
ALA C   OXT  sing N N 8   
ALA CB  HB1  sing N N 9   
ALA CB  HB2  sing N N 10  
ALA CB  HB3  sing N N 11  
ALA OXT HXT  sing N N 12  
ARG N   CA   sing N N 13  
ARG N   H    sing N N 14  
ARG N   H2   sing N N 15  
ARG CA  C    sing N N 16  
ARG CA  CB   sing N N 17  
ARG CA  HA   sing N N 18  
ARG C   O    doub N N 19  
ARG C   OXT  sing N N 20  
ARG CB  CG   sing N N 21  
ARG CB  HB2  sing N N 22  
ARG CB  HB3  sing N N 23  
ARG CG  CD   sing N N 24  
ARG CG  HG2  sing N N 25  
ARG CG  HG3  sing N N 26  
ARG CD  NE   sing N N 27  
ARG CD  HD2  sing N N 28  
ARG CD  HD3  sing N N 29  
ARG NE  CZ   sing N N 30  
ARG NE  HE   sing N N 31  
ARG CZ  NH1  sing N N 32  
ARG CZ  NH2  doub N N 33  
ARG NH1 HH11 sing N N 34  
ARG NH1 HH12 sing N N 35  
ARG NH2 HH21 sing N N 36  
ARG NH2 HH22 sing N N 37  
ARG OXT HXT  sing N N 38  
ASN N   CA   sing N N 39  
ASN N   H    sing N N 40  
ASN N   H2   sing N N 41  
ASN CA  C    sing N N 42  
ASN CA  CB   sing N N 43  
ASN CA  HA   sing N N 44  
ASN C   O    doub N N 45  
ASN C   OXT  sing N N 46  
ASN CB  CG   sing N N 47  
ASN CB  HB2  sing N N 48  
ASN CB  HB3  sing N N 49  
ASN CG  OD1  doub N N 50  
ASN CG  ND2  sing N N 51  
ASN ND2 HD21 sing N N 52  
ASN ND2 HD22 sing N N 53  
ASN OXT HXT  sing N N 54  
ASP N   CA   sing N N 55  
ASP N   H    sing N N 56  
ASP N   H2   sing N N 57  
ASP CA  C    sing N N 58  
ASP CA  CB   sing N N 59  
ASP CA  HA   sing N N 60  
ASP C   O    doub N N 61  
ASP C   OXT  sing N N 62  
ASP CB  CG   sing N N 63  
ASP CB  HB2  sing N N 64  
ASP CB  HB3  sing N N 65  
ASP CG  OD1  doub N N 66  
ASP CG  OD2  sing N N 67  
ASP OD2 HD2  sing N N 68  
ASP OXT HXT  sing N N 69  
B7L C5  N3   sing N N 70  
B7L C5  C6   sing N N 71  
B7L C10 C6   doub Y N 72  
B7L C10 C9   sing Y N 73  
B7L N3  C2   sing N N 74  
B7L O4  C2   doub N N 75  
B7L C2  C1   sing N N 76  
B7L C6  O7   sing Y N 77  
B7L C18 C1   sing Y N 78  
B7L C18 N19  doub Y N 79  
B7L C1  C21  doub Y N 80  
B7L N19 N20  sing Y N 81  
B7L C9  C14  doub Y N 82  
B7L C9  C8   sing Y N 83  
B7L C21 N20  sing Y N 84  
B7L C21 N25  sing Y N 85  
B7L C14 C13  sing Y N 86  
B7L N20 C22  sing Y N 87  
B7L N25 C24  doub Y N 88  
B7L C22 C23  doub Y N 89  
B7L C24 C23  sing Y N 90  
B7L O7  C8   sing Y N 91  
B7L C8  C11  doub Y N 92  
B7L C13 C12  doub Y N 93  
B7L C11 C12  sing Y N 94  
B7L C11 C15  sing N N 95  
B7L O16 C15  sing N N 96  
B7L C15 O17  doub N N 97  
B7L C13 H31  sing N N 98  
B7L C18 H34  sing N N 99  
B7L C22 H35  sing N N 100 
B7L C23 H36  sing N N 101 
B7L C24 H37  sing N N 102 
B7L C12 H30  sing N N 103 
B7L N3  H26  sing N N 104 
B7L C5  H27  sing N N 105 
B7L C5  H28  sing N N 106 
B7L C10 H29  sing N N 107 
B7L C14 H32  sing N N 108 
B7L O16 H33  sing N N 109 
CYS N   CA   sing N N 110 
CYS N   H    sing N N 111 
CYS N   H2   sing N N 112 
CYS CA  C    sing N N 113 
CYS CA  CB   sing N N 114 
CYS CA  HA   sing N N 115 
CYS C   O    doub N N 116 
CYS C   OXT  sing N N 117 
CYS CB  SG   sing N N 118 
CYS CB  HB2  sing N N 119 
CYS CB  HB3  sing N N 120 
CYS SG  HG   sing N N 121 
CYS OXT HXT  sing N N 122 
GLN N   CA   sing N N 123 
GLN N   H    sing N N 124 
GLN N   H2   sing N N 125 
GLN CA  C    sing N N 126 
GLN CA  CB   sing N N 127 
GLN CA  HA   sing N N 128 
GLN C   O    doub N N 129 
GLN C   OXT  sing N N 130 
GLN CB  CG   sing N N 131 
GLN CB  HB2  sing N N 132 
GLN CB  HB3  sing N N 133 
GLN CG  CD   sing N N 134 
GLN CG  HG2  sing N N 135 
GLN CG  HG3  sing N N 136 
GLN CD  OE1  doub N N 137 
GLN CD  NE2  sing N N 138 
GLN NE2 HE21 sing N N 139 
GLN NE2 HE22 sing N N 140 
GLN OXT HXT  sing N N 141 
GLU N   CA   sing N N 142 
GLU N   H    sing N N 143 
GLU N   H2   sing N N 144 
GLU CA  C    sing N N 145 
GLU CA  CB   sing N N 146 
GLU CA  HA   sing N N 147 
GLU C   O    doub N N 148 
GLU C   OXT  sing N N 149 
GLU CB  CG   sing N N 150 
GLU CB  HB2  sing N N 151 
GLU CB  HB3  sing N N 152 
GLU CG  CD   sing N N 153 
GLU CG  HG2  sing N N 154 
GLU CG  HG3  sing N N 155 
GLU CD  OE1  doub N N 156 
GLU CD  OE2  sing N N 157 
GLU OE2 HE2  sing N N 158 
GLU OXT HXT  sing N N 159 
GLY N   CA   sing N N 160 
GLY N   H    sing N N 161 
GLY N   H2   sing N N 162 
GLY CA  C    sing N N 163 
GLY CA  HA2  sing N N 164 
GLY CA  HA3  sing N N 165 
GLY C   O    doub N N 166 
GLY C   OXT  sing N N 167 
GLY OXT HXT  sing N N 168 
HIS N   CA   sing N N 169 
HIS N   H    sing N N 170 
HIS N   H2   sing N N 171 
HIS CA  C    sing N N 172 
HIS CA  CB   sing N N 173 
HIS CA  HA   sing N N 174 
HIS C   O    doub N N 175 
HIS C   OXT  sing N N 176 
HIS CB  CG   sing N N 177 
HIS CB  HB2  sing N N 178 
HIS CB  HB3  sing N N 179 
HIS CG  ND1  sing Y N 180 
HIS CG  CD2  doub Y N 181 
HIS ND1 CE1  doub Y N 182 
HIS ND1 HD1  sing N N 183 
HIS CD2 NE2  sing Y N 184 
HIS CD2 HD2  sing N N 185 
HIS CE1 NE2  sing Y N 186 
HIS CE1 HE1  sing N N 187 
HIS NE2 HE2  sing N N 188 
HIS OXT HXT  sing N N 189 
HOH O   H1   sing N N 190 
HOH O   H2   sing N N 191 
ILE N   CA   sing N N 192 
ILE N   H    sing N N 193 
ILE N   H2   sing N N 194 
ILE CA  C    sing N N 195 
ILE CA  CB   sing N N 196 
ILE CA  HA   sing N N 197 
ILE C   O    doub N N 198 
ILE C   OXT  sing N N 199 
ILE CB  CG1  sing N N 200 
ILE CB  CG2  sing N N 201 
ILE CB  HB   sing N N 202 
ILE CG1 CD1  sing N N 203 
ILE CG1 HG12 sing N N 204 
ILE CG1 HG13 sing N N 205 
ILE CG2 HG21 sing N N 206 
ILE CG2 HG22 sing N N 207 
ILE CG2 HG23 sing N N 208 
ILE CD1 HD11 sing N N 209 
ILE CD1 HD12 sing N N 210 
ILE CD1 HD13 sing N N 211 
ILE OXT HXT  sing N N 212 
LEU N   CA   sing N N 213 
LEU N   H    sing N N 214 
LEU N   H2   sing N N 215 
LEU CA  C    sing N N 216 
LEU CA  CB   sing N N 217 
LEU CA  HA   sing N N 218 
LEU C   O    doub N N 219 
LEU C   OXT  sing N N 220 
LEU CB  CG   sing N N 221 
LEU CB  HB2  sing N N 222 
LEU CB  HB3  sing N N 223 
LEU CG  CD1  sing N N 224 
LEU CG  CD2  sing N N 225 
LEU CG  HG   sing N N 226 
LEU CD1 HD11 sing N N 227 
LEU CD1 HD12 sing N N 228 
LEU CD1 HD13 sing N N 229 
LEU CD2 HD21 sing N N 230 
LEU CD2 HD22 sing N N 231 
LEU CD2 HD23 sing N N 232 
LEU OXT HXT  sing N N 233 
LYS N   CA   sing N N 234 
LYS N   H    sing N N 235 
LYS N   H2   sing N N 236 
LYS CA  C    sing N N 237 
LYS CA  CB   sing N N 238 
LYS CA  HA   sing N N 239 
LYS C   O    doub N N 240 
LYS C   OXT  sing N N 241 
LYS CB  CG   sing N N 242 
LYS CB  HB2  sing N N 243 
LYS CB  HB3  sing N N 244 
LYS CG  CD   sing N N 245 
LYS CG  HG2  sing N N 246 
LYS CG  HG3  sing N N 247 
LYS CD  CE   sing N N 248 
LYS CD  HD2  sing N N 249 
LYS CD  HD3  sing N N 250 
LYS CE  NZ   sing N N 251 
LYS CE  HE2  sing N N 252 
LYS CE  HE3  sing N N 253 
LYS NZ  HZ1  sing N N 254 
LYS NZ  HZ2  sing N N 255 
LYS NZ  HZ3  sing N N 256 
LYS OXT HXT  sing N N 257 
MET N   CA   sing N N 258 
MET N   H    sing N N 259 
MET N   H2   sing N N 260 
MET CA  C    sing N N 261 
MET CA  CB   sing N N 262 
MET CA  HA   sing N N 263 
MET C   O    doub N N 264 
MET C   OXT  sing N N 265 
MET CB  CG   sing N N 266 
MET CB  HB2  sing N N 267 
MET CB  HB3  sing N N 268 
MET CG  SD   sing N N 269 
MET CG  HG2  sing N N 270 
MET CG  HG3  sing N N 271 
MET SD  CE   sing N N 272 
MET CE  HE1  sing N N 273 
MET CE  HE2  sing N N 274 
MET CE  HE3  sing N N 275 
MET OXT HXT  sing N N 276 
PHE N   CA   sing N N 277 
PHE N   H    sing N N 278 
PHE N   H2   sing N N 279 
PHE CA  C    sing N N 280 
PHE CA  CB   sing N N 281 
PHE CA  HA   sing N N 282 
PHE C   O    doub N N 283 
PHE C   OXT  sing N N 284 
PHE CB  CG   sing N N 285 
PHE CB  HB2  sing N N 286 
PHE CB  HB3  sing N N 287 
PHE CG  CD1  doub Y N 288 
PHE CG  CD2  sing Y N 289 
PHE CD1 CE1  sing Y N 290 
PHE CD1 HD1  sing N N 291 
PHE CD2 CE2  doub Y N 292 
PHE CD2 HD2  sing N N 293 
PHE CE1 CZ   doub Y N 294 
PHE CE1 HE1  sing N N 295 
PHE CE2 CZ   sing Y N 296 
PHE CE2 HE2  sing N N 297 
PHE CZ  HZ   sing N N 298 
PHE OXT HXT  sing N N 299 
PRO N   CA   sing N N 300 
PRO N   CD   sing N N 301 
PRO N   H    sing N N 302 
PRO CA  C    sing N N 303 
PRO CA  CB   sing N N 304 
PRO CA  HA   sing N N 305 
PRO C   O    doub N N 306 
PRO C   OXT  sing N N 307 
PRO CB  CG   sing N N 308 
PRO CB  HB2  sing N N 309 
PRO CB  HB3  sing N N 310 
PRO CG  CD   sing N N 311 
PRO CG  HG2  sing N N 312 
PRO CG  HG3  sing N N 313 
PRO CD  HD2  sing N N 314 
PRO CD  HD3  sing N N 315 
PRO OXT HXT  sing N N 316 
SER N   CA   sing N N 317 
SER N   H    sing N N 318 
SER N   H2   sing N N 319 
SER CA  C    sing N N 320 
SER CA  CB   sing N N 321 
SER CA  HA   sing N N 322 
SER C   O    doub N N 323 
SER C   OXT  sing N N 324 
SER CB  OG   sing N N 325 
SER CB  HB2  sing N N 326 
SER CB  HB3  sing N N 327 
SER OG  HG   sing N N 328 
SER OXT HXT  sing N N 329 
THR N   CA   sing N N 330 
THR N   H    sing N N 331 
THR N   H2   sing N N 332 
THR CA  C    sing N N 333 
THR CA  CB   sing N N 334 
THR CA  HA   sing N N 335 
THR C   O    doub N N 336 
THR C   OXT  sing N N 337 
THR CB  OG1  sing N N 338 
THR CB  CG2  sing N N 339 
THR CB  HB   sing N N 340 
THR OG1 HG1  sing N N 341 
THR CG2 HG21 sing N N 342 
THR CG2 HG22 sing N N 343 
THR CG2 HG23 sing N N 344 
THR OXT HXT  sing N N 345 
TRP N   CA   sing N N 346 
TRP N   H    sing N N 347 
TRP N   H2   sing N N 348 
TRP CA  C    sing N N 349 
TRP CA  CB   sing N N 350 
TRP CA  HA   sing N N 351 
TRP C   O    doub N N 352 
TRP C   OXT  sing N N 353 
TRP CB  CG   sing N N 354 
TRP CB  HB2  sing N N 355 
TRP CB  HB3  sing N N 356 
TRP CG  CD1  doub Y N 357 
TRP CG  CD2  sing Y N 358 
TRP CD1 NE1  sing Y N 359 
TRP CD1 HD1  sing N N 360 
TRP CD2 CE2  doub Y N 361 
TRP CD2 CE3  sing Y N 362 
TRP NE1 CE2  sing Y N 363 
TRP NE1 HE1  sing N N 364 
TRP CE2 CZ2  sing Y N 365 
TRP CE3 CZ3  doub Y N 366 
TRP CE3 HE3  sing N N 367 
TRP CZ2 CH2  doub Y N 368 
TRP CZ2 HZ2  sing N N 369 
TRP CZ3 CH2  sing Y N 370 
TRP CZ3 HZ3  sing N N 371 
TRP CH2 HH2  sing N N 372 
TRP OXT HXT  sing N N 373 
TYR N   CA   sing N N 374 
TYR N   H    sing N N 375 
TYR N   H2   sing N N 376 
TYR CA  C    sing N N 377 
TYR CA  CB   sing N N 378 
TYR CA  HA   sing N N 379 
TYR C   O    doub N N 380 
TYR C   OXT  sing N N 381 
TYR CB  CG   sing N N 382 
TYR CB  HB2  sing N N 383 
TYR CB  HB3  sing N N 384 
TYR CG  CD1  doub Y N 385 
TYR CG  CD2  sing Y N 386 
TYR CD1 CE1  sing Y N 387 
TYR CD1 HD1  sing N N 388 
TYR CD2 CE2  doub Y N 389 
TYR CD2 HD2  sing N N 390 
TYR CE1 CZ   doub Y N 391 
TYR CE1 HE1  sing N N 392 
TYR CE2 CZ   sing Y N 393 
TYR CE2 HE2  sing N N 394 
TYR CZ  OH   sing N N 395 
TYR OH  HH   sing N N 396 
TYR OXT HXT  sing N N 397 
VAL N   CA   sing N N 398 
VAL N   H    sing N N 399 
VAL N   H2   sing N N 400 
VAL CA  C    sing N N 401 
VAL CA  CB   sing N N 402 
VAL CA  HA   sing N N 403 
VAL C   O    doub N N 404 
VAL C   OXT  sing N N 405 
VAL CB  CG1  sing N N 406 
VAL CB  CG2  sing N N 407 
VAL CB  HB   sing N N 408 
VAL CG1 HG11 sing N N 409 
VAL CG1 HG12 sing N N 410 
VAL CG1 HG13 sing N N 411 
VAL CG2 HG21 sing N N 412 
VAL CG2 HG22 sing N N 413 
VAL CG2 HG23 sing N N 414 
VAL OXT HXT  sing N N 415 
# 
_pdbx_audit_support.funding_organization   'Not funded' 
_pdbx_audit_support.country                ? 
_pdbx_audit_support.grant_number           ? 
_pdbx_audit_support.ordinal                1 
# 
_pdbx_entity_instance_feature.ordinal        1 
_pdbx_entity_instance_feature.comp_id        B7L 
_pdbx_entity_instance_feature.asym_id        ? 
_pdbx_entity_instance_feature.seq_num        ? 
_pdbx_entity_instance_feature.auth_comp_id   B7L 
_pdbx_entity_instance_feature.auth_asym_id   ? 
_pdbx_entity_instance_feature.auth_seq_num   ? 
_pdbx_entity_instance_feature.feature_type   'SUBJECT OF INVESTIGATION' 
_pdbx_entity_instance_feature.details        ? 
# 
loop_
_pdbx_entity_nonpoly.entity_id 
_pdbx_entity_nonpoly.name 
_pdbx_entity_nonpoly.comp_id 
2 '2-({[(8R)-pyrazolo[1,5-a]pyrimidine-3-carbonyl]amino}methyl)-1-benzofuran-7-carboxylic acid' B7L 
3 water                                                                                         HOH 
# 
_pdbx_initial_refinement_model.id               1 
_pdbx_initial_refinement_model.entity_id_list   ? 
_pdbx_initial_refinement_model.type             'experimental model' 
_pdbx_initial_refinement_model.source_name      PDB 
_pdbx_initial_refinement_model.accession_code   4F5Y 
_pdbx_initial_refinement_model.details          ? 
# 
_pdbx_struct_assembly_auth_evidence.id                     1 
_pdbx_struct_assembly_auth_evidence.assembly_id            1 
_pdbx_struct_assembly_auth_evidence.experimental_support   'gel filtration' 
_pdbx_struct_assembly_auth_evidence.details                ? 
# 
